data_4NQ5
# 
_entry.id   4NQ5 
# 
_audit_conform.dict_name       mmcif_pdbx.dic 
_audit_conform.dict_version    5.387 
_audit_conform.dict_location   http://mmcif.pdb.org/dictionaries/ascii/mmcif_pdbx.dic 
# 
loop_
_database_2.database_id 
_database_2.database_code 
_database_2.pdbx_database_accession 
_database_2.pdbx_DOI 
PDB   4NQ5         pdb_00004nq5 10.2210/pdb4nq5/pdb 
RCSB  RCSB083516   ?            ?                   
WWPDB D_1000083516 ?            ?                   
# 
loop_
_pdbx_audit_revision_history.ordinal 
_pdbx_audit_revision_history.data_content_type 
_pdbx_audit_revision_history.major_revision 
_pdbx_audit_revision_history.minor_revision 
_pdbx_audit_revision_history.revision_date 
1 'Structure model' 1 0 2014-11-26 
2 'Structure model' 1 1 2024-02-28 
# 
_pdbx_audit_revision_details.ordinal             1 
_pdbx_audit_revision_details.revision_ordinal    1 
_pdbx_audit_revision_details.data_content_type   'Structure model' 
_pdbx_audit_revision_details.provider            repository 
_pdbx_audit_revision_details.type                'Initial release' 
_pdbx_audit_revision_details.description         ? 
_pdbx_audit_revision_details.details             ? 
# 
loop_
_pdbx_audit_revision_group.ordinal 
_pdbx_audit_revision_group.revision_ordinal 
_pdbx_audit_revision_group.data_content_type 
_pdbx_audit_revision_group.group 
1 2 'Structure model' 'Data collection'      
2 2 'Structure model' 'Database references'  
3 2 'Structure model' 'Derived calculations' 
# 
loop_
_pdbx_audit_revision_category.ordinal 
_pdbx_audit_revision_category.revision_ordinal 
_pdbx_audit_revision_category.data_content_type 
_pdbx_audit_revision_category.category 
1 2 'Structure model' chem_comp_atom         
2 2 'Structure model' chem_comp_bond         
3 2 'Structure model' database_2             
4 2 'Structure model' pdbx_struct_conn_angle 
5 2 'Structure model' struct_conn            
6 2 'Structure model' struct_site            
# 
loop_
_pdbx_audit_revision_item.ordinal 
_pdbx_audit_revision_item.revision_ordinal 
_pdbx_audit_revision_item.data_content_type 
_pdbx_audit_revision_item.item 
1  2 'Structure model' '_database_2.pdbx_DOI'                        
2  2 'Structure model' '_database_2.pdbx_database_accession'         
3  2 'Structure model' '_pdbx_struct_conn_angle.ptnr1_auth_comp_id'  
4  2 'Structure model' '_pdbx_struct_conn_angle.ptnr1_auth_seq_id'   
5  2 'Structure model' '_pdbx_struct_conn_angle.ptnr1_label_atom_id' 
6  2 'Structure model' '_pdbx_struct_conn_angle.ptnr1_label_comp_id' 
7  2 'Structure model' '_pdbx_struct_conn_angle.ptnr1_label_seq_id'  
8  2 'Structure model' '_pdbx_struct_conn_angle.ptnr2_auth_seq_id'   
9  2 'Structure model' '_pdbx_struct_conn_angle.ptnr2_label_asym_id' 
10 2 'Structure model' '_pdbx_struct_conn_angle.ptnr3_auth_comp_id'  
11 2 'Structure model' '_pdbx_struct_conn_angle.ptnr3_auth_seq_id'   
12 2 'Structure model' '_pdbx_struct_conn_angle.ptnr3_label_atom_id' 
13 2 'Structure model' '_pdbx_struct_conn_angle.ptnr3_label_comp_id' 
14 2 'Structure model' '_pdbx_struct_conn_angle.ptnr3_label_seq_id'  
15 2 'Structure model' '_pdbx_struct_conn_angle.value'               
16 2 'Structure model' '_struct_conn.pdbx_dist_value'                
17 2 'Structure model' '_struct_conn.ptnr1_auth_comp_id'             
18 2 'Structure model' '_struct_conn.ptnr1_auth_seq_id'              
19 2 'Structure model' '_struct_conn.ptnr1_label_atom_id'            
20 2 'Structure model' '_struct_conn.ptnr1_label_comp_id'            
21 2 'Structure model' '_struct_conn.ptnr1_label_seq_id'             
22 2 'Structure model' '_struct_conn.ptnr2_auth_seq_id'              
23 2 'Structure model' '_struct_conn.ptnr2_label_asym_id'            
24 2 'Structure model' '_struct_site.pdbx_auth_asym_id'              
25 2 'Structure model' '_struct_site.pdbx_auth_comp_id'              
26 2 'Structure model' '_struct_site.pdbx_auth_seq_id'               
# 
_pdbx_database_status.entry_id                        4NQ5 
_pdbx_database_status.status_code                     REL 
_pdbx_database_status.deposit_site                    RCSB 
_pdbx_database_status.process_site                    RCSB 
_pdbx_database_status.recvd_initial_deposition_date   2013-11-23 
_pdbx_database_status.status_code_sf                  REL 
_pdbx_database_status.status_code_mr                  ? 
_pdbx_database_status.SG_entry                        ? 
_pdbx_database_status.status_code_cs                  ? 
_pdbx_database_status.methods_development_category    ? 
_pdbx_database_status.pdb_format_compatible           Y 
_pdbx_database_status.status_code_nmr_data            ? 
# 
loop_
_pdbx_database_related.db_name 
_pdbx_database_related.db_id 
_pdbx_database_related.details 
_pdbx_database_related.content_type 
PDB 4NQ4 . unspecified 
PDB 4NQ5 . unspecified 
PDB 4NQ6 . unspecified 
PDB 4NQ7 . unspecified 
# 
loop_
_audit_author.name 
_audit_author.pdbx_ordinal 
'Gonzalez, J.M.' 1 
'Gonzalez, M.M.' 2 
'Vila, A.J.'     3 
# 
_citation.id                        primary 
_citation.title                     'Inhibition of metallo-lactamases with bicyclic compounds' 
_citation.journal_abbrev            'TO BE PUBLISHED' 
_citation.journal_volume            ? 
_citation.page_first                ? 
_citation.page_last                 ? 
_citation.year                      ? 
_citation.journal_id_ASTM           ? 
_citation.country                   ? 
_citation.journal_id_ISSN           ? 
_citation.journal_id_CSD            0353 
_citation.book_publisher            ? 
_citation.pdbx_database_id_PubMed   ? 
_citation.pdbx_database_id_DOI      ? 
# 
loop_
_citation_author.citation_id 
_citation_author.name 
_citation_author.ordinal 
_citation_author.identifier_ORCID 
primary 'Gonzalez, M.M.' 1 ? 
primary 'Gonzalez, J.M.' 2 ? 
primary 'Vila, A.J.'     3 ? 
# 
loop_
_entity.id 
_entity.type 
_entity.src_method 
_entity.pdbx_description 
_entity.formula_weight 
_entity.pdbx_number_of_molecules 
_entity.pdbx_ec 
_entity.pdbx_mutation 
_entity.pdbx_fragment 
_entity.details 
1 polymer     man 'Beta-lactamase 2'                                                                            24422.902 1  
3.5.2.6 ? 'UNP residues 36-257' ? 
2 non-polymer syn 'ZINC ION'                                                                                    65.409    2  ? ? ? 
? 
3 non-polymer syn '(3R,5R,7aS)-5-(sulfanylmethyl)tetrahydro[1,3]thiazolo[4,3-b][1,3]thiazole-3-carboxylic acid' 237.363   1  ? ? ? 
? 
4 non-polymer syn 'POTASSIUM ION'                                                                               39.098    1  ? ? ? 
? 
5 water       nat water                                                                                         18.015    22 ? ? ? 
? 
# 
_entity_name_com.entity_id   1 
_entity_name_com.name        'Beta-lactamase II, Cephalosporinase, Penicillinase' 
# 
_entity_poly.entity_id                      1 
_entity_poly.type                           'polypeptide(L)' 
_entity_poly.nstd_linkage                   no 
_entity_poly.nstd_monomer                   no 
_entity_poly.pdbx_seq_one_letter_code       
;KTVIKNETGTISISQLNKNVWVHTELGSFNGEAVPSNGLVLNTSKGLVLVDSSWDDKLTKELIEMVEKKFQKRVTDVIIT
HAHADRIGGIKTLKERGIKAHSTALTAELAKKNGYEEPLGDLQTVTNLKFGNMKVETFYPGKGHTEDNIVVWLPQYNILV
GGCLVKSTSAKDLGNVADAYVNEWSTSIENVLKRYRNINAVVPGHGEVGDKGLLLHTLDLLK
;
_entity_poly.pdbx_seq_one_letter_code_can   
;KTVIKNETGTISISQLNKNVWVHTELGSFNGEAVPSNGLVLNTSKGLVLVDSSWDDKLTKELIEMVEKKFQKRVTDVIIT
HAHADRIGGIKTLKERGIKAHSTALTAELAKKNGYEEPLGDLQTVTNLKFGNMKVETFYPGKGHTEDNIVVWLPQYNILV
GGCLVKSTSAKDLGNVADAYVNEWSTSIENVLKRYRNINAVVPGHGEVGDKGLLLHTLDLLK
;
_entity_poly.pdbx_strand_id                 A 
_entity_poly.pdbx_target_identifier         ? 
# 
loop_
_pdbx_entity_nonpoly.entity_id 
_pdbx_entity_nonpoly.name 
_pdbx_entity_nonpoly.comp_id 
2 'ZINC ION'                                                                                    ZN  
3 '(3R,5R,7aS)-5-(sulfanylmethyl)tetrahydro[1,3]thiazolo[4,3-b][1,3]thiazole-3-carboxylic acid' 3C7 
4 'POTASSIUM ION'                                                                               K   
5 water                                                                                         HOH 
# 
loop_
_entity_poly_seq.entity_id 
_entity_poly_seq.num 
_entity_poly_seq.mon_id 
_entity_poly_seq.hetero 
1 1   LYS n 
1 2   THR n 
1 3   VAL n 
1 4   ILE n 
1 5   LYS n 
1 6   ASN n 
1 7   GLU n 
1 8   THR n 
1 9   GLY n 
1 10  THR n 
1 11  ILE n 
1 12  SER n 
1 13  ILE n 
1 14  SER n 
1 15  GLN n 
1 16  LEU n 
1 17  ASN n 
1 18  LYS n 
1 19  ASN n 
1 20  VAL n 
1 21  TRP n 
1 22  VAL n 
1 23  HIS n 
1 24  THR n 
1 25  GLU n 
1 26  LEU n 
1 27  GLY n 
1 28  SER n 
1 29  PHE n 
1 30  ASN n 
1 31  GLY n 
1 32  GLU n 
1 33  ALA n 
1 34  VAL n 
1 35  PRO n 
1 36  SER n 
1 37  ASN n 
1 38  GLY n 
1 39  LEU n 
1 40  VAL n 
1 41  LEU n 
1 42  ASN n 
1 43  THR n 
1 44  SER n 
1 45  LYS n 
1 46  GLY n 
1 47  LEU n 
1 48  VAL n 
1 49  LEU n 
1 50  VAL n 
1 51  ASP n 
1 52  SER n 
1 53  SER n 
1 54  TRP n 
1 55  ASP n 
1 56  ASP n 
1 57  LYS n 
1 58  LEU n 
1 59  THR n 
1 60  LYS n 
1 61  GLU n 
1 62  LEU n 
1 63  ILE n 
1 64  GLU n 
1 65  MET n 
1 66  VAL n 
1 67  GLU n 
1 68  LYS n 
1 69  LYS n 
1 70  PHE n 
1 71  GLN n 
1 72  LYS n 
1 73  ARG n 
1 74  VAL n 
1 75  THR n 
1 76  ASP n 
1 77  VAL n 
1 78  ILE n 
1 79  ILE n 
1 80  THR n 
1 81  HIS n 
1 82  ALA n 
1 83  HIS n 
1 84  ALA n 
1 85  ASP n 
1 86  ARG n 
1 87  ILE n 
1 88  GLY n 
1 89  GLY n 
1 90  ILE n 
1 91  LYS n 
1 92  THR n 
1 93  LEU n 
1 94  LYS n 
1 95  GLU n 
1 96  ARG n 
1 97  GLY n 
1 98  ILE n 
1 99  LYS n 
1 100 ALA n 
1 101 HIS n 
1 102 SER n 
1 103 THR n 
1 104 ALA n 
1 105 LEU n 
1 106 THR n 
1 107 ALA n 
1 108 GLU n 
1 109 LEU n 
1 110 ALA n 
1 111 LYS n 
1 112 LYS n 
1 113 ASN n 
1 114 GLY n 
1 115 TYR n 
1 116 GLU n 
1 117 GLU n 
1 118 PRO n 
1 119 LEU n 
1 120 GLY n 
1 121 ASP n 
1 122 LEU n 
1 123 GLN n 
1 124 THR n 
1 125 VAL n 
1 126 THR n 
1 127 ASN n 
1 128 LEU n 
1 129 LYS n 
1 130 PHE n 
1 131 GLY n 
1 132 ASN n 
1 133 MET n 
1 134 LYS n 
1 135 VAL n 
1 136 GLU n 
1 137 THR n 
1 138 PHE n 
1 139 TYR n 
1 140 PRO n 
1 141 GLY n 
1 142 LYS n 
1 143 GLY n 
1 144 HIS n 
1 145 THR n 
1 146 GLU n 
1 147 ASP n 
1 148 ASN n 
1 149 ILE n 
1 150 VAL n 
1 151 VAL n 
1 152 TRP n 
1 153 LEU n 
1 154 PRO n 
1 155 GLN n 
1 156 TYR n 
1 157 ASN n 
1 158 ILE n 
1 159 LEU n 
1 160 VAL n 
1 161 GLY n 
1 162 GLY n 
1 163 CYS n 
1 164 LEU n 
1 165 VAL n 
1 166 LYS n 
1 167 SER n 
1 168 THR n 
1 169 SER n 
1 170 ALA n 
1 171 LYS n 
1 172 ASP n 
1 173 LEU n 
1 174 GLY n 
1 175 ASN n 
1 176 VAL n 
1 177 ALA n 
1 178 ASP n 
1 179 ALA n 
1 180 TYR n 
1 181 VAL n 
1 182 ASN n 
1 183 GLU n 
1 184 TRP n 
1 185 SER n 
1 186 THR n 
1 187 SER n 
1 188 ILE n 
1 189 GLU n 
1 190 ASN n 
1 191 VAL n 
1 192 LEU n 
1 193 LYS n 
1 194 ARG n 
1 195 TYR n 
1 196 ARG n 
1 197 ASN n 
1 198 ILE n 
1 199 ASN n 
1 200 ALA n 
1 201 VAL n 
1 202 VAL n 
1 203 PRO n 
1 204 GLY n 
1 205 HIS n 
1 206 GLY n 
1 207 GLU n 
1 208 VAL n 
1 209 GLY n 
1 210 ASP n 
1 211 LYS n 
1 212 GLY n 
1 213 LEU n 
1 214 LEU n 
1 215 LEU n 
1 216 HIS n 
1 217 THR n 
1 218 LEU n 
1 219 ASP n 
1 220 LEU n 
1 221 LEU n 
1 222 LYS n 
# 
_entity_src_gen.entity_id                          1 
_entity_src_gen.pdbx_src_id                        1 
_entity_src_gen.pdbx_alt_source_flag               sample 
_entity_src_gen.pdbx_seq_type                      ? 
_entity_src_gen.pdbx_beg_seq_num                   ? 
_entity_src_gen.pdbx_end_seq_num                   ? 
_entity_src_gen.gene_src_common_name               ? 
_entity_src_gen.gene_src_genus                     ? 
_entity_src_gen.pdbx_gene_src_gene                 blm 
_entity_src_gen.gene_src_species                   ? 
_entity_src_gen.gene_src_strain                    ? 
_entity_src_gen.gene_src_tissue                    ? 
_entity_src_gen.gene_src_tissue_fraction           ? 
_entity_src_gen.gene_src_details                   ? 
_entity_src_gen.pdbx_gene_src_fragment             ? 
_entity_src_gen.pdbx_gene_src_scientific_name      'Bacillus cereus' 
_entity_src_gen.pdbx_gene_src_ncbi_taxonomy_id     1396 
_entity_src_gen.pdbx_gene_src_variant              ? 
_entity_src_gen.pdbx_gene_src_cell_line            ? 
_entity_src_gen.pdbx_gene_src_atcc                 ? 
_entity_src_gen.pdbx_gene_src_organ                ? 
_entity_src_gen.pdbx_gene_src_organelle            ? 
_entity_src_gen.pdbx_gene_src_cell                 ? 
_entity_src_gen.pdbx_gene_src_cellular_location    ? 
_entity_src_gen.host_org_common_name               ? 
_entity_src_gen.pdbx_host_org_scientific_name      'Escherichia coli' 
_entity_src_gen.pdbx_host_org_ncbi_taxonomy_id     469008 
_entity_src_gen.host_org_genus                     ? 
_entity_src_gen.pdbx_host_org_gene                 ? 
_entity_src_gen.pdbx_host_org_organ                ? 
_entity_src_gen.host_org_species                   ? 
_entity_src_gen.pdbx_host_org_tissue               ? 
_entity_src_gen.pdbx_host_org_tissue_fraction      ? 
_entity_src_gen.pdbx_host_org_strain               'BL21(DE3)' 
_entity_src_gen.pdbx_host_org_variant              ? 
_entity_src_gen.pdbx_host_org_cell_line            ? 
_entity_src_gen.pdbx_host_org_atcc                 ? 
_entity_src_gen.pdbx_host_org_culture_collection   ? 
_entity_src_gen.pdbx_host_org_cell                 ? 
_entity_src_gen.pdbx_host_org_organelle            ? 
_entity_src_gen.pdbx_host_org_cellular_location    ? 
_entity_src_gen.pdbx_host_org_vector_type          plasmid 
_entity_src_gen.pdbx_host_org_vector               ? 
_entity_src_gen.host_org_details                   ? 
_entity_src_gen.expression_system_id               ? 
_entity_src_gen.plasmid_name                       pET27b 
_entity_src_gen.plasmid_details                    ? 
_entity_src_gen.pdbx_description                   ? 
# 
loop_
_chem_comp.id 
_chem_comp.type 
_chem_comp.mon_nstd_flag 
_chem_comp.name 
_chem_comp.pdbx_synonyms 
_chem_comp.formula 
_chem_comp.formula_weight 
3C7 non-polymer         . '(3R,5R,7aS)-5-(sulfanylmethyl)tetrahydro[1,3]thiazolo[4,3-b][1,3]thiazole-3-carboxylic acid' ? 
'C7 H11 N O2 S3' 237.363 
ALA 'L-peptide linking' y ALANINE                                                                                       ? 
'C3 H7 N O2'     89.093  
ARG 'L-peptide linking' y ARGININE                                                                                      ? 
'C6 H15 N4 O2 1' 175.209 
ASN 'L-peptide linking' y ASPARAGINE                                                                                    ? 
'C4 H8 N2 O3'    132.118 
ASP 'L-peptide linking' y 'ASPARTIC ACID'                                                                               ? 
'C4 H7 N O4'     133.103 
CYS 'L-peptide linking' y CYSTEINE                                                                                      ? 
'C3 H7 N O2 S'   121.158 
GLN 'L-peptide linking' y GLUTAMINE                                                                                     ? 
'C5 H10 N2 O3'   146.144 
GLU 'L-peptide linking' y 'GLUTAMIC ACID'                                                                               ? 
'C5 H9 N O4'     147.129 
GLY 'peptide linking'   y GLYCINE                                                                                       ? 
'C2 H5 N O2'     75.067  
HIS 'L-peptide linking' y HISTIDINE                                                                                     ? 
'C6 H10 N3 O2 1' 156.162 
HOH non-polymer         . WATER                                                                                         ? 'H2 O' 
18.015  
ILE 'L-peptide linking' y ISOLEUCINE                                                                                    ? 
'C6 H13 N O2'    131.173 
K   non-polymer         . 'POTASSIUM ION'                                                                               ? 'K 1' 
39.098  
LEU 'L-peptide linking' y LEUCINE                                                                                       ? 
'C6 H13 N O2'    131.173 
LYS 'L-peptide linking' y LYSINE                                                                                        ? 
'C6 H15 N2 O2 1' 147.195 
MET 'L-peptide linking' y METHIONINE                                                                                    ? 
'C5 H11 N O2 S'  149.211 
PHE 'L-peptide linking' y PHENYLALANINE                                                                                 ? 
'C9 H11 N O2'    165.189 
PRO 'L-peptide linking' y PROLINE                                                                                       ? 
'C5 H9 N O2'     115.130 
SER 'L-peptide linking' y SERINE                                                                                        ? 
'C3 H7 N O3'     105.093 
THR 'L-peptide linking' y THREONINE                                                                                     ? 
'C4 H9 N O3'     119.119 
TRP 'L-peptide linking' y TRYPTOPHAN                                                                                    ? 
'C11 H12 N2 O2'  204.225 
TYR 'L-peptide linking' y TYROSINE                                                                                      ? 
'C9 H11 N O3'    181.189 
VAL 'L-peptide linking' y VALINE                                                                                        ? 
'C5 H11 N O2'    117.146 
ZN  non-polymer         . 'ZINC ION'                                                                                    ? 'Zn 2' 
65.409  
# 
loop_
_pdbx_poly_seq_scheme.asym_id 
_pdbx_poly_seq_scheme.entity_id 
_pdbx_poly_seq_scheme.seq_id 
_pdbx_poly_seq_scheme.mon_id 
_pdbx_poly_seq_scheme.ndb_seq_num 
_pdbx_poly_seq_scheme.pdb_seq_num 
_pdbx_poly_seq_scheme.auth_seq_num 
_pdbx_poly_seq_scheme.pdb_mon_id 
_pdbx_poly_seq_scheme.auth_mon_id 
_pdbx_poly_seq_scheme.pdb_strand_id 
_pdbx_poly_seq_scheme.pdb_ins_code 
_pdbx_poly_seq_scheme.hetero 
A 1 1   LYS 1   6   ?   ?   ?   A . n 
A 1 2   THR 2   7   7   THR THR A . n 
A 1 3   VAL 3   8   8   VAL VAL A . n 
A 1 4   ILE 4   9   9   ILE ILE A . n 
A 1 5   LYS 5   10  10  LYS LYS A . n 
A 1 6   ASN 6   11  11  ASN ASN A . n 
A 1 7   GLU 7   12  12  GLU GLU A . n 
A 1 8   THR 8   13  13  THR THR A . n 
A 1 9   GLY 9   14  14  GLY GLY A . n 
A 1 10  THR 10  15  15  THR THR A . n 
A 1 11  ILE 11  16  16  ILE ILE A . n 
A 1 12  SER 12  17  17  SER SER A . n 
A 1 13  ILE 13  18  18  ILE ILE A . n 
A 1 14  SER 14  19  19  SER SER A . n 
A 1 15  GLN 15  20  20  GLN GLN A . n 
A 1 16  LEU 16  21  21  LEU LEU A . n 
A 1 17  ASN 17  22  22  ASN ASN A . n 
A 1 18  LYS 18  23  23  LYS LYS A . n 
A 1 19  ASN 19  24  24  ASN ASN A . n 
A 1 20  VAL 20  25  25  VAL VAL A . n 
A 1 21  TRP 21  26  26  TRP TRP A . n 
A 1 22  VAL 22  27  27  VAL VAL A . n 
A 1 23  HIS 23  28  28  HIS HIS A . n 
A 1 24  THR 24  29  29  THR THR A . n 
A 1 25  GLU 25  30  30  GLU GLU A . n 
A 1 26  LEU 26  31  31  LEU LEU A . n 
A 1 27  GLY 27  32  32  GLY GLY A . n 
A 1 28  SER 28  33  ?   ?   ?   A . n 
A 1 29  PHE 29  34  ?   ?   ?   A . n 
A 1 30  ASN 30  35  ?   ?   ?   A . n 
A 1 31  GLY 31  36  ?   ?   ?   A . n 
A 1 32  GLU 32  37  ?   ?   ?   A . n 
A 1 33  ALA 33  38  38  ALA ALA A . n 
A 1 34  VAL 34  39  39  VAL VAL A . n 
A 1 35  PRO 35  40  40  PRO PRO A . n 
A 1 36  SER 36  41  41  SER SER A . n 
A 1 37  ASN 37  42  42  ASN ASN A . n 
A 1 38  GLY 38  43  43  GLY GLY A . n 
A 1 39  LEU 39  44  44  LEU LEU A . n 
A 1 40  VAL 40  45  45  VAL VAL A . n 
A 1 41  LEU 41  46  46  LEU LEU A . n 
A 1 42  ASN 42  47  47  ASN ASN A . n 
A 1 43  THR 43  48  48  THR THR A . n 
A 1 44  SER 44  49  49  SER SER A . n 
A 1 45  LYS 45  50  50  LYS LYS A . n 
A 1 46  GLY 46  51  51  GLY GLY A . n 
A 1 47  LEU 47  52  52  LEU LEU A . n 
A 1 48  VAL 48  53  53  VAL VAL A . n 
A 1 49  LEU 49  54  54  LEU LEU A . n 
A 1 50  VAL 50  55  55  VAL VAL A . n 
A 1 51  ASP 51  56  56  ASP ASP A . n 
A 1 52  SER 52  57  57  SER SER A . n 
A 1 53  SER 53  58  58  SER SER A . n 
A 1 54  TRP 54  59  59  TRP TRP A . n 
A 1 55  ASP 55  60  60  ASP ASP A . n 
A 1 56  ASP 56  61  61  ASP ASP A . n 
A 1 57  LYS 57  62  62  LYS LYS A . n 
A 1 58  LEU 58  63  63  LEU LEU A . n 
A 1 59  THR 59  64  64  THR THR A . n 
A 1 60  LYS 60  65  65  LYS LYS A . n 
A 1 61  GLU 61  66  66  GLU GLU A . n 
A 1 62  LEU 62  67  67  LEU LEU A . n 
A 1 63  ILE 63  68  68  ILE ILE A . n 
A 1 64  GLU 64  69  69  GLU GLU A . n 
A 1 65  MET 65  70  70  MET MET A . n 
A 1 66  VAL 66  71  71  VAL VAL A . n 
A 1 67  GLU 67  72  72  GLU GLU A . n 
A 1 68  LYS 68  73  73  LYS LYS A . n 
A 1 69  LYS 69  74  74  LYS LYS A . n 
A 1 70  PHE 70  75  75  PHE PHE A . n 
A 1 71  GLN 71  76  76  GLN GLN A . n 
A 1 72  LYS 72  77  77  LYS LYS A . n 
A 1 73  ARG 73  78  78  ARG ARG A . n 
A 1 74  VAL 74  79  79  VAL VAL A . n 
A 1 75  THR 75  80  80  THR THR A . n 
A 1 76  ASP 76  81  81  ASP ASP A . n 
A 1 77  VAL 77  82  82  VAL VAL A . n 
A 1 78  ILE 78  83  83  ILE ILE A . n 
A 1 79  ILE 79  84  84  ILE ILE A . n 
A 1 80  THR 80  85  85  THR THR A . n 
A 1 81  HIS 81  86  86  HIS HIS A . n 
A 1 82  ALA 82  87  87  ALA ALA A . n 
A 1 83  HIS 83  88  88  HIS HIS A . n 
A 1 84  ALA 84  89  89  ALA ALA A . n 
A 1 85  ASP 85  90  90  ASP ASP A . n 
A 1 86  ARG 86  91  91  ARG ARG A . n 
A 1 87  ILE 87  92  92  ILE ILE A . n 
A 1 88  GLY 88  93  93  GLY GLY A . n 
A 1 89  GLY 89  94  94  GLY GLY A . n 
A 1 90  ILE 90  95  95  ILE ILE A . n 
A 1 91  LYS 91  96  96  LYS LYS A . n 
A 1 92  THR 92  97  97  THR THR A . n 
A 1 93  LEU 93  98  98  LEU LEU A . n 
A 1 94  LYS 94  99  99  LYS LYS A . n 
A 1 95  GLU 95  100 100 GLU GLU A . n 
A 1 96  ARG 96  101 101 ARG ARG A . n 
A 1 97  GLY 97  102 102 GLY GLY A . n 
A 1 98  ILE 98  103 103 ILE ILE A . n 
A 1 99  LYS 99  104 104 LYS LYS A . n 
A 1 100 ALA 100 105 105 ALA ALA A . n 
A 1 101 HIS 101 106 106 HIS HIS A . n 
A 1 102 SER 102 107 107 SER SER A . n 
A 1 103 THR 103 108 108 THR THR A . n 
A 1 104 ALA 104 109 109 ALA ALA A . n 
A 1 105 LEU 105 110 110 LEU LEU A . n 
A 1 106 THR 106 111 111 THR THR A . n 
A 1 107 ALA 107 112 112 ALA ALA A . n 
A 1 108 GLU 108 113 113 GLU GLU A . n 
A 1 109 LEU 109 114 114 LEU LEU A . n 
A 1 110 ALA 110 115 115 ALA ALA A . n 
A 1 111 LYS 111 116 116 LYS LYS A . n 
A 1 112 LYS 112 117 117 LYS LYS A . n 
A 1 113 ASN 113 118 118 ASN ASN A . n 
A 1 114 GLY 114 119 119 GLY GLY A . n 
A 1 115 TYR 115 120 120 TYR TYR A . n 
A 1 116 GLU 116 121 121 GLU GLU A . n 
A 1 117 GLU 117 122 122 GLU GLU A . n 
A 1 118 PRO 118 123 123 PRO PRO A . n 
A 1 119 LEU 119 124 124 LEU LEU A . n 
A 1 120 GLY 120 125 125 GLY GLY A . n 
A 1 121 ASP 121 126 126 ASP ASP A . n 
A 1 122 LEU 122 127 127 LEU LEU A . n 
A 1 123 GLN 123 128 128 GLN GLN A . n 
A 1 124 THR 124 129 129 THR THR A . n 
A 1 125 VAL 125 130 130 VAL VAL A . n 
A 1 126 THR 126 131 131 THR THR A . n 
A 1 127 ASN 127 132 132 ASN ASN A . n 
A 1 128 LEU 128 133 133 LEU LEU A . n 
A 1 129 LYS 129 134 134 LYS LYS A . n 
A 1 130 PHE 130 135 135 PHE PHE A . n 
A 1 131 GLY 131 136 136 GLY GLY A . n 
A 1 132 ASN 132 137 137 ASN ASN A . n 
A 1 133 MET 133 138 138 MET MET A . n 
A 1 134 LYS 134 139 139 LYS LYS A . n 
A 1 135 VAL 135 140 140 VAL VAL A . n 
A 1 136 GLU 136 141 141 GLU GLU A . n 
A 1 137 THR 137 142 142 THR THR A . n 
A 1 138 PHE 138 143 143 PHE PHE A . n 
A 1 139 TYR 139 144 144 TYR TYR A . n 
A 1 140 PRO 140 145 145 PRO PRO A . n 
A 1 141 GLY 141 146 146 GLY GLY A . n 
A 1 142 LYS 142 147 147 LYS LYS A . n 
A 1 143 GLY 143 148 148 GLY GLY A . n 
A 1 144 HIS 144 149 149 HIS HIS A . n 
A 1 145 THR 145 150 150 THR THR A . n 
A 1 146 GLU 146 151 151 GLU GLU A . n 
A 1 147 ASP 147 152 152 ASP ASP A . n 
A 1 148 ASN 148 153 153 ASN ASN A . n 
A 1 149 ILE 149 154 154 ILE ILE A . n 
A 1 150 VAL 150 155 155 VAL VAL A . n 
A 1 151 VAL 151 156 156 VAL VAL A . n 
A 1 152 TRP 152 157 157 TRP TRP A . n 
A 1 153 LEU 153 158 158 LEU LEU A . n 
A 1 154 PRO 154 159 159 PRO PRO A . n 
A 1 155 GLN 155 160 160 GLN GLN A . n 
A 1 156 TYR 156 161 161 TYR TYR A . n 
A 1 157 ASN 157 162 162 ASN ASN A . n 
A 1 158 ILE 158 163 163 ILE ILE A . n 
A 1 159 LEU 159 164 164 LEU LEU A . n 
A 1 160 VAL 160 165 165 VAL VAL A . n 
A 1 161 GLY 161 166 166 GLY GLY A . n 
A 1 162 GLY 162 167 167 GLY GLY A . n 
A 1 163 CYS 163 168 168 CYS CYS A . n 
A 1 164 LEU 164 169 169 LEU LEU A . n 
A 1 165 VAL 165 170 170 VAL VAL A . n 
A 1 166 LYS 166 171 171 LYS LYS A . n 
A 1 167 SER 167 172 172 SER SER A . n 
A 1 168 THR 168 173 173 THR THR A . n 
A 1 169 SER 169 174 174 SER SER A . n 
A 1 170 ALA 170 175 175 ALA ALA A . n 
A 1 171 LYS 171 176 176 LYS LYS A . n 
A 1 172 ASP 172 177 177 ASP ASP A . n 
A 1 173 LEU 173 178 178 LEU LEU A . n 
A 1 174 GLY 174 179 179 GLY GLY A . n 
A 1 175 ASN 175 180 180 ASN ASN A . n 
A 1 176 VAL 176 181 181 VAL VAL A . n 
A 1 177 ALA 177 182 182 ALA ALA A . n 
A 1 178 ASP 178 183 183 ASP ASP A . n 
A 1 179 ALA 179 184 184 ALA ALA A . n 
A 1 180 TYR 180 185 185 TYR TYR A . n 
A 1 181 VAL 181 186 186 VAL VAL A . n 
A 1 182 ASN 182 187 187 ASN ASN A . n 
A 1 183 GLU 183 188 188 GLU GLU A . n 
A 1 184 TRP 184 189 189 TRP TRP A . n 
A 1 185 SER 185 190 190 SER SER A . n 
A 1 186 THR 186 191 191 THR THR A . n 
A 1 187 SER 187 192 192 SER SER A . n 
A 1 188 ILE 188 193 193 ILE ILE A . n 
A 1 189 GLU 189 194 194 GLU GLU A . n 
A 1 190 ASN 190 195 195 ASN ASN A . n 
A 1 191 VAL 191 196 196 VAL VAL A . n 
A 1 192 LEU 192 197 197 LEU LEU A . n 
A 1 193 LYS 193 198 198 LYS LYS A . n 
A 1 194 ARG 194 199 199 ARG ARG A . n 
A 1 195 TYR 195 200 200 TYR TYR A . n 
A 1 196 ARG 196 201 201 ARG ARG A . n 
A 1 197 ASN 197 202 202 ASN ASN A . n 
A 1 198 ILE 198 203 203 ILE ILE A . n 
A 1 199 ASN 199 204 204 ASN ASN A . n 
A 1 200 ALA 200 205 205 ALA ALA A . n 
A 1 201 VAL 201 206 206 VAL VAL A . n 
A 1 202 VAL 202 207 207 VAL VAL A . n 
A 1 203 PRO 203 208 208 PRO PRO A . n 
A 1 204 GLY 204 209 209 GLY GLY A . n 
A 1 205 HIS 205 210 210 HIS HIS A . n 
A 1 206 GLY 206 211 211 GLY GLY A . n 
A 1 207 GLU 207 212 212 GLU GLU A . n 
A 1 208 VAL 208 213 213 VAL VAL A . n 
A 1 209 GLY 209 214 214 GLY GLY A . n 
A 1 210 ASP 210 215 215 ASP ASP A . n 
A 1 211 LYS 211 216 216 LYS LYS A . n 
A 1 212 GLY 212 217 217 GLY GLY A . n 
A 1 213 LEU 213 218 218 LEU LEU A . n 
A 1 214 LEU 214 219 219 LEU LEU A . n 
A 1 215 LEU 215 220 220 LEU LEU A . n 
A 1 216 HIS 216 221 221 HIS HIS A . n 
A 1 217 THR 217 222 222 THR THR A . n 
A 1 218 LEU 218 223 223 LEU LEU A . n 
A 1 219 ASP 219 224 224 ASP ASP A . n 
A 1 220 LEU 220 225 225 LEU LEU A . n 
A 1 221 LEU 221 226 226 LEU LEU A . n 
A 1 222 LYS 222 227 227 LYS LYS A . n 
# 
loop_
_pdbx_nonpoly_scheme.asym_id 
_pdbx_nonpoly_scheme.entity_id 
_pdbx_nonpoly_scheme.mon_id 
_pdbx_nonpoly_scheme.ndb_seq_num 
_pdbx_nonpoly_scheme.pdb_seq_num 
_pdbx_nonpoly_scheme.auth_seq_num 
_pdbx_nonpoly_scheme.pdb_mon_id 
_pdbx_nonpoly_scheme.auth_mon_id 
_pdbx_nonpoly_scheme.pdb_strand_id 
_pdbx_nonpoly_scheme.pdb_ins_code 
B 2 ZN  1  301 1  ZN  ZN  A . 
C 2 ZN  1  302 2  ZN  ZN  A . 
D 3 3C7 1  303 1  3C7 3C7 A . 
E 4 K   1  304 1  K   K   A . 
F 5 HOH 1  401 1  HOH HOH A . 
F 5 HOH 2  402 2  HOH HOH A . 
F 5 HOH 3  403 4  HOH HOH A . 
F 5 HOH 4  404 6  HOH HOH A . 
F 5 HOH 5  405 8  HOH HOH A . 
F 5 HOH 6  406 9  HOH HOH A . 
F 5 HOH 7  407 10 HOH HOH A . 
F 5 HOH 8  408 11 HOH HOH A . 
F 5 HOH 9  409 12 HOH HOH A . 
F 5 HOH 10 410 13 HOH HOH A . 
F 5 HOH 11 411 14 HOH HOH A . 
F 5 HOH 12 412 16 HOH HOH A . 
F 5 HOH 13 413 19 HOH HOH A . 
F 5 HOH 14 414 20 HOH HOH A . 
F 5 HOH 15 415 21 HOH HOH A . 
F 5 HOH 16 416 22 HOH HOH A . 
F 5 HOH 17 417 23 HOH HOH A . 
F 5 HOH 18 418 24 HOH HOH A . 
F 5 HOH 19 419 25 HOH HOH A . 
F 5 HOH 20 420 26 HOH HOH A . 
F 5 HOH 21 421 27 HOH HOH A . 
F 5 HOH 22 422 29 HOH HOH A . 
# 
loop_
_pdbx_unobs_or_zero_occ_atoms.id 
_pdbx_unobs_or_zero_occ_atoms.PDB_model_num 
_pdbx_unobs_or_zero_occ_atoms.polymer_flag 
_pdbx_unobs_or_zero_occ_atoms.occupancy_flag 
_pdbx_unobs_or_zero_occ_atoms.auth_asym_id 
_pdbx_unobs_or_zero_occ_atoms.auth_comp_id 
_pdbx_unobs_or_zero_occ_atoms.auth_seq_id 
_pdbx_unobs_or_zero_occ_atoms.PDB_ins_code 
_pdbx_unobs_or_zero_occ_atoms.auth_atom_id 
_pdbx_unobs_or_zero_occ_atoms.label_alt_id 
_pdbx_unobs_or_zero_occ_atoms.label_asym_id 
_pdbx_unobs_or_zero_occ_atoms.label_comp_id 
_pdbx_unobs_or_zero_occ_atoms.label_seq_id 
_pdbx_unobs_or_zero_occ_atoms.label_atom_id 
1  1 Y 1 A VAL 8  ? CG1 ? A VAL 3  CG1 
2  1 Y 1 A VAL 8  ? CG2 ? A VAL 3  CG2 
3  1 Y 1 A ILE 9  ? CG1 ? A ILE 4  CG1 
4  1 Y 1 A ILE 9  ? CG2 ? A ILE 4  CG2 
5  1 Y 1 A ILE 9  ? CD1 ? A ILE 4  CD1 
6  1 Y 1 A LYS 10 ? CG  ? A LYS 5  CG  
7  1 Y 1 A LYS 10 ? CD  ? A LYS 5  CD  
8  1 Y 1 A LYS 10 ? CE  ? A LYS 5  CE  
9  1 Y 1 A LYS 10 ? NZ  ? A LYS 5  NZ  
10 1 Y 1 A GLU 12 ? CG  ? A GLU 7  CG  
11 1 Y 1 A GLU 12 ? CD  ? A GLU 7  CD  
12 1 Y 1 A GLU 12 ? OE1 ? A GLU 7  OE1 
13 1 Y 1 A GLU 12 ? OE2 ? A GLU 7  OE2 
14 1 Y 1 A THR 13 ? OG1 ? A THR 8  OG1 
15 1 Y 1 A THR 13 ? CG2 ? A THR 8  CG2 
16 1 Y 1 A THR 15 ? OG1 ? A THR 10 OG1 
17 1 Y 1 A THR 15 ? CG2 ? A THR 10 CG2 
18 1 Y 1 A ILE 18 ? CG1 ? A ILE 13 CG1 
19 1 Y 1 A ILE 18 ? CG2 ? A ILE 13 CG2 
20 1 Y 1 A ILE 18 ? CD1 ? A ILE 13 CD1 
21 1 Y 1 A LEU 21 ? CG  ? A LEU 16 CG  
22 1 Y 1 A LEU 21 ? CD1 ? A LEU 16 CD1 
23 1 Y 1 A LEU 21 ? CD2 ? A LEU 16 CD2 
24 1 Y 1 A LYS 23 ? CG  ? A LYS 18 CG  
25 1 Y 1 A LYS 23 ? CD  ? A LYS 18 CD  
26 1 Y 1 A LYS 23 ? CE  ? A LYS 18 CE  
27 1 Y 1 A LYS 23 ? NZ  ? A LYS 18 NZ  
28 1 Y 1 A LEU 31 ? CD1 ? A LEU 26 CD1 
29 1 Y 1 A LEU 31 ? CD2 ? A LEU 26 CD2 
30 1 Y 1 A GLY 32 ? CA  ? A GLY 27 CA  
31 1 Y 1 A GLY 32 ? C   ? A GLY 27 C   
32 1 Y 1 A GLY 32 ? O   ? A GLY 27 O   
33 1 Y 1 A LYS 65 ? CG  ? A LYS 60 CG  
34 1 Y 1 A LYS 65 ? CD  ? A LYS 60 CD  
35 1 Y 1 A LYS 65 ? CE  ? A LYS 60 CE  
36 1 Y 1 A LYS 65 ? NZ  ? A LYS 60 NZ  
37 1 Y 1 A LYS 96 ? CD  ? A LYS 91 CD  
38 1 Y 1 A LYS 96 ? CE  ? A LYS 91 CE  
39 1 Y 1 A LYS 96 ? NZ  ? A LYS 91 NZ  
# 
loop_
_software.pdbx_ordinal 
_software.name 
_software.version 
_software.date 
_software.type 
_software.contact_author 
_software.contact_author_email 
_software.classification 
_software.location 
_software.language 
_software.citation_id 
1 SCALA       .    ?                other   'Phil R. Evans'      pre@mrc-lmb.cam.ac.uk       'data scaling'    
http://www.ccp4.ac.uk/dist/html/scala.html   Fortran_77 ? 
2 PHASER      .    ?                program 'Randy J. Read'      cimr-phaser@lists.cam.ac.uk phasing           
http://www-structmed.cimr.cam.ac.uk/phaser/  ?          ? 
3 REFMAC      .    ?                program 'Garib N. Murshudov' garib@ysbl.york.ac.uk       refinement        
http://www.ccp4.ac.uk/dist/html/refmac5.html Fortran_77 ? 
4 PDB_EXTRACT 3.11 'April 22, 2011' package PDB                  deposit@deposit.rcsb.org    'data extraction' 
http://sw-tools.pdb.org/apps/PDB_EXTRACT/    C++        ? 
5 HKL-2000    .    ?                ?       ?                    ?                           'data reduction'  ? ?          ? 
# 
_cell.entry_id           4NQ5 
_cell.length_a           53.172 
_cell.length_b           60.828 
_cell.length_c           69.410 
_cell.angle_alpha        90.00 
_cell.angle_beta         93.01 
_cell.angle_gamma        90.00 
_cell.Z_PDB              4 
_cell.pdbx_unique_axis   ? 
_cell.length_a_esd       ? 
_cell.length_b_esd       ? 
_cell.length_c_esd       ? 
_cell.angle_alpha_esd    ? 
_cell.angle_beta_esd     ? 
_cell.angle_gamma_esd    ? 
# 
_symmetry.entry_id                         4NQ5 
_symmetry.space_group_name_H-M             'C 1 2 1' 
_symmetry.pdbx_full_space_group_name_H-M   ? 
_symmetry.cell_setting                     ? 
_symmetry.Int_Tables_number                5 
_symmetry.space_group_name_Hall            ? 
# 
_exptl.entry_id          4NQ5 
_exptl.method            'X-RAY DIFFRACTION' 
_exptl.crystals_number   1 
# 
_exptl_crystal.id                    1 
_exptl_crystal.density_meas          ? 
_exptl_crystal.density_Matthews      2.29 
_exptl_crystal.density_percent_sol   46.40 
_exptl_crystal.description           ? 
_exptl_crystal.F_000                 ? 
_exptl_crystal.preparation           ? 
# 
_exptl_crystal_grow.crystal_id      1 
_exptl_crystal_grow.method          'VAPOR DIFFUSION, HANGING DROP' 
_exptl_crystal_grow.temp            298 
_exptl_crystal_grow.temp_details    ? 
_exptl_crystal_grow.pH              7 
_exptl_crystal_grow.pdbx_pH_range   ? 
_exptl_crystal_grow.pdbx_details    
;20% PEG3350, 180mM K2SO4, protein at 15mg/ml in 10mM Tris-HCl pH7, 50mM NaCl, 1mM DTT, 1mM Zn2SO4, vapor diffusion, hanging drop, temperature 298K
;
# 
_diffrn.id                     1 
_diffrn.ambient_temp           100 
_diffrn.ambient_temp_details   ? 
_diffrn.crystal_id             1 
# 
_diffrn_detector.diffrn_id              1 
_diffrn_detector.detector               'IMAGE PLATE' 
_diffrn_detector.type                   'RIGAKU RAXIS IV++' 
_diffrn_detector.pdbx_collection_date   2013-06-01 
_diffrn_detector.details                ? 
# 
_diffrn_radiation.diffrn_id                        1 
_diffrn_radiation.wavelength_id                    1 
_diffrn_radiation.pdbx_monochromatic_or_laue_m_l   M 
_diffrn_radiation.monochromator                    ? 
_diffrn_radiation.pdbx_diffrn_protocol             'SINGLE WAVELENGTH' 
_diffrn_radiation.pdbx_scattering_type             x-ray 
# 
_diffrn_radiation_wavelength.id           1 
_diffrn_radiation_wavelength.wavelength   1.5418 
_diffrn_radiation_wavelength.wt           1.0 
# 
_diffrn_source.diffrn_id                   1 
_diffrn_source.source                      'ROTATING ANODE' 
_diffrn_source.type                        RIGAKU 
_diffrn_source.pdbx_synchrotron_site       ? 
_diffrn_source.pdbx_synchrotron_beamline   ? 
_diffrn_source.pdbx_wavelength             ? 
_diffrn_source.pdbx_wavelength_list        1.5418 
# 
_reflns.pdbx_diffrn_id               1 
_reflns.pdbx_ordinal                 1 
_reflns.entry_id                     4NQ5 
_reflns.observed_criterion_sigma_I   ? 
_reflns.observed_criterion_sigma_F   ? 
_reflns.d_resolution_low             35.3 
_reflns.d_resolution_high            2.29 
_reflns.number_obs                   9756 
_reflns.number_all                   ? 
_reflns.percent_possible_obs         ? 
_reflns.pdbx_Rmerge_I_obs            ? 
_reflns.pdbx_Rsym_value              ? 
_reflns.pdbx_netI_over_sigmaI        ? 
_reflns.B_iso_Wilson_estimate        ? 
_reflns.pdbx_redundancy              ? 
_reflns.R_free_details               ? 
_reflns.limit_h_max                  ? 
_reflns.limit_h_min                  ? 
_reflns.limit_k_max                  ? 
_reflns.limit_k_min                  ? 
_reflns.limit_l_max                  ? 
_reflns.limit_l_min                  ? 
_reflns.observed_criterion_F_max     ? 
_reflns.observed_criterion_F_min     ? 
_reflns.pdbx_chi_squared             ? 
_reflns.pdbx_scaling_rejects         ? 
# 
_refine.pdbx_refine_id                           'X-RAY DIFFRACTION' 
_refine.entry_id                                 4NQ5 
_refine.pdbx_diffrn_id                           1 
_refine.pdbx_TLS_residual_ADP_flag               ? 
_refine.ls_number_reflns_obs                     471 
_refine.ls_number_reflns_all                     ? 
_refine.pdbx_ls_sigma_I                          ? 
_refine.pdbx_ls_sigma_F                          . 
_refine.pdbx_data_cutoff_high_absF               ? 
_refine.pdbx_data_cutoff_low_absF                ? 
_refine.pdbx_data_cutoff_high_rms_absF           ? 
_refine.ls_d_res_low                             35.3 
_refine.ls_d_res_high                            2.29 
_refine.ls_percent_reflns_obs                    97.11 
_refine.ls_R_factor_obs                          0.19863 
_refine.ls_R_factor_all                          ? 
_refine.ls_R_factor_R_work                       0.19240 
_refine.ls_R_factor_R_free                       0.25380 
_refine.ls_R_factor_R_free_error                 ? 
_refine.ls_R_factor_R_free_error_details         ? 
_refine.ls_percent_reflns_R_free                 10.0 
_refine.ls_number_reflns_R_free                  979 
_refine.ls_number_parameters                     ? 
_refine.ls_number_restraints                     ? 
_refine.occupancy_min                            0.600 
_refine.occupancy_max                            1.000 
_refine.correlation_coeff_Fo_to_Fc               0.956 
_refine.correlation_coeff_Fo_to_Fc_free          0.923 
_refine.B_iso_mean                               40.296 
_refine.aniso_B[1][1]                            -2.61 
_refine.aniso_B[2][2]                            4.65 
_refine.aniso_B[3][3]                            -1.91 
_refine.aniso_B[1][2]                            0.00 
_refine.aniso_B[1][3]                            -1.13 
_refine.aniso_B[2][3]                            0.00 
_refine.solvent_model_details                    MASK 
_refine.solvent_model_param_ksol                 ? 
_refine.solvent_model_param_bsol                 ? 
_refine.pdbx_solvent_vdw_probe_radii             1.20 
_refine.pdbx_solvent_ion_probe_radii             0.80 
_refine.pdbx_solvent_shrinkage_radii             0.80 
_refine.pdbx_ls_cross_valid_method               THROUGHOUT 
_refine.details                                  'HYDROGENS HAVE BEEN ADDED IN THE RIDING POSITIONS' 
_refine.pdbx_starting_model                      ? 
_refine.pdbx_method_to_determine_struct          'MOLECULAR REPLACEMENT' 
_refine.pdbx_isotropic_thermal_model             ? 
_refine.pdbx_stereochemistry_target_values       'MAXIMUM LIKELIHOOD' 
_refine.pdbx_stereochem_target_val_spec_case     ? 
_refine.pdbx_R_Free_selection_details            RANDOM 
_refine.pdbx_overall_ESU_R                       0.412 
_refine.pdbx_overall_ESU_R_Free                  0.265 
_refine.overall_SU_ML                            0.215 
_refine.pdbx_overall_phase_error                 ? 
_refine.overall_SU_B                             9.224 
_refine.overall_SU_R_Cruickshank_DPI             0.4398 
_refine.pdbx_overall_SU_R_free_Cruickshank_DPI   ? 
_refine.pdbx_overall_SU_R_Blow_DPI               ? 
_refine.pdbx_overall_SU_R_free_Blow_DPI          ? 
_refine.ls_redundancy_reflns_obs                 ? 
_refine.B_iso_min                                ? 
_refine.B_iso_max                                ? 
_refine.overall_SU_R_free                        ? 
_refine.ls_wR_factor_R_free                      ? 
_refine.ls_wR_factor_R_work                      ? 
_refine.overall_FOM_free_R_set                   ? 
_refine.overall_FOM_work_R_set                   ? 
# 
_refine_hist.pdbx_refine_id                   'X-RAY DIFFRACTION' 
_refine_hist.cycle_id                         LAST 
_refine_hist.pdbx_number_atoms_protein        1633 
_refine_hist.pdbx_number_atoms_nucleic_acid   0 
_refine_hist.pdbx_number_atoms_ligand         16 
_refine_hist.number_atoms_solvent             22 
_refine_hist.number_atoms_total               1671 
_refine_hist.d_res_high                       2.29 
_refine_hist.d_res_low                        35.3 
# 
loop_
_refine_ls_restr.type 
_refine_ls_restr.dev_ideal 
_refine_ls_restr.dev_ideal_target 
_refine_ls_restr.weight 
_refine_ls_restr.number 
_refine_ls_restr.pdbx_refine_id 
_refine_ls_restr.pdbx_restraint_function 
r_bond_refined_d             0.013  0.019  ? 1681 'X-RAY DIFFRACTION' ? 
r_bond_other_d               0.002  0.020  ? 1611 'X-RAY DIFFRACTION' ? 
r_angle_refined_deg          1.644  1.966  ? 2274 'X-RAY DIFFRACTION' ? 
r_angle_other_deg            0.966  3.004  ? 3705 'X-RAY DIFFRACTION' ? 
r_dihedral_angle_1_deg       7.781  5.000  ? 213  'X-RAY DIFFRACTION' ? 
r_dihedral_angle_2_deg       39.995 25.672 ? 67   'X-RAY DIFFRACTION' ? 
r_dihedral_angle_3_deg       15.562 15.000 ? 287  'X-RAY DIFFRACTION' ? 
r_dihedral_angle_4_deg       16.296 15.000 ? 5    'X-RAY DIFFRACTION' ? 
r_chiral_restr               0.090  0.200  ? 271  'X-RAY DIFFRACTION' ? 
r_gen_planes_refined         0.006  0.020  ? 1886 'X-RAY DIFFRACTION' ? 
r_gen_planes_other           0.001  0.020  ? 353  'X-RAY DIFFRACTION' ? 
r_nbd_refined                ?      ?      ? ?    'X-RAY DIFFRACTION' ? 
r_nbd_other                  ?      ?      ? ?    'X-RAY DIFFRACTION' ? 
r_nbtor_refined              ?      ?      ? ?    'X-RAY DIFFRACTION' ? 
r_nbtor_other                ?      ?      ? ?    'X-RAY DIFFRACTION' ? 
r_xyhbond_nbd_refined        ?      ?      ? ?    'X-RAY DIFFRACTION' ? 
r_xyhbond_nbd_other          ?      ?      ? ?    'X-RAY DIFFRACTION' ? 
r_metal_ion_refined          ?      ?      ? ?    'X-RAY DIFFRACTION' ? 
r_metal_ion_other            ?      ?      ? ?    'X-RAY DIFFRACTION' ? 
r_symmetry_vdw_refined       ?      ?      ? ?    'X-RAY DIFFRACTION' ? 
r_symmetry_vdw_other         ?      ?      ? ?    'X-RAY DIFFRACTION' ? 
r_symmetry_hbond_refined     ?      ?      ? ?    'X-RAY DIFFRACTION' ? 
r_symmetry_hbond_other       ?      ?      ? ?    'X-RAY DIFFRACTION' ? 
r_symmetry_metal_ion_refined ?      ?      ? ?    'X-RAY DIFFRACTION' ? 
r_symmetry_metal_ion_other   ?      ?      ? ?    'X-RAY DIFFRACTION' ? 
r_mcbond_it                  2.857  3.971  ? 862  'X-RAY DIFFRACTION' ? 
r_mcbond_other               2.856  3.975  ? 863  'X-RAY DIFFRACTION' ? 
r_mcangle_it                 4.289  5.942  ? 1073 'X-RAY DIFFRACTION' ? 
r_mcangle_other              ?      ?      ? ?    'X-RAY DIFFRACTION' ? 
r_scbond_it                  3.000  4.223  ? 819  'X-RAY DIFFRACTION' ? 
r_scbond_other               ?      ?      ? ?    'X-RAY DIFFRACTION' ? 
r_scangle_it                 ?      ?      ? ?    'X-RAY DIFFRACTION' ? 
r_scangle_other              ?      ?      ? ?    'X-RAY DIFFRACTION' ? 
r_long_range_B_refined       ?      ?      ? ?    'X-RAY DIFFRACTION' ? 
r_long_range_B_other         ?      ?      ? ?    'X-RAY DIFFRACTION' ? 
r_rigid_bond_restr           ?      ?      ? ?    'X-RAY DIFFRACTION' ? 
r_sphericity_free            ?      ?      ? ?    'X-RAY DIFFRACTION' ? 
r_sphericity_bonded          ?      ?      ? ?    'X-RAY DIFFRACTION' ? 
# 
_refine_ls_shell.pdbx_refine_id                   'X-RAY DIFFRACTION' 
_refine_ls_shell.pdbx_total_number_of_bins_used   20 
_refine_ls_shell.d_res_high                       2.29 
_refine_ls_shell.d_res_low                        2.351 
_refine_ls_shell.number_reflns_R_work             554 
_refine_ls_shell.R_factor_R_work                  0.272 
_refine_ls_shell.percent_reflns_obs               82.08 
_refine_ls_shell.R_factor_R_free                  0.329 
_refine_ls_shell.R_factor_R_free_error            ? 
_refine_ls_shell.percent_reflns_R_free            ? 
_refine_ls_shell.number_reflns_R_free             55 
_refine_ls_shell.number_reflns_all                ? 
_refine_ls_shell.R_factor_all                     ? 
_refine_ls_shell.redundancy_reflns_obs            ? 
_refine_ls_shell.number_reflns_obs                ? 
# 
_struct.entry_id                  4NQ5 
_struct.title                     'Bacillus cereus Zn-dependent metallo-beta-lactamase at pH 7 complexed with compound CS319' 
_struct.pdbx_model_details        ? 
_struct.pdbx_CASP_flag            ? 
_struct.pdbx_model_type_details   ? 
# 
_struct_keywords.entry_id        4NQ5 
_struct_keywords.text            'lactamase, metallo-beta-lactamase superfamily, HYDROLASE-HYDROLASE INHIBITOR complex' 
_struct_keywords.pdbx_keywords   'HYDROLASE/HYDROLASE INHIBITOR' 
# 
loop_
_struct_asym.id 
_struct_asym.pdbx_blank_PDB_chainid_flag 
_struct_asym.pdbx_modified 
_struct_asym.entity_id 
_struct_asym.details 
A N N 1 ? 
B N N 2 ? 
C N N 2 ? 
D N N 3 ? 
E N N 4 ? 
F N N 5 ? 
# 
_struct_ref.id                         1 
_struct_ref.db_name                    UNP 
_struct_ref.db_code                    BLA2_BACCE 
_struct_ref.pdbx_db_accession          P04190 
_struct_ref.entity_id                  1 
_struct_ref.pdbx_seq_one_letter_code   
;KTVIKNETGTISISQLNKNVWVHTELGSFNGEAVPSNGLVLNTSKGLVLVDSSWDDKLTKELIEMVEKKFQKRVTDVIIT
HAHADRIGGIKTLKERGIKAHSTALTAELAKKNGYEEPLGDLQTVTNLKFGNMKVETFYPGKGHTEDNIVVWLPQYNILV
GGCLVKSTSAKDLGNVADAYVNEWSTSIENVLKRYRNINAVVPGHGEVGDKGLLLHTLDLLK
;
_struct_ref.pdbx_align_begin           36 
_struct_ref.pdbx_db_isoform            ? 
# 
_struct_ref_seq.align_id                      1 
_struct_ref_seq.ref_id                        1 
_struct_ref_seq.pdbx_PDB_id_code              4NQ5 
_struct_ref_seq.pdbx_strand_id                A 
_struct_ref_seq.seq_align_beg                 1 
_struct_ref_seq.pdbx_seq_align_beg_ins_code   ? 
_struct_ref_seq.seq_align_end                 222 
_struct_ref_seq.pdbx_seq_align_end_ins_code   ? 
_struct_ref_seq.pdbx_db_accession             P04190 
_struct_ref_seq.db_align_beg                  36 
_struct_ref_seq.pdbx_db_align_beg_ins_code    ? 
_struct_ref_seq.db_align_end                  257 
_struct_ref_seq.pdbx_db_align_end_ins_code    ? 
_struct_ref_seq.pdbx_auth_seq_align_beg       6 
_struct_ref_seq.pdbx_auth_seq_align_end       227 
# 
_pdbx_struct_assembly.id                   1 
_pdbx_struct_assembly.details              author_and_software_defined_assembly 
_pdbx_struct_assembly.method_details       PISA 
_pdbx_struct_assembly.oligomeric_details   monomeric 
_pdbx_struct_assembly.oligomeric_count     1 
# 
_pdbx_struct_assembly_gen.assembly_id       1 
_pdbx_struct_assembly_gen.oper_expression   1 
_pdbx_struct_assembly_gen.asym_id_list      A,B,C,D,E,F 
# 
_pdbx_struct_oper_list.id                   1 
_pdbx_struct_oper_list.type                 'identity operation' 
_pdbx_struct_oper_list.name                 1_555 
_pdbx_struct_oper_list.symmetry_operation   x,y,z 
_pdbx_struct_oper_list.matrix[1][1]         1.0000000000 
_pdbx_struct_oper_list.matrix[1][2]         0.0000000000 
_pdbx_struct_oper_list.matrix[1][3]         0.0000000000 
_pdbx_struct_oper_list.vector[1]            0.0000000000 
_pdbx_struct_oper_list.matrix[2][1]         0.0000000000 
_pdbx_struct_oper_list.matrix[2][2]         1.0000000000 
_pdbx_struct_oper_list.matrix[2][3]         0.0000000000 
_pdbx_struct_oper_list.vector[2]            0.0000000000 
_pdbx_struct_oper_list.matrix[3][1]         0.0000000000 
_pdbx_struct_oper_list.matrix[3][2]         0.0000000000 
_pdbx_struct_oper_list.matrix[3][3]         1.0000000000 
_pdbx_struct_oper_list.vector[3]            0.0000000000 
# 
_struct_biol.id        1 
_struct_biol.details   ? 
# 
loop_
_struct_conf.conf_type_id 
_struct_conf.id 
_struct_conf.pdbx_PDB_helix_id 
_struct_conf.beg_label_comp_id 
_struct_conf.beg_label_asym_id 
_struct_conf.beg_label_seq_id 
_struct_conf.pdbx_beg_PDB_ins_code 
_struct_conf.end_label_comp_id 
_struct_conf.end_label_asym_id 
_struct_conf.end_label_seq_id 
_struct_conf.pdbx_end_PDB_ins_code 
_struct_conf.beg_auth_comp_id 
_struct_conf.beg_auth_asym_id 
_struct_conf.beg_auth_seq_id 
_struct_conf.end_auth_comp_id 
_struct_conf.end_auth_asym_id 
_struct_conf.end_auth_seq_id 
_struct_conf.pdbx_PDB_helix_class 
_struct_conf.details 
_struct_conf.pdbx_PDB_helix_length 
HELX_P HELX_P1 1 ASP A 55  ? GLN A 71  ? ASP A 60  GLN A 76  1 ? 17 
HELX_P HELX_P2 2 HIS A 83  ? GLY A 88  ? HIS A 88  GLY A 93  1 ? 6  
HELX_P HELX_P3 3 GLY A 89  ? ARG A 96  ? GLY A 94  ARG A 101 1 ? 8  
HELX_P HELX_P4 4 THR A 103 ? ASN A 113 ? THR A 108 ASN A 118 1 ? 11 
HELX_P HELX_P5 5 PRO A 154 ? TYR A 156 ? PRO A 159 TYR A 161 5 ? 3  
HELX_P HELX_P6 6 CYS A 163 ? VAL A 165 ? CYS A 168 VAL A 170 5 ? 3  
HELX_P HELX_P7 7 ASN A 182 ? TYR A 195 ? ASN A 187 TYR A 200 1 ? 14 
HELX_P HELX_P8 8 LYS A 211 ? LEU A 221 ? LYS A 216 LEU A 226 1 ? 11 
# 
_struct_conf_type.id          HELX_P 
_struct_conf_type.criteria    ? 
_struct_conf_type.reference   ? 
# 
loop_
_struct_conn.id 
_struct_conn.conn_type_id 
_struct_conn.pdbx_leaving_atom_flag 
_struct_conn.pdbx_PDB_id 
_struct_conn.ptnr1_label_asym_id 
_struct_conn.ptnr1_label_comp_id 
_struct_conn.ptnr1_label_seq_id 
_struct_conn.ptnr1_label_atom_id 
_struct_conn.pdbx_ptnr1_label_alt_id 
_struct_conn.pdbx_ptnr1_PDB_ins_code 
_struct_conn.pdbx_ptnr1_standard_comp_id 
_struct_conn.ptnr1_symmetry 
_struct_conn.ptnr2_label_asym_id 
_struct_conn.ptnr2_label_comp_id 
_struct_conn.ptnr2_label_seq_id 
_struct_conn.ptnr2_label_atom_id 
_struct_conn.pdbx_ptnr2_label_alt_id 
_struct_conn.pdbx_ptnr2_PDB_ins_code 
_struct_conn.ptnr1_auth_asym_id 
_struct_conn.ptnr1_auth_comp_id 
_struct_conn.ptnr1_auth_seq_id 
_struct_conn.ptnr2_auth_asym_id 
_struct_conn.ptnr2_auth_comp_id 
_struct_conn.ptnr2_auth_seq_id 
_struct_conn.ptnr2_symmetry 
_struct_conn.pdbx_ptnr3_label_atom_id 
_struct_conn.pdbx_ptnr3_label_seq_id 
_struct_conn.pdbx_ptnr3_label_comp_id 
_struct_conn.pdbx_ptnr3_label_asym_id 
_struct_conn.pdbx_ptnr3_label_alt_id 
_struct_conn.pdbx_ptnr3_PDB_ins_code 
_struct_conn.details 
_struct_conn.pdbx_dist_value 
_struct_conn.pdbx_value_order 
_struct_conn.pdbx_role 
metalc1 metalc ? ? A HIS 81  NE2 ? ? ? 1_555 B ZN  . ZN  ? ? A HIS 86  A ZN  301 1_555 ? ? ? ? ? ? ? 2.087 ? ? 
metalc2 metalc ? ? A HIS 83  ND1 ? ? ? 1_555 B ZN  . ZN  ? ? A HIS 88  A ZN  301 1_555 ? ? ? ? ? ? ? 2.093 ? ? 
metalc3 metalc ? ? A ASP 85  OD2 ? ? ? 1_555 C ZN  . ZN  ? ? A ASP 90  A ZN  302 1_555 ? ? ? ? ? ? ? 2.003 ? ? 
metalc4 metalc ? ? A HIS 144 NE2 ? ? ? 1_555 B ZN  . ZN  ? ? A HIS 149 A ZN  301 1_555 ? ? ? ? ? ? ? 2.093 ? ? 
metalc5 metalc ? ? A CYS 163 SG  ? ? ? 1_555 C ZN  . ZN  ? ? A CYS 168 A ZN  302 1_555 ? ? ? ? ? ? ? 2.296 ? ? 
metalc6 metalc ? ? A HIS 205 NE2 ? ? ? 1_555 C ZN  . ZN  ? ? A HIS 210 A ZN  302 1_555 ? ? ? ? ? ? ? 2.113 ? ? 
metalc7 metalc ? ? B ZN  .   ZN  ? ? ? 1_555 D 3C7 . S01 ? ? A ZN  301 A 3C7 303 1_555 ? ? ? ? ? ? ? 2.360 ? ? 
metalc8 metalc ? ? C ZN  .   ZN  ? ? ? 1_555 D 3C7 . S01 ? ? A ZN  302 A 3C7 303 1_555 ? ? ? ? ? ? ? 2.388 ? ? 
# 
_struct_conn_type.id          metalc 
_struct_conn_type.criteria    ? 
_struct_conn_type.reference   ? 
# 
loop_
_pdbx_struct_conn_angle.id 
_pdbx_struct_conn_angle.ptnr1_label_atom_id 
_pdbx_struct_conn_angle.ptnr1_label_alt_id 
_pdbx_struct_conn_angle.ptnr1_label_asym_id 
_pdbx_struct_conn_angle.ptnr1_label_comp_id 
_pdbx_struct_conn_angle.ptnr1_label_seq_id 
_pdbx_struct_conn_angle.ptnr1_auth_atom_id 
_pdbx_struct_conn_angle.ptnr1_auth_asym_id 
_pdbx_struct_conn_angle.ptnr1_auth_comp_id 
_pdbx_struct_conn_angle.ptnr1_auth_seq_id 
_pdbx_struct_conn_angle.ptnr1_PDB_ins_code 
_pdbx_struct_conn_angle.ptnr1_symmetry 
_pdbx_struct_conn_angle.ptnr2_label_atom_id 
_pdbx_struct_conn_angle.ptnr2_label_alt_id 
_pdbx_struct_conn_angle.ptnr2_label_asym_id 
_pdbx_struct_conn_angle.ptnr2_label_comp_id 
_pdbx_struct_conn_angle.ptnr2_label_seq_id 
_pdbx_struct_conn_angle.ptnr2_auth_atom_id 
_pdbx_struct_conn_angle.ptnr2_auth_asym_id 
_pdbx_struct_conn_angle.ptnr2_auth_comp_id 
_pdbx_struct_conn_angle.ptnr2_auth_seq_id 
_pdbx_struct_conn_angle.ptnr2_PDB_ins_code 
_pdbx_struct_conn_angle.ptnr2_symmetry 
_pdbx_struct_conn_angle.ptnr3_label_atom_id 
_pdbx_struct_conn_angle.ptnr3_label_alt_id 
_pdbx_struct_conn_angle.ptnr3_label_asym_id 
_pdbx_struct_conn_angle.ptnr3_label_comp_id 
_pdbx_struct_conn_angle.ptnr3_label_seq_id 
_pdbx_struct_conn_angle.ptnr3_auth_atom_id 
_pdbx_struct_conn_angle.ptnr3_auth_asym_id 
_pdbx_struct_conn_angle.ptnr3_auth_comp_id 
_pdbx_struct_conn_angle.ptnr3_auth_seq_id 
_pdbx_struct_conn_angle.ptnr3_PDB_ins_code 
_pdbx_struct_conn_angle.ptnr3_symmetry 
_pdbx_struct_conn_angle.value 
_pdbx_struct_conn_angle.value_esd 
1  NE2 ? A HIS 81  ? A HIS 86  ? 1_555 ZN ? B ZN . ? A ZN 301 ? 1_555 ND1 ? A HIS 83  ? A HIS 88  ? 1_555 105.3 ? 
2  NE2 ? A HIS 81  ? A HIS 86  ? 1_555 ZN ? B ZN . ? A ZN 301 ? 1_555 NE2 ? A HIS 144 ? A HIS 149 ? 1_555 112.3 ? 
3  ND1 ? A HIS 83  ? A HIS 88  ? 1_555 ZN ? B ZN . ? A ZN 301 ? 1_555 NE2 ? A HIS 144 ? A HIS 149 ? 1_555 110.5 ? 
4  NE2 ? A HIS 81  ? A HIS 86  ? 1_555 ZN ? B ZN . ? A ZN 301 ? 1_555 S01 ? D 3C7 .   ? A 3C7 303 ? 1_555 127.5 ? 
5  ND1 ? A HIS 83  ? A HIS 88  ? 1_555 ZN ? B ZN . ? A ZN 301 ? 1_555 S01 ? D 3C7 .   ? A 3C7 303 ? 1_555 104.1 ? 
6  NE2 ? A HIS 144 ? A HIS 149 ? 1_555 ZN ? B ZN . ? A ZN 301 ? 1_555 S01 ? D 3C7 .   ? A 3C7 303 ? 1_555 96.3  ? 
7  OD2 ? A ASP 85  ? A ASP 90  ? 1_555 ZN ? C ZN . ? A ZN 302 ? 1_555 SG  ? A CYS 163 ? A CYS 168 ? 1_555 117.9 ? 
8  OD2 ? A ASP 85  ? A ASP 90  ? 1_555 ZN ? C ZN . ? A ZN 302 ? 1_555 NE2 ? A HIS 205 ? A HIS 210 ? 1_555 88.4  ? 
9  SG  ? A CYS 163 ? A CYS 168 ? 1_555 ZN ? C ZN . ? A ZN 302 ? 1_555 NE2 ? A HIS 205 ? A HIS 210 ? 1_555 111.0 ? 
10 OD2 ? A ASP 85  ? A ASP 90  ? 1_555 ZN ? C ZN . ? A ZN 302 ? 1_555 S01 ? D 3C7 .   ? A 3C7 303 ? 1_555 109.6 ? 
11 SG  ? A CYS 163 ? A CYS 168 ? 1_555 ZN ? C ZN . ? A ZN 302 ? 1_555 S01 ? D 3C7 .   ? A 3C7 303 ? 1_555 117.5 ? 
12 NE2 ? A HIS 205 ? A HIS 210 ? 1_555 ZN ? C ZN . ? A ZN 302 ? 1_555 S01 ? D 3C7 .   ? A 3C7 303 ? 1_555 108.5 ? 
# 
_struct_mon_prot_cis.pdbx_id                1 
_struct_mon_prot_cis.label_comp_id          GLY 
_struct_mon_prot_cis.label_seq_id           131 
_struct_mon_prot_cis.label_asym_id          A 
_struct_mon_prot_cis.label_alt_id           . 
_struct_mon_prot_cis.pdbx_PDB_ins_code      ? 
_struct_mon_prot_cis.auth_comp_id           GLY 
_struct_mon_prot_cis.auth_seq_id            136 
_struct_mon_prot_cis.auth_asym_id           A 
_struct_mon_prot_cis.pdbx_label_comp_id_2   ASN 
_struct_mon_prot_cis.pdbx_label_seq_id_2    132 
_struct_mon_prot_cis.pdbx_label_asym_id_2   A 
_struct_mon_prot_cis.pdbx_PDB_ins_code_2    ? 
_struct_mon_prot_cis.pdbx_auth_comp_id_2    ASN 
_struct_mon_prot_cis.pdbx_auth_seq_id_2     137 
_struct_mon_prot_cis.pdbx_auth_asym_id_2    A 
_struct_mon_prot_cis.pdbx_PDB_model_num     1 
_struct_mon_prot_cis.pdbx_omega_angle       7.66 
# 
loop_
_struct_sheet.id 
_struct_sheet.type 
_struct_sheet.number_strands 
_struct_sheet.details 
A ? 7 ? 
B ? 5 ? 
# 
loop_
_struct_sheet_order.sheet_id 
_struct_sheet_order.range_id_1 
_struct_sheet_order.range_id_2 
_struct_sheet_order.offset 
_struct_sheet_order.sense 
A 1 2 ? anti-parallel 
A 2 3 ? anti-parallel 
A 3 4 ? anti-parallel 
A 4 5 ? anti-parallel 
A 5 6 ? parallel      
A 6 7 ? parallel      
B 1 2 ? anti-parallel 
B 2 3 ? anti-parallel 
B 3 4 ? anti-parallel 
B 4 5 ? parallel      
# 
loop_
_struct_sheet_range.sheet_id 
_struct_sheet_range.id 
_struct_sheet_range.beg_label_comp_id 
_struct_sheet_range.beg_label_asym_id 
_struct_sheet_range.beg_label_seq_id 
_struct_sheet_range.pdbx_beg_PDB_ins_code 
_struct_sheet_range.end_label_comp_id 
_struct_sheet_range.end_label_asym_id 
_struct_sheet_range.end_label_seq_id 
_struct_sheet_range.pdbx_end_PDB_ins_code 
_struct_sheet_range.beg_auth_comp_id 
_struct_sheet_range.beg_auth_asym_id 
_struct_sheet_range.beg_auth_seq_id 
_struct_sheet_range.end_auth_comp_id 
_struct_sheet_range.end_auth_asym_id 
_struct_sheet_range.end_auth_seq_id 
A 1 VAL A 3   ? LYS A 5   ? VAL A 8   LYS A 10  
A 2 ILE A 11  ? ASN A 17  ? ILE A 16  ASN A 22  
A 3 VAL A 20  ? GLU A 25  ? VAL A 25  GLU A 30  
A 4 SER A 36  ? THR A 43  ? SER A 41  THR A 48  
A 5 GLY A 46  ? VAL A 50  ? GLY A 51  VAL A 55  
A 6 VAL A 74  ? ILE A 78  ? VAL A 79  ILE A 83  
A 7 LYS A 99  ? HIS A 101 ? LYS A 104 HIS A 106 
B 1 VAL A 125 ? PHE A 130 ? VAL A 130 PHE A 135 
B 2 MET A 133 ? PHE A 138 ? MET A 138 PHE A 143 
B 3 VAL A 150 ? LEU A 153 ? VAL A 155 LEU A 158 
B 4 ILE A 158 ? GLY A 162 ? ILE A 163 GLY A 167 
B 5 ALA A 200 ? PRO A 203 ? ALA A 205 PRO A 208 
# 
loop_
_pdbx_struct_sheet_hbond.sheet_id 
_pdbx_struct_sheet_hbond.range_id_1 
_pdbx_struct_sheet_hbond.range_id_2 
_pdbx_struct_sheet_hbond.range_1_label_atom_id 
_pdbx_struct_sheet_hbond.range_1_label_comp_id 
_pdbx_struct_sheet_hbond.range_1_label_asym_id 
_pdbx_struct_sheet_hbond.range_1_label_seq_id 
_pdbx_struct_sheet_hbond.range_1_PDB_ins_code 
_pdbx_struct_sheet_hbond.range_1_auth_atom_id 
_pdbx_struct_sheet_hbond.range_1_auth_comp_id 
_pdbx_struct_sheet_hbond.range_1_auth_asym_id 
_pdbx_struct_sheet_hbond.range_1_auth_seq_id 
_pdbx_struct_sheet_hbond.range_2_label_atom_id 
_pdbx_struct_sheet_hbond.range_2_label_comp_id 
_pdbx_struct_sheet_hbond.range_2_label_asym_id 
_pdbx_struct_sheet_hbond.range_2_label_seq_id 
_pdbx_struct_sheet_hbond.range_2_PDB_ins_code 
_pdbx_struct_sheet_hbond.range_2_auth_atom_id 
_pdbx_struct_sheet_hbond.range_2_auth_comp_id 
_pdbx_struct_sheet_hbond.range_2_auth_asym_id 
_pdbx_struct_sheet_hbond.range_2_auth_seq_id 
A 1 2 N ILE A 4   ? N ILE A 9   O ILE A 13  ? O ILE A 18  
A 2 3 N SER A 14  ? N SER A 19  O VAL A 22  ? O VAL A 27  
A 3 4 N TRP A 21  ? N TRP A 26  O VAL A 40  ? O VAL A 45  
A 4 5 N LEU A 41  ? N LEU A 46  O VAL A 48  ? O VAL A 53  
A 5 6 N LEU A 47  ? N LEU A 52  O THR A 75  ? O THR A 80  
A 6 7 N VAL A 77  ? N VAL A 82  O LYS A 99  ? O LYS A 104 
B 1 2 N LEU A 128 ? N LEU A 133 O VAL A 135 ? O VAL A 140 
B 2 3 N GLU A 136 ? N GLU A 141 O TRP A 152 ? O TRP A 157 
B 3 4 N LEU A 153 ? N LEU A 158 O ILE A 158 ? O ILE A 163 
B 4 5 N LEU A 159 ? N LEU A 164 O VAL A 202 ? O VAL A 207 
# 
loop_
_struct_site.id 
_struct_site.pdbx_evidence_code 
_struct_site.pdbx_auth_asym_id 
_struct_site.pdbx_auth_comp_id 
_struct_site.pdbx_auth_seq_id 
_struct_site.pdbx_auth_ins_code 
_struct_site.pdbx_num_residues 
_struct_site.details 
AC1 Software A ZN  301 ? 4  'BINDING SITE FOR RESIDUE ZN A 301'  
AC2 Software A ZN  302 ? 4  'BINDING SITE FOR RESIDUE ZN A 302'  
AC3 Software A 3C7 303 ? 10 'BINDING SITE FOR RESIDUE 3C7 A 303' 
# 
loop_
_struct_site_gen.id 
_struct_site_gen.site_id 
_struct_site_gen.pdbx_num_res 
_struct_site_gen.label_comp_id 
_struct_site_gen.label_asym_id 
_struct_site_gen.label_seq_id 
_struct_site_gen.pdbx_auth_ins_code 
_struct_site_gen.auth_comp_id 
_struct_site_gen.auth_asym_id 
_struct_site_gen.auth_seq_id 
_struct_site_gen.label_atom_id 
_struct_site_gen.label_alt_id 
_struct_site_gen.symmetry 
_struct_site_gen.details 
1  AC1 4  HIS A 81  ? HIS A 86  . ? 1_555 ? 
2  AC1 4  HIS A 83  ? HIS A 88  . ? 1_555 ? 
3  AC1 4  HIS A 144 ? HIS A 149 . ? 1_555 ? 
4  AC1 4  3C7 D .   ? 3C7 A 303 . ? 1_555 ? 
5  AC2 4  ASP A 85  ? ASP A 90  . ? 1_555 ? 
6  AC2 4  CYS A 163 ? CYS A 168 . ? 1_555 ? 
7  AC2 4  HIS A 205 ? HIS A 210 . ? 1_555 ? 
8  AC2 4  3C7 D .   ? 3C7 A 303 . ? 1_555 ? 
9  AC3 10 TRP A 54  ? TRP A 59  . ? 1_555 ? 
10 AC3 10 HIS A 83  ? HIS A 88  . ? 1_555 ? 
11 AC3 10 ASP A 85  ? ASP A 90  . ? 1_555 ? 
12 AC3 10 HIS A 144 ? HIS A 149 . ? 1_555 ? 
13 AC3 10 LYS A 166 ? LYS A 171 . ? 1_555 ? 
14 AC3 10 GLY A 174 ? GLY A 179 . ? 1_555 ? 
15 AC3 10 ASN A 175 ? ASN A 180 . ? 1_555 ? 
16 AC3 10 HIS A 205 ? HIS A 210 . ? 1_555 ? 
17 AC3 10 ZN  B .   ? ZN  A 301 . ? 1_555 ? 
18 AC3 10 ZN  C .   ? ZN  A 302 . ? 1_555 ? 
# 
loop_
_pdbx_validate_torsion.id 
_pdbx_validate_torsion.PDB_model_num 
_pdbx_validate_torsion.auth_comp_id 
_pdbx_validate_torsion.auth_asym_id 
_pdbx_validate_torsion.auth_seq_id 
_pdbx_validate_torsion.PDB_ins_code 
_pdbx_validate_torsion.label_alt_id 
_pdbx_validate_torsion.phi 
_pdbx_validate_torsion.psi 
1 1 THR A 13  ? ? -62.17 -178.44 
2 1 THR A 15  ? ? -28.22 -41.51  
3 1 ASP A 56  ? ? 67.61  149.93  
4 1 SER A 57  ? ? -92.57 -135.17 
5 1 ASN A 137 ? ? 106.89 -88.80  
6 1 ASN A 162 ? ? 37.39  52.61   
# 
_phasing.method   MR 
# 
loop_
_pdbx_unobs_or_zero_occ_residues.id 
_pdbx_unobs_or_zero_occ_residues.PDB_model_num 
_pdbx_unobs_or_zero_occ_residues.polymer_flag 
_pdbx_unobs_or_zero_occ_residues.occupancy_flag 
_pdbx_unobs_or_zero_occ_residues.auth_asym_id 
_pdbx_unobs_or_zero_occ_residues.auth_comp_id 
_pdbx_unobs_or_zero_occ_residues.auth_seq_id 
_pdbx_unobs_or_zero_occ_residues.PDB_ins_code 
_pdbx_unobs_or_zero_occ_residues.label_asym_id 
_pdbx_unobs_or_zero_occ_residues.label_comp_id 
_pdbx_unobs_or_zero_occ_residues.label_seq_id 
1 1 Y 1 A LYS 6  ? A LYS 1  
2 1 Y 1 A SER 33 ? A SER 28 
3 1 Y 1 A PHE 34 ? A PHE 29 
4 1 Y 1 A ASN 35 ? A ASN 30 
5 1 Y 1 A GLY 36 ? A GLY 31 
6 1 Y 1 A GLU 37 ? A GLU 32 
# 
loop_
_chem_comp_atom.comp_id 
_chem_comp_atom.atom_id 
_chem_comp_atom.type_symbol 
_chem_comp_atom.pdbx_aromatic_flag 
_chem_comp_atom.pdbx_stereo_config 
_chem_comp_atom.pdbx_ordinal 
3C7 C12  C  N N 1   
3C7 O11  O  N N 2   
3C7 C09  C  N N 3   
3C7 O10  O  N N 4   
3C7 C08  C  N R 5   
3C7 N07  N  N N 6   
3C7 C03  C  N R 7   
3C7 C02  C  N N 8   
3C7 S01  S  N N 9   
3C7 S13  S  N N 10  
3C7 C06  C  N S 11  
3C7 C05  C  N N 12  
3C7 S04  S  N N 13  
3C7 H122 H  N N 14  
3C7 H121 H  N N 15  
3C7 H1   H  N N 16  
3C7 H08  H  N N 17  
3C7 H03  H  N N 18  
3C7 H021 H  N N 19  
3C7 H022 H  N N 20  
3C7 HS01 H  N N 21  
3C7 H06  H  N N 22  
3C7 H052 H  N N 23  
3C7 H051 H  N N 24  
ALA N    N  N N 25  
ALA CA   C  N S 26  
ALA C    C  N N 27  
ALA O    O  N N 28  
ALA CB   C  N N 29  
ALA OXT  O  N N 30  
ALA H    H  N N 31  
ALA H2   H  N N 32  
ALA HA   H  N N 33  
ALA HB1  H  N N 34  
ALA HB2  H  N N 35  
ALA HB3  H  N N 36  
ALA HXT  H  N N 37  
ARG N    N  N N 38  
ARG CA   C  N S 39  
ARG C    C  N N 40  
ARG O    O  N N 41  
ARG CB   C  N N 42  
ARG CG   C  N N 43  
ARG CD   C  N N 44  
ARG NE   N  N N 45  
ARG CZ   C  N N 46  
ARG NH1  N  N N 47  
ARG NH2  N  N N 48  
ARG OXT  O  N N 49  
ARG H    H  N N 50  
ARG H2   H  N N 51  
ARG HA   H  N N 52  
ARG HB2  H  N N 53  
ARG HB3  H  N N 54  
ARG HG2  H  N N 55  
ARG HG3  H  N N 56  
ARG HD2  H  N N 57  
ARG HD3  H  N N 58  
ARG HE   H  N N 59  
ARG HH11 H  N N 60  
ARG HH12 H  N N 61  
ARG HH21 H  N N 62  
ARG HH22 H  N N 63  
ARG HXT  H  N N 64  
ASN N    N  N N 65  
ASN CA   C  N S 66  
ASN C    C  N N 67  
ASN O    O  N N 68  
ASN CB   C  N N 69  
ASN CG   C  N N 70  
ASN OD1  O  N N 71  
ASN ND2  N  N N 72  
ASN OXT  O  N N 73  
ASN H    H  N N 74  
ASN H2   H  N N 75  
ASN HA   H  N N 76  
ASN HB2  H  N N 77  
ASN HB3  H  N N 78  
ASN HD21 H  N N 79  
ASN HD22 H  N N 80  
ASN HXT  H  N N 81  
ASP N    N  N N 82  
ASP CA   C  N S 83  
ASP C    C  N N 84  
ASP O    O  N N 85  
ASP CB   C  N N 86  
ASP CG   C  N N 87  
ASP OD1  O  N N 88  
ASP OD2  O  N N 89  
ASP OXT  O  N N 90  
ASP H    H  N N 91  
ASP H2   H  N N 92  
ASP HA   H  N N 93  
ASP HB2  H  N N 94  
ASP HB3  H  N N 95  
ASP HD2  H  N N 96  
ASP HXT  H  N N 97  
CYS N    N  N N 98  
CYS CA   C  N R 99  
CYS C    C  N N 100 
CYS O    O  N N 101 
CYS CB   C  N N 102 
CYS SG   S  N N 103 
CYS OXT  O  N N 104 
CYS H    H  N N 105 
CYS H2   H  N N 106 
CYS HA   H  N N 107 
CYS HB2  H  N N 108 
CYS HB3  H  N N 109 
CYS HG   H  N N 110 
CYS HXT  H  N N 111 
GLN N    N  N N 112 
GLN CA   C  N S 113 
GLN C    C  N N 114 
GLN O    O  N N 115 
GLN CB   C  N N 116 
GLN CG   C  N N 117 
GLN CD   C  N N 118 
GLN OE1  O  N N 119 
GLN NE2  N  N N 120 
GLN OXT  O  N N 121 
GLN H    H  N N 122 
GLN H2   H  N N 123 
GLN HA   H  N N 124 
GLN HB2  H  N N 125 
GLN HB3  H  N N 126 
GLN HG2  H  N N 127 
GLN HG3  H  N N 128 
GLN HE21 H  N N 129 
GLN HE22 H  N N 130 
GLN HXT  H  N N 131 
GLU N    N  N N 132 
GLU CA   C  N S 133 
GLU C    C  N N 134 
GLU O    O  N N 135 
GLU CB   C  N N 136 
GLU CG   C  N N 137 
GLU CD   C  N N 138 
GLU OE1  O  N N 139 
GLU OE2  O  N N 140 
GLU OXT  O  N N 141 
GLU H    H  N N 142 
GLU H2   H  N N 143 
GLU HA   H  N N 144 
GLU HB2  H  N N 145 
GLU HB3  H  N N 146 
GLU HG2  H  N N 147 
GLU HG3  H  N N 148 
GLU HE2  H  N N 149 
GLU HXT  H  N N 150 
GLY N    N  N N 151 
GLY CA   C  N N 152 
GLY C    C  N N 153 
GLY O    O  N N 154 
GLY OXT  O  N N 155 
GLY H    H  N N 156 
GLY H2   H  N N 157 
GLY HA2  H  N N 158 
GLY HA3  H  N N 159 
GLY HXT  H  N N 160 
HIS N    N  N N 161 
HIS CA   C  N S 162 
HIS C    C  N N 163 
HIS O    O  N N 164 
HIS CB   C  N N 165 
HIS CG   C  Y N 166 
HIS ND1  N  Y N 167 
HIS CD2  C  Y N 168 
HIS CE1  C  Y N 169 
HIS NE2  N  Y N 170 
HIS OXT  O  N N 171 
HIS H    H  N N 172 
HIS H2   H  N N 173 
HIS HA   H  N N 174 
HIS HB2  H  N N 175 
HIS HB3  H  N N 176 
HIS HD1  H  N N 177 
HIS HD2  H  N N 178 
HIS HE1  H  N N 179 
HIS HE2  H  N N 180 
HIS HXT  H  N N 181 
HOH O    O  N N 182 
HOH H1   H  N N 183 
HOH H2   H  N N 184 
ILE N    N  N N 185 
ILE CA   C  N S 186 
ILE C    C  N N 187 
ILE O    O  N N 188 
ILE CB   C  N S 189 
ILE CG1  C  N N 190 
ILE CG2  C  N N 191 
ILE CD1  C  N N 192 
ILE OXT  O  N N 193 
ILE H    H  N N 194 
ILE H2   H  N N 195 
ILE HA   H  N N 196 
ILE HB   H  N N 197 
ILE HG12 H  N N 198 
ILE HG13 H  N N 199 
ILE HG21 H  N N 200 
ILE HG22 H  N N 201 
ILE HG23 H  N N 202 
ILE HD11 H  N N 203 
ILE HD12 H  N N 204 
ILE HD13 H  N N 205 
ILE HXT  H  N N 206 
K   K    K  N N 207 
LEU N    N  N N 208 
LEU CA   C  N S 209 
LEU C    C  N N 210 
LEU O    O  N N 211 
LEU CB   C  N N 212 
LEU CG   C  N N 213 
LEU CD1  C  N N 214 
LEU CD2  C  N N 215 
LEU OXT  O  N N 216 
LEU H    H  N N 217 
LEU H2   H  N N 218 
LEU HA   H  N N 219 
LEU HB2  H  N N 220 
LEU HB3  H  N N 221 
LEU HG   H  N N 222 
LEU HD11 H  N N 223 
LEU HD12 H  N N 224 
LEU HD13 H  N N 225 
LEU HD21 H  N N 226 
LEU HD22 H  N N 227 
LEU HD23 H  N N 228 
LEU HXT  H  N N 229 
LYS N    N  N N 230 
LYS CA   C  N S 231 
LYS C    C  N N 232 
LYS O    O  N N 233 
LYS CB   C  N N 234 
LYS CG   C  N N 235 
LYS CD   C  N N 236 
LYS CE   C  N N 237 
LYS NZ   N  N N 238 
LYS OXT  O  N N 239 
LYS H    H  N N 240 
LYS H2   H  N N 241 
LYS HA   H  N N 242 
LYS HB2  H  N N 243 
LYS HB3  H  N N 244 
LYS HG2  H  N N 245 
LYS HG3  H  N N 246 
LYS HD2  H  N N 247 
LYS HD3  H  N N 248 
LYS HE2  H  N N 249 
LYS HE3  H  N N 250 
LYS HZ1  H  N N 251 
LYS HZ2  H  N N 252 
LYS HZ3  H  N N 253 
LYS HXT  H  N N 254 
MET N    N  N N 255 
MET CA   C  N S 256 
MET C    C  N N 257 
MET O    O  N N 258 
MET CB   C  N N 259 
MET CG   C  N N 260 
MET SD   S  N N 261 
MET CE   C  N N 262 
MET OXT  O  N N 263 
MET H    H  N N 264 
MET H2   H  N N 265 
MET HA   H  N N 266 
MET HB2  H  N N 267 
MET HB3  H  N N 268 
MET HG2  H  N N 269 
MET HG3  H  N N 270 
MET HE1  H  N N 271 
MET HE2  H  N N 272 
MET HE3  H  N N 273 
MET HXT  H  N N 274 
PHE N    N  N N 275 
PHE CA   C  N S 276 
PHE C    C  N N 277 
PHE O    O  N N 278 
PHE CB   C  N N 279 
PHE CG   C  Y N 280 
PHE CD1  C  Y N 281 
PHE CD2  C  Y N 282 
PHE CE1  C  Y N 283 
PHE CE2  C  Y N 284 
PHE CZ   C  Y N 285 
PHE OXT  O  N N 286 
PHE H    H  N N 287 
PHE H2   H  N N 288 
PHE HA   H  N N 289 
PHE HB2  H  N N 290 
PHE HB3  H  N N 291 
PHE HD1  H  N N 292 
PHE HD2  H  N N 293 
PHE HE1  H  N N 294 
PHE HE2  H  N N 295 
PHE HZ   H  N N 296 
PHE HXT  H  N N 297 
PRO N    N  N N 298 
PRO CA   C  N S 299 
PRO C    C  N N 300 
PRO O    O  N N 301 
PRO CB   C  N N 302 
PRO CG   C  N N 303 
PRO CD   C  N N 304 
PRO OXT  O  N N 305 
PRO H    H  N N 306 
PRO HA   H  N N 307 
PRO HB2  H  N N 308 
PRO HB3  H  N N 309 
PRO HG2  H  N N 310 
PRO HG3  H  N N 311 
PRO HD2  H  N N 312 
PRO HD3  H  N N 313 
PRO HXT  H  N N 314 
SER N    N  N N 315 
SER CA   C  N S 316 
SER C    C  N N 317 
SER O    O  N N 318 
SER CB   C  N N 319 
SER OG   O  N N 320 
SER OXT  O  N N 321 
SER H    H  N N 322 
SER H2   H  N N 323 
SER HA   H  N N 324 
SER HB2  H  N N 325 
SER HB3  H  N N 326 
SER HG   H  N N 327 
SER HXT  H  N N 328 
THR N    N  N N 329 
THR CA   C  N S 330 
THR C    C  N N 331 
THR O    O  N N 332 
THR CB   C  N R 333 
THR OG1  O  N N 334 
THR CG2  C  N N 335 
THR OXT  O  N N 336 
THR H    H  N N 337 
THR H2   H  N N 338 
THR HA   H  N N 339 
THR HB   H  N N 340 
THR HG1  H  N N 341 
THR HG21 H  N N 342 
THR HG22 H  N N 343 
THR HG23 H  N N 344 
THR HXT  H  N N 345 
TRP N    N  N N 346 
TRP CA   C  N S 347 
TRP C    C  N N 348 
TRP O    O  N N 349 
TRP CB   C  N N 350 
TRP CG   C  Y N 351 
TRP CD1  C  Y N 352 
TRP CD2  C  Y N 353 
TRP NE1  N  Y N 354 
TRP CE2  C  Y N 355 
TRP CE3  C  Y N 356 
TRP CZ2  C  Y N 357 
TRP CZ3  C  Y N 358 
TRP CH2  C  Y N 359 
TRP OXT  O  N N 360 
TRP H    H  N N 361 
TRP H2   H  N N 362 
TRP HA   H  N N 363 
TRP HB2  H  N N 364 
TRP HB3  H  N N 365 
TRP HD1  H  N N 366 
TRP HE1  H  N N 367 
TRP HE3  H  N N 368 
TRP HZ2  H  N N 369 
TRP HZ3  H  N N 370 
TRP HH2  H  N N 371 
TRP HXT  H  N N 372 
TYR N    N  N N 373 
TYR CA   C  N S 374 
TYR C    C  N N 375 
TYR O    O  N N 376 
TYR CB   C  N N 377 
TYR CG   C  Y N 378 
TYR CD1  C  Y N 379 
TYR CD2  C  Y N 380 
TYR CE1  C  Y N 381 
TYR CE2  C  Y N 382 
TYR CZ   C  Y N 383 
TYR OH   O  N N 384 
TYR OXT  O  N N 385 
TYR H    H  N N 386 
TYR H2   H  N N 387 
TYR HA   H  N N 388 
TYR HB2  H  N N 389 
TYR HB3  H  N N 390 
TYR HD1  H  N N 391 
TYR HD2  H  N N 392 
TYR HE1  H  N N 393 
TYR HE2  H  N N 394 
TYR HH   H  N N 395 
TYR HXT  H  N N 396 
VAL N    N  N N 397 
VAL CA   C  N S 398 
VAL C    C  N N 399 
VAL O    O  N N 400 
VAL CB   C  N N 401 
VAL CG1  C  N N 402 
VAL CG2  C  N N 403 
VAL OXT  O  N N 404 
VAL H    H  N N 405 
VAL H2   H  N N 406 
VAL HA   H  N N 407 
VAL HB   H  N N 408 
VAL HG11 H  N N 409 
VAL HG12 H  N N 410 
VAL HG13 H  N N 411 
VAL HG21 H  N N 412 
VAL HG22 H  N N 413 
VAL HG23 H  N N 414 
VAL HXT  H  N N 415 
ZN  ZN   ZN N N 416 
# 
loop_
_chem_comp_bond.comp_id 
_chem_comp_bond.atom_id_1 
_chem_comp_bond.atom_id_2 
_chem_comp_bond.value_order 
_chem_comp_bond.pdbx_aromatic_flag 
_chem_comp_bond.pdbx_stereo_config 
_chem_comp_bond.pdbx_ordinal 
3C7 O10 C09  doub N N 1   
3C7 C09 C08  sing N N 2   
3C7 C09 O11  sing N N 3   
3C7 S01 C02  sing N N 4   
3C7 C08 C12  sing N N 5   
3C7 C08 N07  sing N N 6   
3C7 C12 S13  sing N N 7   
3C7 N07 C03  sing N N 8   
3C7 N07 C06  sing N N 9   
3C7 C02 C03  sing N N 10  
3C7 C03 S04  sing N N 11  
3C7 S13 C06  sing N N 12  
3C7 C06 C05  sing N N 13  
3C7 S04 C05  sing N N 14  
3C7 C12 H122 sing N N 15  
3C7 C12 H121 sing N N 16  
3C7 O11 H1   sing N N 17  
3C7 C08 H08  sing N N 18  
3C7 C03 H03  sing N N 19  
3C7 C02 H021 sing N N 20  
3C7 C02 H022 sing N N 21  
3C7 S01 HS01 sing N N 22  
3C7 C06 H06  sing N N 23  
3C7 C05 H052 sing N N 24  
3C7 C05 H051 sing N N 25  
ALA N   CA   sing N N 26  
ALA N   H    sing N N 27  
ALA N   H2   sing N N 28  
ALA CA  C    sing N N 29  
ALA CA  CB   sing N N 30  
ALA CA  HA   sing N N 31  
ALA C   O    doub N N 32  
ALA C   OXT  sing N N 33  
ALA CB  HB1  sing N N 34  
ALA CB  HB2  sing N N 35  
ALA CB  HB3  sing N N 36  
ALA OXT HXT  sing N N 37  
ARG N   CA   sing N N 38  
ARG N   H    sing N N 39  
ARG N   H2   sing N N 40  
ARG CA  C    sing N N 41  
ARG CA  CB   sing N N 42  
ARG CA  HA   sing N N 43  
ARG C   O    doub N N 44  
ARG C   OXT  sing N N 45  
ARG CB  CG   sing N N 46  
ARG CB  HB2  sing N N 47  
ARG CB  HB3  sing N N 48  
ARG CG  CD   sing N N 49  
ARG CG  HG2  sing N N 50  
ARG CG  HG3  sing N N 51  
ARG CD  NE   sing N N 52  
ARG CD  HD2  sing N N 53  
ARG CD  HD3  sing N N 54  
ARG NE  CZ   sing N N 55  
ARG NE  HE   sing N N 56  
ARG CZ  NH1  sing N N 57  
ARG CZ  NH2  doub N N 58  
ARG NH1 HH11 sing N N 59  
ARG NH1 HH12 sing N N 60  
ARG NH2 HH21 sing N N 61  
ARG NH2 HH22 sing N N 62  
ARG OXT HXT  sing N N 63  
ASN N   CA   sing N N 64  
ASN N   H    sing N N 65  
ASN N   H2   sing N N 66  
ASN CA  C    sing N N 67  
ASN CA  CB   sing N N 68  
ASN CA  HA   sing N N 69  
ASN C   O    doub N N 70  
ASN C   OXT  sing N N 71  
ASN CB  CG   sing N N 72  
ASN CB  HB2  sing N N 73  
ASN CB  HB3  sing N N 74  
ASN CG  OD1  doub N N 75  
ASN CG  ND2  sing N N 76  
ASN ND2 HD21 sing N N 77  
ASN ND2 HD22 sing N N 78  
ASN OXT HXT  sing N N 79  
ASP N   CA   sing N N 80  
ASP N   H    sing N N 81  
ASP N   H2   sing N N 82  
ASP CA  C    sing N N 83  
ASP CA  CB   sing N N 84  
ASP CA  HA   sing N N 85  
ASP C   O    doub N N 86  
ASP C   OXT  sing N N 87  
ASP CB  CG   sing N N 88  
ASP CB  HB2  sing N N 89  
ASP CB  HB3  sing N N 90  
ASP CG  OD1  doub N N 91  
ASP CG  OD2  sing N N 92  
ASP OD2 HD2  sing N N 93  
ASP OXT HXT  sing N N 94  
CYS N   CA   sing N N 95  
CYS N   H    sing N N 96  
CYS N   H2   sing N N 97  
CYS CA  C    sing N N 98  
CYS CA  CB   sing N N 99  
CYS CA  HA   sing N N 100 
CYS C   O    doub N N 101 
CYS C   OXT  sing N N 102 
CYS CB  SG   sing N N 103 
CYS CB  HB2  sing N N 104 
CYS CB  HB3  sing N N 105 
CYS SG  HG   sing N N 106 
CYS OXT HXT  sing N N 107 
GLN N   CA   sing N N 108 
GLN N   H    sing N N 109 
GLN N   H2   sing N N 110 
GLN CA  C    sing N N 111 
GLN CA  CB   sing N N 112 
GLN CA  HA   sing N N 113 
GLN C   O    doub N N 114 
GLN C   OXT  sing N N 115 
GLN CB  CG   sing N N 116 
GLN CB  HB2  sing N N 117 
GLN CB  HB3  sing N N 118 
GLN CG  CD   sing N N 119 
GLN CG  HG2  sing N N 120 
GLN CG  HG3  sing N N 121 
GLN CD  OE1  doub N N 122 
GLN CD  NE2  sing N N 123 
GLN NE2 HE21 sing N N 124 
GLN NE2 HE22 sing N N 125 
GLN OXT HXT  sing N N 126 
GLU N   CA   sing N N 127 
GLU N   H    sing N N 128 
GLU N   H2   sing N N 129 
GLU CA  C    sing N N 130 
GLU CA  CB   sing N N 131 
GLU CA  HA   sing N N 132 
GLU C   O    doub N N 133 
GLU C   OXT  sing N N 134 
GLU CB  CG   sing N N 135 
GLU CB  HB2  sing N N 136 
GLU CB  HB3  sing N N 137 
GLU CG  CD   sing N N 138 
GLU CG  HG2  sing N N 139 
GLU CG  HG3  sing N N 140 
GLU CD  OE1  doub N N 141 
GLU CD  OE2  sing N N 142 
GLU OE2 HE2  sing N N 143 
GLU OXT HXT  sing N N 144 
GLY N   CA   sing N N 145 
GLY N   H    sing N N 146 
GLY N   H2   sing N N 147 
GLY CA  C    sing N N 148 
GLY CA  HA2  sing N N 149 
GLY CA  HA3  sing N N 150 
GLY C   O    doub N N 151 
GLY C   OXT  sing N N 152 
GLY OXT HXT  sing N N 153 
HIS N   CA   sing N N 154 
HIS N   H    sing N N 155 
HIS N   H2   sing N N 156 
HIS CA  C    sing N N 157 
HIS CA  CB   sing N N 158 
HIS CA  HA   sing N N 159 
HIS C   O    doub N N 160 
HIS C   OXT  sing N N 161 
HIS CB  CG   sing N N 162 
HIS CB  HB2  sing N N 163 
HIS CB  HB3  sing N N 164 
HIS CG  ND1  sing Y N 165 
HIS CG  CD2  doub Y N 166 
HIS ND1 CE1  doub Y N 167 
HIS ND1 HD1  sing N N 168 
HIS CD2 NE2  sing Y N 169 
HIS CD2 HD2  sing N N 170 
HIS CE1 NE2  sing Y N 171 
HIS CE1 HE1  sing N N 172 
HIS NE2 HE2  sing N N 173 
HIS OXT HXT  sing N N 174 
HOH O   H1   sing N N 175 
HOH O   H2   sing N N 176 
ILE N   CA   sing N N 177 
ILE N   H    sing N N 178 
ILE N   H2   sing N N 179 
ILE CA  C    sing N N 180 
ILE CA  CB   sing N N 181 
ILE CA  HA   sing N N 182 
ILE C   O    doub N N 183 
ILE C   OXT  sing N N 184 
ILE CB  CG1  sing N N 185 
ILE CB  CG2  sing N N 186 
ILE CB  HB   sing N N 187 
ILE CG1 CD1  sing N N 188 
ILE CG1 HG12 sing N N 189 
ILE CG1 HG13 sing N N 190 
ILE CG2 HG21 sing N N 191 
ILE CG2 HG22 sing N N 192 
ILE CG2 HG23 sing N N 193 
ILE CD1 HD11 sing N N 194 
ILE CD1 HD12 sing N N 195 
ILE CD1 HD13 sing N N 196 
ILE OXT HXT  sing N N 197 
LEU N   CA   sing N N 198 
LEU N   H    sing N N 199 
LEU N   H2   sing N N 200 
LEU CA  C    sing N N 201 
LEU CA  CB   sing N N 202 
LEU CA  HA   sing N N 203 
LEU C   O    doub N N 204 
LEU C   OXT  sing N N 205 
LEU CB  CG   sing N N 206 
LEU CB  HB2  sing N N 207 
LEU CB  HB3  sing N N 208 
LEU CG  CD1  sing N N 209 
LEU CG  CD2  sing N N 210 
LEU CG  HG   sing N N 211 
LEU CD1 HD11 sing N N 212 
LEU CD1 HD12 sing N N 213 
LEU CD1 HD13 sing N N 214 
LEU CD2 HD21 sing N N 215 
LEU CD2 HD22 sing N N 216 
LEU CD2 HD23 sing N N 217 
LEU OXT HXT  sing N N 218 
LYS N   CA   sing N N 219 
LYS N   H    sing N N 220 
LYS N   H2   sing N N 221 
LYS CA  C    sing N N 222 
LYS CA  CB   sing N N 223 
LYS CA  HA   sing N N 224 
LYS C   O    doub N N 225 
LYS C   OXT  sing N N 226 
LYS CB  CG   sing N N 227 
LYS CB  HB2  sing N N 228 
LYS CB  HB3  sing N N 229 
LYS CG  CD   sing N N 230 
LYS CG  HG2  sing N N 231 
LYS CG  HG3  sing N N 232 
LYS CD  CE   sing N N 233 
LYS CD  HD2  sing N N 234 
LYS CD  HD3  sing N N 235 
LYS CE  NZ   sing N N 236 
LYS CE  HE2  sing N N 237 
LYS CE  HE3  sing N N 238 
LYS NZ  HZ1  sing N N 239 
LYS NZ  HZ2  sing N N 240 
LYS NZ  HZ3  sing N N 241 
LYS OXT HXT  sing N N 242 
MET N   CA   sing N N 243 
MET N   H    sing N N 244 
MET N   H2   sing N N 245 
MET CA  C    sing N N 246 
MET CA  CB   sing N N 247 
MET CA  HA   sing N N 248 
MET C   O    doub N N 249 
MET C   OXT  sing N N 250 
MET CB  CG   sing N N 251 
MET CB  HB2  sing N N 252 
MET CB  HB3  sing N N 253 
MET CG  SD   sing N N 254 
MET CG  HG2  sing N N 255 
MET CG  HG3  sing N N 256 
MET SD  CE   sing N N 257 
MET CE  HE1  sing N N 258 
MET CE  HE2  sing N N 259 
MET CE  HE3  sing N N 260 
MET OXT HXT  sing N N 261 
PHE N   CA   sing N N 262 
PHE N   H    sing N N 263 
PHE N   H2   sing N N 264 
PHE CA  C    sing N N 265 
PHE CA  CB   sing N N 266 
PHE CA  HA   sing N N 267 
PHE C   O    doub N N 268 
PHE C   OXT  sing N N 269 
PHE CB  CG   sing N N 270 
PHE CB  HB2  sing N N 271 
PHE CB  HB3  sing N N 272 
PHE CG  CD1  doub Y N 273 
PHE CG  CD2  sing Y N 274 
PHE CD1 CE1  sing Y N 275 
PHE CD1 HD1  sing N N 276 
PHE CD2 CE2  doub Y N 277 
PHE CD2 HD2  sing N N 278 
PHE CE1 CZ   doub Y N 279 
PHE CE1 HE1  sing N N 280 
PHE CE2 CZ   sing Y N 281 
PHE CE2 HE2  sing N N 282 
PHE CZ  HZ   sing N N 283 
PHE OXT HXT  sing N N 284 
PRO N   CA   sing N N 285 
PRO N   CD   sing N N 286 
PRO N   H    sing N N 287 
PRO CA  C    sing N N 288 
PRO CA  CB   sing N N 289 
PRO CA  HA   sing N N 290 
PRO C   O    doub N N 291 
PRO C   OXT  sing N N 292 
PRO CB  CG   sing N N 293 
PRO CB  HB2  sing N N 294 
PRO CB  HB3  sing N N 295 
PRO CG  CD   sing N N 296 
PRO CG  HG2  sing N N 297 
PRO CG  HG3  sing N N 298 
PRO CD  HD2  sing N N 299 
PRO CD  HD3  sing N N 300 
PRO OXT HXT  sing N N 301 
SER N   CA   sing N N 302 
SER N   H    sing N N 303 
SER N   H2   sing N N 304 
SER CA  C    sing N N 305 
SER CA  CB   sing N N 306 
SER CA  HA   sing N N 307 
SER C   O    doub N N 308 
SER C   OXT  sing N N 309 
SER CB  OG   sing N N 310 
SER CB  HB2  sing N N 311 
SER CB  HB3  sing N N 312 
SER OG  HG   sing N N 313 
SER OXT HXT  sing N N 314 
THR N   CA   sing N N 315 
THR N   H    sing N N 316 
THR N   H2   sing N N 317 
THR CA  C    sing N N 318 
THR CA  CB   sing N N 319 
THR CA  HA   sing N N 320 
THR C   O    doub N N 321 
THR C   OXT  sing N N 322 
THR CB  OG1  sing N N 323 
THR CB  CG2  sing N N 324 
THR CB  HB   sing N N 325 
THR OG1 HG1  sing N N 326 
THR CG2 HG21 sing N N 327 
THR CG2 HG22 sing N N 328 
THR CG2 HG23 sing N N 329 
THR OXT HXT  sing N N 330 
TRP N   CA   sing N N 331 
TRP N   H    sing N N 332 
TRP N   H2   sing N N 333 
TRP CA  C    sing N N 334 
TRP CA  CB   sing N N 335 
TRP CA  HA   sing N N 336 
TRP C   O    doub N N 337 
TRP C   OXT  sing N N 338 
TRP CB  CG   sing N N 339 
TRP CB  HB2  sing N N 340 
TRP CB  HB3  sing N N 341 
TRP CG  CD1  doub Y N 342 
TRP CG  CD2  sing Y N 343 
TRP CD1 NE1  sing Y N 344 
TRP CD1 HD1  sing N N 345 
TRP CD2 CE2  doub Y N 346 
TRP CD2 CE3  sing Y N 347 
TRP NE1 CE2  sing Y N 348 
TRP NE1 HE1  sing N N 349 
TRP CE2 CZ2  sing Y N 350 
TRP CE3 CZ3  doub Y N 351 
TRP CE3 HE3  sing N N 352 
TRP CZ2 CH2  doub Y N 353 
TRP CZ2 HZ2  sing N N 354 
TRP CZ3 CH2  sing Y N 355 
TRP CZ3 HZ3  sing N N 356 
TRP CH2 HH2  sing N N 357 
TRP OXT HXT  sing N N 358 
TYR N   CA   sing N N 359 
TYR N   H    sing N N 360 
TYR N   H2   sing N N 361 
TYR CA  C    sing N N 362 
TYR CA  CB   sing N N 363 
TYR CA  HA   sing N N 364 
TYR C   O    doub N N 365 
TYR C   OXT  sing N N 366 
TYR CB  CG   sing N N 367 
TYR CB  HB2  sing N N 368 
TYR CB  HB3  sing N N 369 
TYR CG  CD1  doub Y N 370 
TYR CG  CD2  sing Y N 371 
TYR CD1 CE1  sing Y N 372 
TYR CD1 HD1  sing N N 373 
TYR CD2 CE2  doub Y N 374 
TYR CD2 HD2  sing N N 375 
TYR CE1 CZ   doub Y N 376 
TYR CE1 HE1  sing N N 377 
TYR CE2 CZ   sing Y N 378 
TYR CE2 HE2  sing N N 379 
TYR CZ  OH   sing N N 380 
TYR OH  HH   sing N N 381 
TYR OXT HXT  sing N N 382 
VAL N   CA   sing N N 383 
VAL N   H    sing N N 384 
VAL N   H2   sing N N 385 
VAL CA  C    sing N N 386 
VAL CA  CB   sing N N 387 
VAL CA  HA   sing N N 388 
VAL C   O    doub N N 389 
VAL C   OXT  sing N N 390 
VAL CB  CG1  sing N N 391 
VAL CB  CG2  sing N N 392 
VAL CB  HB   sing N N 393 
VAL CG1 HG11 sing N N 394 
VAL CG1 HG12 sing N N 395 
VAL CG1 HG13 sing N N 396 
VAL CG2 HG21 sing N N 397 
VAL CG2 HG22 sing N N 398 
VAL CG2 HG23 sing N N 399 
VAL OXT HXT  sing N N 400 
# 
_atom_sites.entry_id                    4NQ5 
_atom_sites.fract_transf_matrix[1][1]   0.00377801 
_atom_sites.fract_transf_matrix[1][2]   -0.01619587 
_atom_sites.fract_transf_matrix[1][3]   -0.00883753 
_atom_sites.fract_transf_matrix[2][1]   -0.01290909 
_atom_sites.fract_transf_matrix[2][2]   0.00238843 
_atom_sites.fract_transf_matrix[2][3]   -0.00989568 
_atom_sites.fract_transf_matrix[3][1]   0.00859189 
_atom_sites.fract_transf_matrix[3][2]   0.00639674 
_atom_sites.fract_transf_matrix[3][3]   -0.00966434 
_atom_sites.fract_transf_vector[1]      0.187998 
_atom_sites.fract_transf_vector[2]      -0.001560 
_atom_sites.fract_transf_vector[3]      0.258633 
# 
loop_
_atom_type.symbol 
C  
K  
N  
O  
S  
ZN 
# 
loop_
_atom_site.group_PDB 
_atom_site.id 
_atom_site.type_symbol 
_atom_site.label_atom_id 
_atom_site.label_alt_id 
_atom_site.label_comp_id 
_atom_site.label_asym_id 
_atom_site.label_entity_id 
_atom_site.label_seq_id 
_atom_site.pdbx_PDB_ins_code 
_atom_site.Cartn_x 
_atom_site.Cartn_y 
_atom_site.Cartn_z 
_atom_site.occupancy 
_atom_site.B_iso_or_equiv 
_atom_site.pdbx_formal_charge 
_atom_site.auth_seq_id 
_atom_site.auth_comp_id 
_atom_site.auth_asym_id 
_atom_site.auth_atom_id 
_atom_site.pdbx_PDB_model_num 
ATOM   1    N  N   . THR A 1 2   ? -7.595  -19.429 1.512   1.00 60.52 ? 7   THR A N   1 
ATOM   2    C  CA  . THR A 1 2   ? -6.971  -18.543 0.492   1.00 62.31 ? 7   THR A CA  1 
ATOM   3    C  C   . THR A 1 2   ? -7.775  -17.250 0.256   1.00 65.86 ? 7   THR A C   1 
ATOM   4    O  O   . THR A 1 2   ? -7.288  -16.212 0.657   1.00 81.85 ? 7   THR A O   1 
ATOM   5    C  CB  . THR A 1 2   ? -6.579  -19.320 -0.802  1.00 62.51 ? 7   THR A CB  1 
ATOM   6    O  OG1 . THR A 1 2   ? -5.192  -19.711 -0.710  1.00 62.09 ? 7   THR A OG1 1 
ATOM   7    C  CG2 . THR A 1 2   ? -6.775  -18.499 -2.074  1.00 61.55 ? 7   THR A CG2 1 
ATOM   8    N  N   . VAL A 1 3   ? -8.977  -17.270 -0.327  1.00 59.81 ? 8   VAL A N   1 
ATOM   9    C  CA  . VAL A 1 3   ? -9.583  -16.002 -0.812  1.00 57.20 ? 8   VAL A CA  1 
ATOM   10   C  C   . VAL A 1 3   ? -11.093 -15.782 -0.529  1.00 57.07 ? 8   VAL A C   1 
ATOM   11   O  O   . VAL A 1 3   ? -11.910 -16.345 -1.225  1.00 65.22 ? 8   VAL A O   1 
ATOM   12   C  CB  . VAL A 1 3   ? -9.322  -15.833 -2.345  1.00 52.08 ? 8   VAL A CB  1 
ATOM   13   N  N   . ILE A 1 4   ? -11.456 -14.934 0.450   1.00 56.14 ? 9   ILE A N   1 
ATOM   14   C  CA  . ILE A 1 4   ? -12.873 -14.569 0.734   1.00 53.94 ? 9   ILE A CA  1 
ATOM   15   C  C   . ILE A 1 4   ? -13.383 -13.428 -0.172  1.00 52.54 ? 9   ILE A C   1 
ATOM   16   O  O   . ILE A 1 4   ? -12.572 -12.772 -0.796  1.00 56.31 ? 9   ILE A O   1 
ATOM   17   C  CB  . ILE A 1 4   ? -13.055 -14.168 2.222   1.00 50.60 ? 9   ILE A CB  1 
ATOM   18   N  N   . LYS A 1 5   ? -14.695 -13.159 -0.242  1.00 51.44 ? 10  LYS A N   1 
ATOM   19   C  CA  . LYS A 1 5   ? -15.206 -12.136 -1.212  1.00 54.29 ? 10  LYS A CA  1 
ATOM   20   C  C   . LYS A 1 5   ? -16.553 -11.497 -0.871  1.00 56.90 ? 10  LYS A C   1 
ATOM   21   O  O   . LYS A 1 5   ? -17.502 -12.192 -0.561  1.00 56.69 ? 10  LYS A O   1 
ATOM   22   C  CB  . LYS A 1 5   ? -15.321 -12.729 -2.631  1.00 46.90 ? 10  LYS A CB  1 
ATOM   23   N  N   . ASN A 1 6   ? -16.652 -10.176 -0.988  1.00 60.52 ? 11  ASN A N   1 
ATOM   24   C  CA  . ASN A 1 6   ? -17.940 -9.475  -0.812  1.00 69.88 ? 11  ASN A CA  1 
ATOM   25   C  C   . ASN A 1 6   ? -19.065 -9.969  -1.778  1.00 76.42 ? 11  ASN A C   1 
ATOM   26   O  O   . ASN A 1 6   ? -18.773 -10.631 -2.791  1.00 65.98 ? 11  ASN A O   1 
ATOM   27   C  CB  . ASN A 1 6   ? -17.750 -7.941  -0.908  1.00 70.07 ? 11  ASN A CB  1 
ATOM   28   C  CG  . ASN A 1 6   ? -17.407 -7.446  -2.330  1.00 76.49 ? 11  ASN A CG  1 
ATOM   29   O  OD1 . ASN A 1 6   ? -17.270 -6.234  -2.563  1.00 79.06 ? 11  ASN A OD1 1 
ATOM   30   N  ND2 . ASN A 1 6   ? -17.265 -8.370  -3.279  1.00 75.84 ? 11  ASN A ND2 1 
ATOM   31   N  N   . GLU A 1 7   ? -20.328 -9.634  -1.455  1.00 81.72 ? 12  GLU A N   1 
ATOM   32   C  CA  . GLU A 1 7   ? -21.514 -10.056 -2.240  1.00 83.89 ? 12  GLU A CA  1 
ATOM   33   C  C   . GLU A 1 7   ? -21.403 -9.720  -3.747  1.00 82.05 ? 12  GLU A C   1 
ATOM   34   O  O   . GLU A 1 7   ? -21.408 -10.639 -4.571  1.00 79.17 ? 12  GLU A O   1 
ATOM   35   C  CB  . GLU A 1 7   ? -22.813 -9.482  -1.639  1.00 83.81 ? 12  GLU A CB  1 
ATOM   36   N  N   . THR A 1 8   ? -21.289 -8.429  -4.096  1.00 76.75 ? 13  THR A N   1 
ATOM   37   C  CA  . THR A 1 8   ? -21.006 -7.999  -5.479  1.00 68.95 ? 13  THR A CA  1 
ATOM   38   C  C   . THR A 1 8   ? -19.633 -8.552  -5.886  1.00 70.04 ? 13  THR A C   1 
ATOM   39   O  O   . THR A 1 8   ? -18.991 -9.264  -5.111  1.00 63.95 ? 13  THR A O   1 
ATOM   40   C  CB  . THR A 1 8   ? -21.004 -6.456  -5.612  1.00 66.32 ? 13  THR A CB  1 
ATOM   41   N  N   . GLY A 1 9   ? -19.170 -8.252  -7.093  1.00 68.53 ? 14  GLY A N   1 
ATOM   42   C  CA  . GLY A 1 9   ? -17.780 -8.593  -7.440  1.00 71.33 ? 14  GLY A CA  1 
ATOM   43   C  C   . GLY A 1 9   ? -16.733 -7.770  -6.668  1.00 64.85 ? 14  GLY A C   1 
ATOM   44   O  O   . GLY A 1 9   ? -15.637 -8.238  -6.413  1.00 64.67 ? 14  GLY A O   1 
ATOM   45   N  N   . THR A 1 10  ? -17.110 -6.557  -6.272  1.00 60.34 ? 15  THR A N   1 
ATOM   46   C  CA  . THR A 1 10  ? -16.209 -5.479  -5.816  1.00 59.65 ? 15  THR A CA  1 
ATOM   47   C  C   . THR A 1 10  ? -14.834 -5.799  -5.144  1.00 58.96 ? 15  THR A C   1 
ATOM   48   O  O   . THR A 1 10  ? -13.839 -5.120  -5.444  1.00 61.73 ? 15  THR A O   1 
ATOM   49   C  CB  . THR A 1 10  ? -16.995 -4.496  -4.903  1.00 51.19 ? 15  THR A CB  1 
ATOM   50   N  N   . ILE A 1 11  ? -14.766 -6.794  -4.259  1.00 54.40 ? 16  ILE A N   1 
ATOM   51   C  CA  . ILE A 1 11  ? -13.655 -6.921  -3.290  1.00 56.55 ? 16  ILE A CA  1 
ATOM   52   C  C   . ILE A 1 11  ? -13.232 -8.353  -2.942  1.00 55.98 ? 16  ILE A C   1 
ATOM   53   O  O   . ILE A 1 11  ? -14.065 -9.243  -2.816  1.00 65.90 ? 16  ILE A O   1 
ATOM   54   C  CB  . ILE A 1 11  ? -14.016 -6.254  -1.947  1.00 54.24 ? 16  ILE A CB  1 
ATOM   55   C  CG1 . ILE A 1 11  ? -14.289 -4.771  -2.160  1.00 56.21 ? 16  ILE A CG1 1 
ATOM   56   C  CG2 . ILE A 1 11  ? -12.893 -6.434  -0.927  1.00 51.85 ? 16  ILE A CG2 1 
ATOM   57   C  CD1 . ILE A 1 11  ? -14.583 -4.033  -0.880  1.00 58.69 ? 16  ILE A CD1 1 
ATOM   58   N  N   . SER A 1 12  ? -11.932 -8.540  -2.717  1.00 51.10 ? 17  SER A N   1 
ATOM   59   C  CA  . SER A 1 12  ? -11.344 -9.837  -2.358  1.00 48.91 ? 17  SER A CA  1 
ATOM   60   C  C   . SER A 1 12  ? -10.173 -9.684  -1.370  1.00 51.41 ? 17  SER A C   1 
ATOM   61   O  O   . SER A 1 12  ? -9.455  -8.683  -1.424  1.00 55.70 ? 17  SER A O   1 
ATOM   62   C  CB  . SER A 1 12  ? -10.854 -10.538 -3.634  1.00 50.06 ? 17  SER A CB  1 
ATOM   63   O  OG  . SER A 1 12  ? -9.710  -11.347 -3.376  1.00 49.72 ? 17  SER A OG  1 
ATOM   64   N  N   . ILE A 1 13  ? -9.963  -10.677 -0.491  1.00 51.38 ? 18  ILE A N   1 
ATOM   65   C  CA  . ILE A 1 13  ? -8.826  -10.682 0.434   1.00 48.21 ? 18  ILE A CA  1 
ATOM   66   C  C   . ILE A 1 13  ? -8.192  -12.062 0.464   1.00 51.71 ? 18  ILE A C   1 
ATOM   67   O  O   . ILE A 1 13  ? -8.837  -12.992 0.937   1.00 63.74 ? 18  ILE A O   1 
ATOM   68   C  CB  . ILE A 1 13  ? -9.274  -10.289 1.878   1.00 48.65 ? 18  ILE A CB  1 
ATOM   69   N  N   . SER A 1 14  ? -6.944  -12.209 -0.004  1.00 48.66 ? 19  SER A N   1 
ATOM   70   C  CA  . SER A 1 14  ? -6.220  -13.514 0.038   1.00 46.54 ? 19  SER A CA  1 
ATOM   71   C  C   . SER A 1 14  ? -4.990  -13.605 0.930   1.00 49.65 ? 19  SER A C   1 
ATOM   72   O  O   . SER A 1 14  ? -4.173  -12.675 0.963   1.00 55.26 ? 19  SER A O   1 
ATOM   73   C  CB  . SER A 1 14  ? -5.782  -13.947 -1.363  1.00 49.27 ? 19  SER A CB  1 
ATOM   74   O  OG  . SER A 1 14  ? -5.435  -12.845 -2.170  1.00 45.47 ? 19  SER A OG  1 
ATOM   75   N  N   . GLN A 1 15  ? -4.816  -14.745 1.608   1.00 48.58 ? 20  GLN A N   1 
ATOM   76   C  CA  . GLN A 1 15  ? -3.832  -14.834 2.676   1.00 49.93 ? 20  GLN A CA  1 
ATOM   77   C  C   . GLN A 1 15  ? -2.406  -14.986 2.168   1.00 52.02 ? 20  GLN A C   1 
ATOM   78   O  O   . GLN A 1 15  ? -2.182  -15.487 1.089   1.00 51.02 ? 20  GLN A O   1 
ATOM   79   C  CB  . GLN A 1 15  ? -4.152  -15.981 3.615   1.00 52.29 ? 20  GLN A CB  1 
ATOM   80   C  CG  . GLN A 1 15  ? -3.319  -15.984 4.906   1.00 56.89 ? 20  GLN A CG  1 
ATOM   81   C  CD  . GLN A 1 15  ? -3.902  -16.907 5.974   1.00 63.68 ? 20  GLN A CD  1 
ATOM   82   O  OE1 . GLN A 1 15  ? -3.503  -16.882 7.153   1.00 70.20 ? 20  GLN A OE1 1 
ATOM   83   N  NE2 . GLN A 1 15  ? -4.863  -17.728 5.564   1.00 58.11 ? 20  GLN A NE2 1 
ATOM   84   N  N   . LEU A 1 16  ? -1.454  -14.520 2.968   1.00 53.20 ? 21  LEU A N   1 
ATOM   85   C  CA  . LEU A 1 16  ? -0.046  -14.732 2.723   1.00 56.79 ? 21  LEU A CA  1 
ATOM   86   C  C   . LEU A 1 16  ? 0.555   -15.458 3.929   1.00 58.53 ? 21  LEU A C   1 
ATOM   87   O  O   . LEU A 1 16  ? 1.411   -16.324 3.771   1.00 61.92 ? 21  LEU A O   1 
ATOM   88   C  CB  . LEU A 1 16  ? 0.660   -13.384 2.456   1.00 57.12 ? 21  LEU A CB  1 
ATOM   89   N  N   . ASN A 1 17  ? 0.138   -15.094 5.137   1.00 61.66 ? 22  ASN A N   1 
ATOM   90   C  CA  . ASN A 1 17  ? 0.474   -15.880 6.323   1.00 61.43 ? 22  ASN A CA  1 
ATOM   91   C  C   . ASN A 1 17  ? -0.594  -15.714 7.416   1.00 64.76 ? 22  ASN A C   1 
ATOM   92   O  O   . ASN A 1 17  ? -1.626  -15.079 7.159   1.00 72.00 ? 22  ASN A O   1 
ATOM   93   C  CB  . ASN A 1 17  ? 1.917   -15.591 6.790   1.00 62.23 ? 22  ASN A CB  1 
ATOM   94   C  CG  . ASN A 1 17  ? 2.089   -14.233 7.463   1.00 64.08 ? 22  ASN A CG  1 
ATOM   95   O  OD1 . ASN A 1 17  ? 1.423   -13.896 8.453   1.00 70.85 ? 22  ASN A OD1 1 
ATOM   96   N  ND2 . ASN A 1 17  ? 3.043   -13.473 6.969   1.00 62.71 ? 22  ASN A ND2 1 
ATOM   97   N  N   . LYS A 1 18  ? -0.372  -16.289 8.607   1.00 65.12 ? 23  LYS A N   1 
ATOM   98   C  CA  . LYS A 1 18  ? -1.350  -16.207 9.723   1.00 63.82 ? 23  LYS A CA  1 
ATOM   99   C  C   . LYS A 1 18  ? -1.952  -14.793 9.798   1.00 58.01 ? 23  LYS A C   1 
ATOM   100  O  O   . LYS A 1 18  ? -3.178  -14.625 9.805   1.00 52.41 ? 23  LYS A O   1 
ATOM   101  C  CB  . LYS A 1 18  ? -0.703  -16.600 11.081  1.00 58.94 ? 23  LYS A CB  1 
ATOM   102  N  N   . ASN A 1 19  ? -1.066  -13.797 9.758   1.00 51.29 ? 24  ASN A N   1 
ATOM   103  C  CA  . ASN A 1 19  ? -1.381  -12.427 10.126  1.00 51.37 ? 24  ASN A CA  1 
ATOM   104  C  C   . ASN A 1 19  ? -1.340  -11.392 9.027   1.00 44.49 ? 24  ASN A C   1 
ATOM   105  O  O   . ASN A 1 19  ? -1.389  -10.221 9.309   1.00 51.06 ? 24  ASN A O   1 
ATOM   106  C  CB  . ASN A 1 19  ? -0.356  -11.979 11.149  1.00 54.02 ? 24  ASN A CB  1 
ATOM   107  C  CG  . ASN A 1 19  ? -0.137  -13.007 12.197  1.00 57.45 ? 24  ASN A CG  1 
ATOM   108  O  OD1 . ASN A 1 19  ? 0.715   -13.890 12.040  1.00 69.99 ? 24  ASN A OD1 1 
ATOM   109  N  ND2 . ASN A 1 19  ? -0.941  -12.954 13.243  1.00 52.98 ? 24  ASN A ND2 1 
ATOM   110  N  N   . VAL A 1 20  ? -1.233  -11.801 7.784   1.00 43.02 ? 25  VAL A N   1 
ATOM   111  C  CA  . VAL A 1 20  ? -0.949  -10.882 6.713   1.00 38.14 ? 25  VAL A CA  1 
ATOM   112  C  C   . VAL A 1 20  ? -1.697  -11.329 5.510   1.00 38.76 ? 25  VAL A C   1 
ATOM   113  O  O   . VAL A 1 20  ? -1.445  -12.429 5.020   1.00 44.37 ? 25  VAL A O   1 
ATOM   114  C  CB  . VAL A 1 20  ? 0.518   -10.931 6.317   1.00 36.00 ? 25  VAL A CB  1 
ATOM   115  C  CG1 . VAL A 1 20  ? 0.729   -10.123 5.049   1.00 37.76 ? 25  VAL A CG1 1 
ATOM   116  C  CG2 . VAL A 1 20  ? 1.399   -10.449 7.450   1.00 37.58 ? 25  VAL A CG2 1 
ATOM   117  N  N   . TRP A 1 21  ? -2.586  -10.482 5.027   1.00 39.54 ? 26  TRP A N   1 
ATOM   118  C  CA  . TRP A 1 21  ? -3.411  -10.769 3.848   1.00 43.72 ? 26  TRP A CA  1 
ATOM   119  C  C   . TRP A 1 21  ? -3.262  -9.636  2.823   1.00 46.58 ? 26  TRP A C   1 
ATOM   120  O  O   . TRP A 1 21  ? -2.921  -8.504  3.191   1.00 49.83 ? 26  TRP A O   1 
ATOM   121  C  CB  . TRP A 1 21  ? -4.889  -10.853 4.240   1.00 44.15 ? 26  TRP A CB  1 
ATOM   122  C  CG  . TRP A 1 21  ? -5.231  -11.989 5.131   1.00 45.69 ? 26  TRP A CG  1 
ATOM   123  C  CD1 . TRP A 1 21  ? -4.718  -12.261 6.387   1.00 45.77 ? 26  TRP A CD1 1 
ATOM   124  C  CD2 . TRP A 1 21  ? -6.178  -13.019 4.847   1.00 46.79 ? 26  TRP A CD2 1 
ATOM   125  N  NE1 . TRP A 1 21  ? -5.295  -13.407 6.880   1.00 49.78 ? 26  TRP A NE1 1 
ATOM   126  C  CE2 . TRP A 1 21  ? -6.180  -13.900 5.950   1.00 47.77 ? 26  TRP A CE2 1 
ATOM   127  C  CE3 . TRP A 1 21  ? -7.028  -13.283 3.763   1.00 48.05 ? 26  TRP A CE3 1 
ATOM   128  C  CZ2 . TRP A 1 21  ? -7.006  -15.033 5.998   1.00 52.12 ? 26  TRP A CZ2 1 
ATOM   129  C  CZ3 . TRP A 1 21  ? -7.849  -14.412 3.806   1.00 49.68 ? 26  TRP A CZ3 1 
ATOM   130  C  CH2 . TRP A 1 21  ? -7.832  -15.273 4.917   1.00 47.96 ? 26  TRP A CH2 1 
ATOM   131  N  N   . VAL A 1 22  ? -3.551  -9.917  1.557   1.00 42.35 ? 27  VAL A N   1 
ATOM   132  C  CA  . VAL A 1 22  ? -3.669  -8.863  0.554   1.00 43.57 ? 27  VAL A CA  1 
ATOM   133  C  C   . VAL A 1 22  ? -5.118  -8.499  0.313   1.00 43.85 ? 27  VAL A C   1 
ATOM   134  O  O   . VAL A 1 22  ? -5.932  -9.377  0.183   1.00 50.36 ? 27  VAL A O   1 
ATOM   135  C  CB  . VAL A 1 22  ? -3.123  -9.325  -0.806  1.00 41.08 ? 27  VAL A CB  1 
ATOM   136  C  CG1 . VAL A 1 22  ? -3.360  -8.256  -1.876  1.00 39.96 ? 27  VAL A CG1 1 
ATOM   137  C  CG2 . VAL A 1 22  ? -1.663  -9.722  -0.663  1.00 40.09 ? 27  VAL A CG2 1 
ATOM   138  N  N   . HIS A 1 23  ? -5.435  -7.215  0.202   1.00 44.28 ? 28  HIS A N   1 
ATOM   139  C  CA  . HIS A 1 23  ? -6.764  -6.821  -0.240  1.00 43.80 ? 28  HIS A CA  1 
ATOM   140  C  C   . HIS A 1 23  ? -6.714  -6.230  -1.635  1.00 46.59 ? 28  HIS A C   1 
ATOM   141  O  O   . HIS A 1 23  ? -5.778  -5.508  -1.982  1.00 50.10 ? 28  HIS A O   1 
ATOM   142  C  CB  . HIS A 1 23  ? -7.464  -5.866  0.745   1.00 43.44 ? 28  HIS A CB  1 
ATOM   143  C  CG  . HIS A 1 23  ? -6.776  -4.551  0.970   1.00 44.91 ? 28  HIS A CG  1 
ATOM   144  N  ND1 . HIS A 1 23  ? -7.004  -3.444  0.180   1.00 42.09 ? 28  HIS A ND1 1 
ATOM   145  C  CD2 . HIS A 1 23  ? -5.935  -4.141  1.953   1.00 43.56 ? 28  HIS A CD2 1 
ATOM   146  C  CE1 . HIS A 1 23  ? -6.327  -2.415  0.660   1.00 42.29 ? 28  HIS A CE1 1 
ATOM   147  N  NE2 . HIS A 1 23  ? -5.664  -2.812  1.731   1.00 41.40 ? 28  HIS A NE2 1 
ATOM   148  N  N   . THR A 1 24  ? -7.738  -6.535  -2.426  1.00 44.60 ? 29  THR A N   1 
ATOM   149  C  CA  . THR A 1 24  ? -7.749  -6.202  -3.833  1.00 43.22 ? 29  THR A CA  1 
ATOM   150  C  C   . THR A 1 24  ? -9.146  -5.730  -4.134  1.00 42.35 ? 29  THR A C   1 
ATOM   151  O  O   . THR A 1 24  ? -10.082 -6.346  -3.693  1.00 42.39 ? 29  THR A O   1 
ATOM   152  C  CB  . THR A 1 24  ? -7.402  -7.432  -4.724  1.00 43.65 ? 29  THR A CB  1 
ATOM   153  O  OG1 . THR A 1 24  ? -6.206  -8.099  -4.253  1.00 41.25 ? 29  THR A OG1 1 
ATOM   154  C  CG2 . THR A 1 24  ? -7.225  -7.026  -6.184  1.00 44.02 ? 29  THR A CG2 1 
ATOM   155  N  N   . GLU A 1 25  ? -9.278  -4.628  -4.870  1.00 43.50 ? 30  GLU A N   1 
ATOM   156  C  CA  . GLU A 1 25  ? -10.571 -4.047  -5.195  1.00 45.33 ? 30  GLU A CA  1 
ATOM   157  C  C   . GLU A 1 25  ? -10.586 -3.547  -6.645  1.00 49.74 ? 30  GLU A C   1 
ATOM   158  O  O   . GLU A 1 25  ? -9.556  -3.087  -7.161  1.00 48.94 ? 30  GLU A O   1 
ATOM   159  C  CB  . GLU A 1 25  ? -10.913 -2.882  -4.232  1.00 43.11 ? 30  GLU A CB  1 
ATOM   160  C  CG  . GLU A 1 25  ? -10.810 -3.217  -2.737  1.00 42.46 ? 30  GLU A CG  1 
ATOM   161  C  CD  . GLU A 1 25  ? -9.421  -2.984  -2.146  1.00 42.20 ? 30  GLU A CD  1 
ATOM   162  O  OE1 . GLU A 1 25  ? -8.935  -1.829  -2.192  1.00 44.15 ? 30  GLU A OE1 1 
ATOM   163  O  OE2 . GLU A 1 25  ? -8.791  -3.947  -1.641  1.00 41.95 ? 30  GLU A OE2 1 
ATOM   164  N  N   . LEU A 1 26  ? -11.759 -3.616  -7.282  1.00 54.61 ? 31  LEU A N   1 
ATOM   165  C  CA  . LEU A 1 26  ? -11.939 -3.179  -8.682  1.00 53.28 ? 31  LEU A CA  1 
ATOM   166  C  C   . LEU A 1 26  ? -12.528 -1.770  -8.713  1.00 53.65 ? 31  LEU A C   1 
ATOM   167  O  O   . LEU A 1 26  ? -13.429 -1.480  -7.940  1.00 52.97 ? 31  LEU A O   1 
ATOM   168  C  CB  . LEU A 1 26  ? -12.844 -4.176  -9.428  1.00 53.48 ? 31  LEU A CB  1 
ATOM   169  C  CG  . LEU A 1 26  ? -12.281 -5.603  -9.562  1.00 50.84 ? 31  LEU A CG  1 
ATOM   170  N  N   . GLY A 1 27  ? -12.013 -0.896  -9.580  1.00 55.33 ? 32  GLY A N   1 
ATOM   171  N  N   . ALA A 1 33  ? -12.510 0.185   -15.108 1.00 69.61 ? 38  ALA A N   1 
ATOM   172  C  CA  . ALA A 1 33  ? -12.413 -1.145  -14.521 1.00 74.19 ? 38  ALA A CA  1 
ATOM   173  C  C   . ALA A 1 33  ? -10.936 -1.483  -14.278 1.00 74.44 ? 38  ALA A C   1 
ATOM   174  O  O   . ALA A 1 33  ? -10.218 -1.743  -15.249 1.00 68.69 ? 38  ALA A O   1 
ATOM   175  C  CB  . ALA A 1 33  ? -13.053 -2.179  -15.452 1.00 68.40 ? 38  ALA A CB  1 
ATOM   176  N  N   . VAL A 1 34  ? -10.484 -1.479  -13.010 1.00 68.22 ? 39  VAL A N   1 
ATOM   177  C  CA  . VAL A 1 34  ? -9.063  -1.793  -12.687 1.00 64.42 ? 39  VAL A CA  1 
ATOM   178  C  C   . VAL A 1 34  ? -8.815  -2.229  -11.228 1.00 59.50 ? 39  VAL A C   1 
ATOM   179  O  O   . VAL A 1 34  ? -9.262  -1.550  -10.282 1.00 55.05 ? 39  VAL A O   1 
ATOM   180  C  CB  . VAL A 1 34  ? -8.111  -0.619  -13.087 1.00 64.40 ? 39  VAL A CB  1 
ATOM   181  C  CG1 . VAL A 1 34  ? -8.827  0.722   -13.006 1.00 65.80 ? 39  VAL A CG1 1 
ATOM   182  C  CG2 . VAL A 1 34  ? -6.812  -0.587  -12.277 1.00 65.46 ? 39  VAL A CG2 1 
ATOM   183  N  N   . PRO A 1 35  ? -8.084  -3.360  -11.045 1.00 53.24 ? 40  PRO A N   1 
ATOM   184  C  CA  . PRO A 1 35  ? -7.742  -3.887  -9.714  1.00 51.63 ? 40  PRO A CA  1 
ATOM   185  C  C   . PRO A 1 35  ? -6.643  -3.093  -9.009  1.00 52.37 ? 40  PRO A C   1 
ATOM   186  O  O   . PRO A 1 35  ? -5.607  -2.780  -9.611  1.00 53.21 ? 40  PRO A O   1 
ATOM   187  C  CB  . PRO A 1 35  ? -7.234  -5.310  -9.990  1.00 46.48 ? 40  PRO A CB  1 
ATOM   188  C  CG  . PRO A 1 35  ? -6.733  -5.271  -11.383 1.00 50.05 ? 40  PRO A CG  1 
ATOM   189  C  CD  . PRO A 1 35  ? -7.425  -4.138  -12.114 1.00 51.81 ? 40  PRO A CD  1 
ATOM   190  N  N   . SER A 1 36  ? -6.878  -2.803  -7.732  1.00 49.59 ? 41  SER A N   1 
ATOM   191  C  CA  . SER A 1 36  ? -5.932  -2.075  -6.900  1.00 50.43 ? 41  SER A CA  1 
ATOM   192  C  C   . SER A 1 36  ? -5.624  -2.986  -5.737  1.00 43.74 ? 41  SER A C   1 
ATOM   193  O  O   . SER A 1 36  ? -6.546  -3.613  -5.254  1.00 48.70 ? 41  SER A O   1 
ATOM   194  C  CB  . SER A 1 36  ? -6.599  -0.788  -6.408  1.00 52.36 ? 41  SER A CB  1 
ATOM   195  O  OG  . SER A 1 36  ? -5.841  -0.197  -5.377  1.00 61.42 ? 41  SER A OG  1 
ATOM   196  N  N   . ASN A 1 37  ? -4.370  -3.070  -5.285  1.00 37.95 ? 42  ASN A N   1 
ATOM   197  C  CA  . ASN A 1 37  ? -3.997  -3.860  -4.070  1.00 39.36 ? 42  ASN A CA  1 
ATOM   198  C  C   . ASN A 1 37  ? -3.560  -3.094  -2.805  1.00 39.42 ? 42  ASN A C   1 
ATOM   199  O  O   . ASN A 1 37  ? -3.049  -2.001  -2.894  1.00 39.66 ? 42  ASN A O   1 
ATOM   200  C  CB  . ASN A 1 37  ? -2.789  -4.759  -4.334  1.00 42.34 ? 42  ASN A CB  1 
ATOM   201  C  CG  . ASN A 1 37  ? -2.982  -5.740  -5.473  1.00 41.73 ? 42  ASN A CG  1 
ATOM   202  O  OD1 . ASN A 1 37  ? -4.113  -6.154  -5.817  1.00 44.50 ? 42  ASN A OD1 1 
ATOM   203  N  ND2 . ASN A 1 37  ? -1.846  -6.144  -6.062  1.00 39.24 ? 42  ASN A ND2 1 
ATOM   204  N  N   . GLY A 1 38  ? -3.680  -3.743  -1.644  1.00 41.90 ? 43  GLY A N   1 
ATOM   205  C  CA  . GLY A 1 38  ? -3.041  -3.310  -0.390  1.00 38.19 ? 43  GLY A CA  1 
ATOM   206  C  C   . GLY A 1 38  ? -2.791  -4.497  0.544   1.00 37.90 ? 43  GLY A C   1 
ATOM   207  O  O   . GLY A 1 38  ? -2.814  -5.639  0.122   1.00 40.09 ? 43  GLY A O   1 
ATOM   208  N  N   . LEU A 1 39  ? -2.554  -4.240  1.818   1.00 35.66 ? 44  LEU A N   1 
ATOM   209  C  CA  . LEU A 1 39  ? -2.349  -5.304  2.785   1.00 36.24 ? 44  LEU A CA  1 
ATOM   210  C  C   . LEU A 1 39  ? -3.290  -5.140  3.954   1.00 34.50 ? 44  LEU A C   1 
ATOM   211  O  O   . LEU A 1 39  ? -3.708  -4.024  4.249   1.00 33.93 ? 44  LEU A O   1 
ATOM   212  C  CB  . LEU A 1 39  ? -0.948  -5.275  3.384   1.00 36.88 ? 44  LEU A CB  1 
ATOM   213  C  CG  . LEU A 1 39  ? 0.264   -6.021  2.833   1.00 37.10 ? 44  LEU A CG  1 
ATOM   214  C  CD1 . LEU A 1 39  ? 1.203   -6.255  4.000   1.00 37.82 ? 44  LEU A CD1 1 
ATOM   215  C  CD2 . LEU A 1 39  ? -0.086  -7.321  2.133   1.00 37.29 ? 44  LEU A CD2 1 
ATOM   216  N  N   . VAL A 1 40  ? -3.577  -6.261  4.621   1.00 33.21 ? 45  VAL A N   1 
ATOM   217  C  CA  . VAL A 1 40  ? -4.333  -6.292  5.874   1.00 32.15 ? 45  VAL A CA  1 
ATOM   218  C  C   . VAL A 1 40  ? -3.496  -7.064  6.849   1.00 35.01 ? 45  VAL A C   1 
ATOM   219  O  O   . VAL A 1 40  ? -3.120  -8.215  6.571   1.00 36.85 ? 45  VAL A O   1 
ATOM   220  C  CB  . VAL A 1 40  ? -5.649  -7.057  5.791   1.00 31.84 ? 45  VAL A CB  1 
ATOM   221  C  CG1 . VAL A 1 40  ? -6.394  -6.938  7.124   1.00 32.40 ? 45  VAL A CG1 1 
ATOM   222  C  CG2 . VAL A 1 40  ? -6.502  -6.590  4.627   1.00 30.49 ? 45  VAL A CG2 1 
ATOM   223  N  N   . LEU A 1 41  ? -3.215  -6.433  7.981   1.00 34.53 ? 46  LEU A N   1 
ATOM   224  C  CA  . LEU A 1 41  ? -2.389  -6.996  9.004   1.00 37.45 ? 46  LEU A CA  1 
ATOM   225  C  C   . LEU A 1 41  ? -3.200  -7.262  10.272  1.00 40.73 ? 46  LEU A C   1 
ATOM   226  O  O   . LEU A 1 41  ? -3.764  -6.334  10.899  1.00 35.35 ? 46  LEU A O   1 
ATOM   227  C  CB  . LEU A 1 41  ? -1.285  -6.027  9.335   1.00 38.64 ? 46  LEU A CB  1 
ATOM   228  C  CG  . LEU A 1 41  ? -0.521  -5.493  8.151   1.00 40.26 ? 46  LEU A CG  1 
ATOM   229  C  CD1 . LEU A 1 41  ? 0.523   -4.522  8.690   1.00 41.21 ? 46  LEU A CD1 1 
ATOM   230  C  CD2 . LEU A 1 41  ? 0.141   -6.639  7.388   1.00 42.71 ? 46  LEU A CD2 1 
ATOM   231  N  N   . ASN A 1 42  ? -3.244  -8.540  10.646  1.00 45.10 ? 47  ASN A N   1 
ATOM   232  C  CA  . ASN A 1 42  ? -3.929  -8.993  11.860  1.00 44.46 ? 47  ASN A CA  1 
ATOM   233  C  C   . ASN A 1 42  ? -2.974  -8.908  13.029  1.00 44.29 ? 47  ASN A C   1 
ATOM   234  O  O   . ASN A 1 42  ? -1.952  -9.585  13.064  1.00 49.44 ? 47  ASN A O   1 
ATOM   235  C  CB  . ASN A 1 42  ? -4.405  -10.428 11.675  1.00 45.97 ? 47  ASN A CB  1 
ATOM   236  C  CG  . ASN A 1 42  ? -5.647  -10.758 12.483  1.00 43.75 ? 47  ASN A CG  1 
ATOM   237  O  OD1 . ASN A 1 42  ? -6.075  -10.017 13.369  1.00 43.50 ? 47  ASN A OD1 1 
ATOM   238  N  ND2 . ASN A 1 42  ? -6.221  -11.895 12.176  1.00 43.43 ? 47  ASN A ND2 1 
ATOM   239  N  N   . THR A 1 43  ? -3.279  -8.044  13.977  1.00 45.77 ? 48  THR A N   1 
ATOM   240  C  CA  . THR A 1 43  ? -2.430  -7.939  15.135  1.00 47.02 ? 48  THR A CA  1 
ATOM   241  C  C   . THR A 1 43  ? -3.254  -8.091  16.387  1.00 47.33 ? 48  THR A C   1 
ATOM   242  O  O   . THR A 1 43  ? -4.479  -8.126  16.341  1.00 50.23 ? 48  THR A O   1 
ATOM   243  C  CB  . THR A 1 43  ? -1.699  -6.596  15.177  1.00 44.50 ? 48  THR A CB  1 
ATOM   244  O  OG1 . THR A 1 43  ? -2.587  -5.586  15.661  1.00 41.83 ? 48  THR A OG1 1 
ATOM   245  C  CG2 . THR A 1 43  ? -1.218  -6.221  13.817  1.00 43.79 ? 48  THR A CG2 1 
ATOM   246  N  N   . SER A 1 44  ? -2.556  -8.184  17.504  1.00 49.60 ? 49  SER A N   1 
ATOM   247  C  CA  . SER A 1 44  ? -3.198  -8.399  18.772  1.00 54.37 ? 49  SER A CA  1 
ATOM   248  C  C   . SER A 1 44  ? -3.850  -7.084  19.227  1.00 56.96 ? 49  SER A C   1 
ATOM   249  O  O   . SER A 1 44  ? -4.710  -7.074  20.110  1.00 55.08 ? 49  SER A O   1 
ATOM   250  C  CB  . SER A 1 44  ? -2.151  -8.853  19.776  1.00 53.91 ? 49  SER A CB  1 
ATOM   251  O  OG  . SER A 1 44  ? -1.169  -7.839  19.919  1.00 53.47 ? 49  SER A OG  1 
ATOM   252  N  N   . LYS A 1 45  ? -3.437  -5.967  18.631  1.00 54.08 ? 50  LYS A N   1 
ATOM   253  C  CA  . LYS A 1 45  ? -3.960  -4.661  19.035  1.00 50.03 ? 50  LYS A CA  1 
ATOM   254  C  C   . LYS A 1 45  ? -5.021  -4.086  18.076  1.00 43.87 ? 50  LYS A C   1 
ATOM   255  O  O   . LYS A 1 45  ? -5.597  -3.039  18.356  1.00 40.28 ? 50  LYS A O   1 
ATOM   256  C  CB  . LYS A 1 45  ? -2.796  -3.679  19.268  1.00 53.26 ? 50  LYS A CB  1 
ATOM   257  C  CG  . LYS A 1 45  ? -2.362  -3.536  20.734  1.00 59.53 ? 50  LYS A CG  1 
ATOM   258  C  CD  . LYS A 1 45  ? -2.046  -4.865  21.445  1.00 64.13 ? 50  LYS A CD  1 
ATOM   259  C  CE  . LYS A 1 45  ? -2.594  -4.922  22.876  1.00 64.62 ? 50  LYS A CE  1 
ATOM   260  N  NZ  . LYS A 1 45  ? -1.752  -4.153  23.828  1.00 64.44 ? 50  LYS A NZ  1 
ATOM   261  N  N   . GLY A 1 46  ? -5.306  -4.796  16.992  1.00 37.58 ? 51  GLY A N   1 
ATOM   262  C  CA  . GLY A 1 46  ? -6.271  -4.362  15.975  1.00 37.80 ? 51  GLY A CA  1 
ATOM   263  C  C   . GLY A 1 46  ? -5.823  -4.716  14.545  1.00 34.93 ? 51  GLY A C   1 
ATOM   264  O  O   . GLY A 1 46  ? -4.706  -5.156  14.330  1.00 38.72 ? 51  GLY A O   1 
ATOM   265  N  N   . LEU A 1 47  ? -6.707  -4.544  13.572  1.00 31.04 ? 52  LEU A N   1 
ATOM   266  C  CA  . LEU A 1 47  ? -6.345  -4.627  12.170  1.00 31.42 ? 52  LEU A CA  1 
ATOM   267  C  C   . LEU A 1 47  ? -5.668  -3.345  11.676  1.00 30.63 ? 52  LEU A C   1 
ATOM   268  O  O   . LEU A 1 47  ? -6.060  -2.233  12.065  1.00 30.13 ? 52  LEU A O   1 
ATOM   269  C  CB  . LEU A 1 47  ? -7.583  -4.886  11.309  1.00 31.72 ? 52  LEU A CB  1 
ATOM   270  C  CG  . LEU A 1 47  ? -8.359  -6.168  11.583  1.00 32.29 ? 52  LEU A CG  1 
ATOM   271  C  CD1 . LEU A 1 47  ? -9.620  -6.259  10.727  1.00 31.19 ? 52  LEU A CD1 1 
ATOM   272  C  CD2 . LEU A 1 47  ? -7.459  -7.372  11.340  1.00 32.82 ? 52  LEU A CD2 1 
ATOM   273  N  N   . VAL A 1 48  ? -4.649  -3.517  10.832  1.00 30.11 ? 53  VAL A N   1 
ATOM   274  C  CA  . VAL A 1 48  ? -3.941  -2.403  10.211  1.00 31.28 ? 53  VAL A CA  1 
ATOM   275  C  C   . VAL A 1 48  ? -3.920  -2.607  8.718   1.00 30.15 ? 53  VAL A C   1 
ATOM   276  O  O   . VAL A 1 48  ? -3.520  -3.665  8.252   1.00 32.07 ? 53  VAL A O   1 
ATOM   277  C  CB  . VAL A 1 48  ? -2.474  -2.312  10.634  1.00 31.92 ? 53  VAL A CB  1 
ATOM   278  C  CG1 . VAL A 1 48  ? -1.771  -1.187  9.876   1.00 31.97 ? 53  VAL A CG1 1 
ATOM   279  C  CG2 . VAL A 1 48  ? -2.356  -2.057  12.109  1.00 33.80 ? 53  VAL A CG2 1 
ATOM   280  N  N   . LEU A 1 49  ? -4.306  -1.585  7.970   1.00 28.72 ? 54  LEU A N   1 
ATOM   281  C  CA  . LEU A 1 49  ? -4.232  -1.652  6.529   1.00 30.38 ? 54  LEU A CA  1 
ATOM   282  C  C   . LEU A 1 49  ? -3.033  -0.894  5.990   1.00 30.88 ? 54  LEU A C   1 
ATOM   283  O  O   . LEU A 1 49  ? -2.728  0.188   6.445   1.00 31.42 ? 54  LEU A O   1 
ATOM   284  C  CB  . LEU A 1 49  ? -5.483  -1.055  5.912   1.00 30.14 ? 54  LEU A CB  1 
ATOM   285  C  CG  . LEU A 1 49  ? -6.801  -1.605  6.413   1.00 29.62 ? 54  LEU A CG  1 
ATOM   286  C  CD1 . LEU A 1 49  ? -7.933  -0.980  5.588   1.00 28.42 ? 54  LEU A CD1 1 
ATOM   287  C  CD2 . LEU A 1 49  ? -6.774  -3.117  6.310   1.00 30.01 ? 54  LEU A CD2 1 
ATOM   288  N  N   . VAL A 1 50  ? -2.368  -1.478  5.006   1.00 32.29 ? 55  VAL A N   1 
ATOM   289  C  CA  . VAL A 1 50  ? -1.563  -0.727  4.081   1.00 30.20 ? 55  VAL A CA  1 
ATOM   290  C  C   . VAL A 1 50  ? -2.491  -0.270  2.977   1.00 32.15 ? 55  VAL A C   1 
ATOM   291  O  O   . VAL A 1 50  ? -3.036  -1.094  2.246   1.00 40.28 ? 55  VAL A O   1 
ATOM   292  C  CB  . VAL A 1 50  ? -0.415  -1.579  3.558   1.00 29.17 ? 55  VAL A CB  1 
ATOM   293  C  CG1 . VAL A 1 50  ? 0.470   -0.782  2.611   1.00 31.21 ? 55  VAL A CG1 1 
ATOM   294  C  CG2 . VAL A 1 50  ? 0.416   -2.036  4.729   1.00 29.89 ? 55  VAL A CG2 1 
ATOM   295  N  N   . ASP A 1 51  ? -2.709  1.044   2.891   1.00 31.83 ? 56  ASP A N   1 
ATOM   296  C  CA  . ASP A 1 51  ? -3.560  1.700   1.876   1.00 30.58 ? 56  ASP A CA  1 
ATOM   297  C  C   . ASP A 1 51  ? -5.046  1.393   2.000   1.00 30.47 ? 56  ASP A C   1 
ATOM   298  O  O   . ASP A 1 51  ? -5.411  0.339   2.461   1.00 29.40 ? 56  ASP A O   1 
ATOM   299  C  CB  . ASP A 1 51  ? -3.049  1.414   0.458   1.00 32.24 ? 56  ASP A CB  1 
ATOM   300  C  CG  . ASP A 1 51  ? -1.759  2.171   0.149   1.00 32.30 ? 56  ASP A CG  1 
ATOM   301  O  OD1 . ASP A 1 51  ? -1.712  3.376   0.456   1.00 34.10 ? 56  ASP A OD1 1 
ATOM   302  O  OD2 . ASP A 1 51  ? -0.798  1.572   -0.372  1.00 32.14 ? 56  ASP A OD2 1 
ATOM   303  N  N   . SER A 1 52  ? -5.882  2.350   1.589   1.00 32.45 ? 57  SER A N   1 
ATOM   304  C  CA  . SER A 1 52  ? -7.354  2.223   1.596   1.00 33.80 ? 57  SER A CA  1 
ATOM   305  C  C   . SER A 1 52  ? -7.819  1.693   0.219   1.00 37.10 ? 57  SER A C   1 
ATOM   306  O  O   . SER A 1 52  ? -7.208  0.756   -0.298  1.00 36.26 ? 57  SER A O   1 
ATOM   307  C  CB  . SER A 1 52  ? -8.036  3.556   2.062   1.00 33.93 ? 57  SER A CB  1 
ATOM   308  O  OG  . SER A 1 52  ? -8.050  4.665   1.121   1.00 35.56 ? 57  SER A OG  1 
ATOM   309  N  N   . SER A 1 53  ? -8.870  2.267   -0.374  1.00 40.64 ? 58  SER A N   1 
ATOM   310  C  CA  . SER A 1 53  ? -9.234  1.935   -1.750  1.00 43.05 ? 58  SER A CA  1 
ATOM   311  C  C   . SER A 1 53  ? -9.753  3.136   -2.545  1.00 41.60 ? 58  SER A C   1 
ATOM   312  O  O   . SER A 1 53  ? -9.705  4.258   -2.083  1.00 44.48 ? 58  SER A O   1 
ATOM   313  C  CB  . SER A 1 53  ? -10.277 0.800   -1.759  1.00 44.49 ? 58  SER A CB  1 
ATOM   314  O  OG  . SER A 1 53  ? -10.235 0.034   -2.968  1.00 37.59 ? 58  SER A OG  1 
ATOM   315  N  N   . TRP A 1 54  ? -10.267 2.870   -3.744  1.00 47.18 ? 59  TRP A N   1 
ATOM   316  C  CA  . TRP A 1 54  ? -10.661 3.912   -4.736  1.00 47.63 ? 59  TRP A CA  1 
ATOM   317  C  C   . TRP A 1 54  ? -11.548 5.041   -4.193  1.00 46.35 ? 59  TRP A C   1 
ATOM   318  O  O   . TRP A 1 54  ? -11.335 6.215   -4.472  1.00 47.22 ? 59  TRP A O   1 
ATOM   319  C  CB  . TRP A 1 54  ? -11.371 3.241   -5.935  1.00 51.71 ? 59  TRP A CB  1 
ATOM   320  C  CG  . TRP A 1 54  ? -10.451 2.353   -6.723  1.00 50.07 ? 59  TRP A CG  1 
ATOM   321  C  CD1 . TRP A 1 54  ? -10.267 1.004   -6.574  1.00 53.57 ? 59  TRP A CD1 1 
ATOM   322  C  CD2 . TRP A 1 54  ? -9.544  2.773   -7.742  1.00 50.52 ? 59  TRP A CD2 1 
ATOM   323  N  NE1 . TRP A 1 54  ? -9.305  0.553   -7.454  1.00 55.25 ? 59  TRP A NE1 1 
ATOM   324  C  CE2 . TRP A 1 54  ? -8.851  1.622   -8.185  1.00 50.93 ? 59  TRP A CE2 1 
ATOM   325  C  CE3 . TRP A 1 54  ? -9.249  4.021   -8.327  1.00 51.56 ? 59  TRP A CE3 1 
ATOM   326  C  CZ2 . TRP A 1 54  ? -7.890  1.675   -9.176  1.00 52.43 ? 59  TRP A CZ2 1 
ATOM   327  C  CZ3 . TRP A 1 54  ? -8.312  4.075   -9.320  1.00 49.91 ? 59  TRP A CZ3 1 
ATOM   328  C  CH2 . TRP A 1 54  ? -7.631  2.905   -9.735  1.00 53.83 ? 59  TRP A CH2 1 
ATOM   329  N  N   . ASP A 1 55  ? -12.560 4.678   -3.432  1.00 43.57 ? 60  ASP A N   1 
ATOM   330  C  CA  . ASP A 1 55  ? -13.515 5.647   -2.949  1.00 44.06 ? 60  ASP A CA  1 
ATOM   331  C  C   . ASP A 1 55  ? -14.041 5.160   -1.588  1.00 46.51 ? 60  ASP A C   1 
ATOM   332  O  O   . ASP A 1 55  ? -13.652 4.065   -1.097  1.00 39.53 ? 60  ASP A O   1 
ATOM   333  C  CB  . ASP A 1 55  ? -14.648 5.862   -3.974  1.00 43.27 ? 60  ASP A CB  1 
ATOM   334  C  CG  . ASP A 1 55  ? -15.463 4.592   -4.251  1.00 45.84 ? 60  ASP A CG  1 
ATOM   335  O  OD1 . ASP A 1 55  ? -15.182 3.523   -3.674  1.00 43.78 ? 60  ASP A OD1 1 
ATOM   336  O  OD2 . ASP A 1 55  ? -16.395 4.654   -5.065  1.00 50.24 ? 60  ASP A OD2 1 
ATOM   337  N  N   . ASP A 1 56  ? -14.869 6.000   -0.967  1.00 44.97 ? 61  ASP A N   1 
ATOM   338  C  CA  . ASP A 1 56  ? -15.397 5.719   0.357   1.00 46.06 ? 61  ASP A CA  1 
ATOM   339  C  C   . ASP A 1 56  ? -16.211 4.427   0.404   1.00 42.19 ? 61  ASP A C   1 
ATOM   340  O  O   . ASP A 1 56  ? -16.058 3.658   1.349   1.00 42.34 ? 61  ASP A O   1 
ATOM   341  C  CB  . ASP A 1 56  ? -16.204 6.916   0.878   1.00 46.71 ? 61  ASP A CB  1 
ATOM   342  C  CG  . ASP A 1 56  ? -15.302 8.095   1.251   1.00 51.98 ? 61  ASP A CG  1 
ATOM   343  O  OD1 . ASP A 1 56  ? -14.393 7.877   2.078   1.00 50.24 ? 61  ASP A OD1 1 
ATOM   344  O  OD2 . ASP A 1 56  ? -15.485 9.222   0.712   1.00 46.15 ? 61  ASP A OD2 1 
ATOM   345  N  N   . LYS A 1 57  ? -17.052 4.183   -0.602  1.00 43.48 ? 62  LYS A N   1 
ATOM   346  C  CA  . LYS A 1 57  ? -17.996 3.054   -0.547  1.00 46.39 ? 62  LYS A CA  1 
ATOM   347  C  C   . LYS A 1 57  ? -17.252 1.746   -0.354  1.00 42.20 ? 62  LYS A C   1 
ATOM   348  O  O   . LYS A 1 57  ? -17.607 0.915   0.496   1.00 38.28 ? 62  LYS A O   1 
ATOM   349  C  CB  . LYS A 1 57  ? -18.847 2.963   -1.808  1.00 51.39 ? 62  LYS A CB  1 
ATOM   350  C  CG  . LYS A 1 57  ? -19.698 1.692   -1.879  1.00 56.22 ? 62  LYS A CG  1 
ATOM   351  C  CD  . LYS A 1 57  ? -20.732 1.776   -2.995  1.00 60.96 ? 62  LYS A CD  1 
ATOM   352  C  CE  . LYS A 1 57  ? -21.284 0.402   -3.370  1.00 61.44 ? 62  LYS A CE  1 
ATOM   353  N  NZ  . LYS A 1 57  ? -22.466 0.531   -4.256  1.00 59.08 ? 62  LYS A NZ  1 
ATOM   354  N  N   . LEU A 1 58  ? -16.211 1.609   -1.164  1.00 39.18 ? 63  LEU A N   1 
ATOM   355  C  CA  . LEU A 1 58  ? -15.347 0.441   -1.207  1.00 40.67 ? 63  LEU A CA  1 
ATOM   356  C  C   . LEU A 1 58  ? -14.455 0.317   0.011   1.00 39.73 ? 63  LEU A C   1 
ATOM   357  O  O   . LEU A 1 58  ? -14.116 -0.790  0.430   1.00 40.22 ? 63  LEU A O   1 
ATOM   358  C  CB  . LEU A 1 58  ? -14.432 0.501   -2.434  1.00 42.04 ? 63  LEU A CB  1 
ATOM   359  C  CG  . LEU A 1 58  ? -14.925 -0.085  -3.744  1.00 42.57 ? 63  LEU A CG  1 
ATOM   360  C  CD1 . LEU A 1 58  ? -14.030 0.408   -4.878  1.00 46.62 ? 63  LEU A CD1 1 
ATOM   361  C  CD2 . LEU A 1 58  ? -14.917 -1.594  -3.659  1.00 42.05 ? 63  LEU A CD2 1 
ATOM   362  N  N   . THR A 1 59  ? -14.022 1.442   0.543   1.00 37.46 ? 64  THR A N   1 
ATOM   363  C  CA  . THR A 1 59  ? -13.221 1.421   1.749   1.00 36.61 ? 64  THR A CA  1 
ATOM   364  C  C   . THR A 1 59  ? -14.099 1.027   2.916   1.00 34.10 ? 64  THR A C   1 
ATOM   365  O  O   . THR A 1 59  ? -13.689 0.231   3.732   1.00 31.70 ? 64  THR A O   1 
ATOM   366  C  CB  . THR A 1 59  ? -12.534 2.766   1.964   1.00 38.41 ? 64  THR A CB  1 
ATOM   367  O  OG1 . THR A 1 59  ? -11.578 2.981   0.905   1.00 39.88 ? 64  THR A OG1 1 
ATOM   368  C  CG2 . THR A 1 59  ? -11.826 2.800   3.289   1.00 41.01 ? 64  THR A CG2 1 
ATOM   369  N  N   . LYS A 1 60  ? -15.326 1.520   2.949   1.00 36.54 ? 65  LYS A N   1 
ATOM   370  C  CA  . LYS A 1 60  ? -16.267 1.100   3.978   1.00 42.02 ? 65  LYS A CA  1 
ATOM   371  C  C   . LYS A 1 60  ? -16.500 -0.414  3.907   1.00 43.26 ? 65  LYS A C   1 
ATOM   372  O  O   . LYS A 1 60  ? -16.498 -1.084  4.935   1.00 47.74 ? 65  LYS A O   1 
ATOM   373  C  CB  . LYS A 1 60  ? -17.588 1.879   3.893   1.00 43.87 ? 65  LYS A CB  1 
ATOM   374  N  N   . GLU A 1 61  ? -16.635 -0.958  2.706   1.00 40.43 ? 66  GLU A N   1 
ATOM   375  C  CA  . GLU A 1 61  ? -16.885 -2.414  2.522   1.00 40.61 ? 66  GLU A CA  1 
ATOM   376  C  C   . GLU A 1 61  ? -15.731 -3.292  2.932   1.00 39.34 ? 66  GLU A C   1 
ATOM   377  O  O   . GLU A 1 61  ? -15.905 -4.414  3.451   1.00 36.25 ? 66  GLU A O   1 
ATOM   378  C  CB  . GLU A 1 61  ? -17.208 -2.721  1.059   1.00 42.04 ? 66  GLU A CB  1 
ATOM   379  C  CG  . GLU A 1 61  ? -18.548 -2.146  0.639   1.00 46.42 ? 66  GLU A CG  1 
ATOM   380  C  CD  . GLU A 1 61  ? -18.839 -2.228  -0.856  1.00 53.11 ? 66  GLU A CD  1 
ATOM   381  O  OE1 . GLU A 1 61  ? -20.043 -2.130  -1.193  1.00 52.29 ? 66  GLU A OE1 1 
ATOM   382  O  OE2 . GLU A 1 61  ? -17.899 -2.362  -1.683  1.00 55.21 ? 66  GLU A OE2 1 
ATOM   383  N  N   . LEU A 1 62  ? -14.537 -2.769  2.674   1.00 40.42 ? 67  LEU A N   1 
ATOM   384  C  CA  . LEU A 1 62  ? -13.305 -3.460  2.997   1.00 38.75 ? 67  LEU A CA  1 
ATOM   385  C  C   . LEU A 1 62  ? -13.160 -3.502  4.507   1.00 36.58 ? 67  LEU A C   1 
ATOM   386  O  O   . LEU A 1 62  ? -12.852 -4.557  5.057   1.00 34.70 ? 67  LEU A O   1 
ATOM   387  C  CB  . LEU A 1 62  ? -12.125 -2.727  2.386   1.00 41.76 ? 67  LEU A CB  1 
ATOM   388  C  CG  . LEU A 1 62  ? -10.792 -3.439  2.135   1.00 42.29 ? 67  LEU A CG  1 
ATOM   389  C  CD1 . LEU A 1 62  ? -9.680  -2.388  2.095   1.00 42.25 ? 67  LEU A CD1 1 
ATOM   390  C  CD2 . LEU A 1 62  ? -10.463 -4.529  3.129   1.00 41.75 ? 67  LEU A CD2 1 
ATOM   391  N  N   . ILE A 1 63  ? -13.390 -2.357  5.163   1.00 34.36 ? 68  ILE A N   1 
ATOM   392  C  CA  . ILE A 1 63  ? -13.354 -2.287  6.605   1.00 35.83 ? 68  ILE A CA  1 
ATOM   393  C  C   . ILE A 1 63  ? -14.424 -3.267  7.163   1.00 38.46 ? 68  ILE A C   1 
ATOM   394  O  O   . ILE A 1 63  ? -14.131 -4.054  8.064   1.00 38.08 ? 68  ILE A O   1 
ATOM   395  C  CB  . ILE A 1 63  ? -13.576 -0.848  7.140   1.00 36.75 ? 68  ILE A CB  1 
ATOM   396  C  CG1 . ILE A 1 63  ? -12.434 0.090   6.713   1.00 37.25 ? 68  ILE A CG1 1 
ATOM   397  C  CG2 . ILE A 1 63  ? -13.696 -0.851  8.672   1.00 38.00 ? 68  ILE A CG2 1 
ATOM   398  C  CD1 . ILE A 1 63  ? -12.840 1.543   6.672   1.00 36.58 ? 68  ILE A CD1 1 
ATOM   399  N  N   . GLU A 1 64  ? -15.635 -3.251  6.603   1.00 38.89 ? 69  GLU A N   1 
ATOM   400  C  CA  . GLU A 1 64  ? -16.696 -4.154  7.077   1.00 42.28 ? 69  GLU A CA  1 
ATOM   401  C  C   . GLU A 1 64  ? -16.271 -5.622  7.006   1.00 42.00 ? 69  GLU A C   1 
ATOM   402  O  O   . GLU A 1 64  ? -16.423 -6.389  7.972   1.00 42.80 ? 69  GLU A O   1 
ATOM   403  C  CB  . GLU A 1 64  ? -18.011 -3.905  6.317   1.00 43.41 ? 69  GLU A CB  1 
ATOM   404  C  CG  . GLU A 1 64  ? -18.676 -2.611  6.784   1.00 51.18 ? 69  GLU A CG  1 
ATOM   405  C  CD  . GLU A 1 64  ? -19.641 -1.990  5.781   1.00 55.74 ? 69  GLU A CD  1 
ATOM   406  O  OE1 . GLU A 1 64  ? -20.360 -2.736  5.094   1.00 59.57 ? 69  GLU A OE1 1 
ATOM   407  O  OE2 . GLU A 1 64  ? -19.682 -0.746  5.691   1.00 64.84 ? 69  GLU A OE2 1 
ATOM   408  N  N   . MET A 1 65  ? -15.724 -6.004  5.865   1.00 40.13 ? 70  MET A N   1 
ATOM   409  C  CA  . MET A 1 65  ? -15.358 -7.390  5.645   1.00 41.02 ? 70  MET A CA  1 
ATOM   410  C  C   . MET A 1 65  ? -14.269 -7.833  6.621   1.00 38.22 ? 70  MET A C   1 
ATOM   411  O  O   . MET A 1 65  ? -14.370 -8.909  7.181   1.00 37.54 ? 70  MET A O   1 
ATOM   412  C  CB  . MET A 1 65  ? -14.894 -7.612  4.189   1.00 42.73 ? 70  MET A CB  1 
ATOM   413  C  CG  . MET A 1 65  ? -14.395 -9.034  3.909   1.00 45.86 ? 70  MET A CG  1 
ATOM   414  S  SD  . MET A 1 65  ? -13.662 -9.321  2.266   1.00 56.44 ? 70  MET A SD  1 
ATOM   415  C  CE  . MET A 1 65  ? -14.778 -8.355  1.244   1.00 48.37 ? 70  MET A CE  1 
ATOM   416  N  N   . VAL A 1 66  ? -13.226 -7.026  6.827   1.00 36.10 ? 71  VAL A N   1 
ATOM   417  C  CA  . VAL A 1 66  ? -12.156 -7.463  7.726   1.00 36.65 ? 71  VAL A CA  1 
ATOM   418  C  C   . VAL A 1 66  ? -12.467 -7.350  9.205   1.00 35.48 ? 71  VAL A C   1 
ATOM   419  O  O   . VAL A 1 66  ? -11.964 -8.169  9.998   1.00 32.57 ? 71  VAL A O   1 
ATOM   420  C  CB  . VAL A 1 66  ? -10.800 -6.790  7.428   1.00 40.95 ? 71  VAL A CB  1 
ATOM   421  C  CG1 . VAL A 1 66  ? -10.304 -7.250  6.059   1.00 42.64 ? 71  VAL A CG1 1 
ATOM   422  C  CG2 . VAL A 1 66  ? -10.892 -5.265  7.496   1.00 39.91 ? 71  VAL A CG2 1 
ATOM   423  N  N   . GLU A 1 67  ? -13.266 -6.356  9.610   1.00 33.53 ? 72  GLU A N   1 
ATOM   424  C  CA  . GLU A 1 67  ? -13.644 -6.290  11.028  1.00 35.61 ? 72  GLU A CA  1 
ATOM   425  C  C   . GLU A 1 67  ? -14.490 -7.522  11.462  1.00 36.81 ? 72  GLU A C   1 
ATOM   426  O  O   . GLU A 1 67  ? -14.189 -8.189  12.466  1.00 40.69 ? 72  GLU A O   1 
ATOM   427  C  CB  . GLU A 1 67  ? -14.312 -4.946  11.335  1.00 33.98 ? 72  GLU A CB  1 
ATOM   428  C  CG  . GLU A 1 67  ? -13.253 -3.837  11.350  1.00 34.96 ? 72  GLU A CG  1 
ATOM   429  C  CD  . GLU A 1 67  ? -13.765 -2.473  11.743  1.00 32.09 ? 72  GLU A CD  1 
ATOM   430  O  OE1 . GLU A 1 67  ? -14.986 -2.255  11.718  1.00 32.77 ? 72  GLU A OE1 1 
ATOM   431  O  OE2 . GLU A 1 67  ? -12.926 -1.611  12.060  1.00 34.78 ? 72  GLU A OE2 1 
ATOM   432  N  N   . LYS A 1 68  ? -15.505 -7.826  10.664  1.00 38.12 ? 73  LYS A N   1 
ATOM   433  C  CA  . LYS A 1 68  ? -16.334 -9.015  10.832  1.00 47.59 ? 73  LYS A CA  1 
ATOM   434  C  C   . LYS A 1 68  ? -15.488 -10.277 10.926  1.00 47.43 ? 73  LYS A C   1 
ATOM   435  O  O   . LYS A 1 68  ? -15.530 -10.988 11.932  1.00 42.07 ? 73  LYS A O   1 
ATOM   436  C  CB  . LYS A 1 68  ? -17.320 -9.134  9.658   1.00 51.64 ? 73  LYS A CB  1 
ATOM   437  C  CG  . LYS A 1 68  ? -18.333 -10.260 9.804   1.00 58.63 ? 73  LYS A CG  1 
ATOM   438  C  CD  . LYS A 1 68  ? -19.673 -9.895  9.169   1.00 64.18 ? 73  LYS A CD  1 
ATOM   439  C  CE  . LYS A 1 68  ? -20.760 -10.875 9.589   1.00 69.77 ? 73  LYS A CE  1 
ATOM   440  N  NZ  . LYS A 1 68  ? -22.076 -10.204 9.807   1.00 73.91 ? 73  LYS A NZ  1 
ATOM   441  N  N   . LYS A 1 69  ? -14.684 -10.505 9.889   1.00 45.82 ? 74  LYS A N   1 
ATOM   442  C  CA  . LYS A 1 69  ? -13.975 -11.743 9.728   1.00 45.23 ? 74  LYS A CA  1 
ATOM   443  C  C   . LYS A 1 69  ? -12.917 -11.950 10.813  1.00 45.42 ? 74  LYS A C   1 
ATOM   444  O  O   . LYS A 1 69  ? -12.802 -13.040 11.347  1.00 45.76 ? 74  LYS A O   1 
ATOM   445  C  CB  . LYS A 1 69  ? -13.370 -11.814 8.326   1.00 50.13 ? 74  LYS A CB  1 
ATOM   446  C  CG  . LYS A 1 69  ? -12.847 -13.196 7.941   1.00 55.63 ? 74  LYS A CG  1 
ATOM   447  C  CD  . LYS A 1 69  ? -11.332 -13.313 8.105   1.00 59.59 ? 74  LYS A CD  1 
ATOM   448  C  CE  . LYS A 1 69  ? -10.833 -14.747 8.350   1.00 61.43 ? 74  LYS A CE  1 
ATOM   449  N  NZ  . LYS A 1 69  ? -11.374 -15.744 7.381   1.00 58.72 ? 74  LYS A NZ  1 
ATOM   450  N  N   . PHE A 1 70  ? -12.158 -10.919 11.163  1.00 41.84 ? 75  PHE A N   1 
ATOM   451  C  CA  . PHE A 1 70  ? -11.086 -11.089 12.152  1.00 40.29 ? 75  PHE A CA  1 
ATOM   452  C  C   . PHE A 1 70  ? -11.527 -10.706 13.532  1.00 38.12 ? 75  PHE A C   1 
ATOM   453  O  O   . PHE A 1 70  ? -10.760 -10.818 14.473  1.00 35.65 ? 75  PHE A O   1 
ATOM   454  C  CB  . PHE A 1 70  ? -9.866  -10.255 11.767  1.00 41.75 ? 75  PHE A CB  1 
ATOM   455  C  CG  . PHE A 1 70  ? -9.272  -10.672 10.475  1.00 41.82 ? 75  PHE A CG  1 
ATOM   456  C  CD1 . PHE A 1 70  ? -8.518  -11.833 10.401  1.00 45.14 ? 75  PHE A CD1 1 
ATOM   457  C  CD2 . PHE A 1 70  ? -9.516  -9.966  9.320   1.00 40.07 ? 75  PHE A CD2 1 
ATOM   458  C  CE1 . PHE A 1 70  ? -7.991  -12.252 9.206   1.00 43.52 ? 75  PHE A CE1 1 
ATOM   459  C  CE2 . PHE A 1 70  ? -8.997  -10.385 8.111   1.00 39.06 ? 75  PHE A CE2 1 
ATOM   460  C  CZ  . PHE A 1 70  ? -8.234  -11.522 8.054   1.00 42.39 ? 75  PHE A CZ  1 
ATOM   461  N  N   . GLN A 1 71  ? -12.760 -10.239 13.650  1.00 40.22 ? 76  GLN A N   1 
ATOM   462  C  CA  . GLN A 1 71  ? -13.316 -9.916  14.956  1.00 42.71 ? 76  GLN A CA  1 
ATOM   463  C  C   . GLN A 1 71  ? -12.389 -8.998  15.736  1.00 40.48 ? 76  GLN A C   1 
ATOM   464  O  O   . GLN A 1 71  ? -12.100 -9.265  16.893  1.00 35.38 ? 76  GLN A O   1 
ATOM   465  C  CB  . GLN A 1 71  ? -13.606 -11.187 15.767  1.00 42.35 ? 76  GLN A CB  1 
ATOM   466  C  CG  . GLN A 1 71  ? -14.860 -11.936 15.352  1.00 46.37 ? 76  GLN A CG  1 
ATOM   467  C  CD  . GLN A 1 71  ? -16.124 -11.084 15.460  1.00 49.18 ? 76  GLN A CD  1 
ATOM   468  O  OE1 . GLN A 1 71  ? -16.566 -10.672 16.561  1.00 48.43 ? 76  GLN A OE1 1 
ATOM   469  N  NE2 . GLN A 1 71  ? -16.707 -10.798 14.305  1.00 48.63 ? 76  GLN A NE2 1 
ATOM   470  N  N   . LYS A 1 72  ? -11.918 -7.930  15.078  1.00 40.85 ? 77  LYS A N   1 
ATOM   471  C  CA  . LYS A 1 72  ? -11.367 -6.754  15.772  1.00 39.55 ? 77  LYS A CA  1 
ATOM   472  C  C   . LYS A 1 72  ? -11.433 -5.506  14.897  1.00 38.19 ? 77  LYS A C   1 
ATOM   473  O  O   . LYS A 1 72  ? -11.843 -5.609  13.744  1.00 41.79 ? 77  LYS A O   1 
ATOM   474  C  CB  . LYS A 1 72  ? -9.959  -6.996  16.317  1.00 41.34 ? 77  LYS A CB  1 
ATOM   475  C  CG  . LYS A 1 72  ? -8.982  -7.646  15.377  1.00 44.29 ? 77  LYS A CG  1 
ATOM   476  C  CD  . LYS A 1 72  ? -7.654  -7.794  16.093  1.00 44.93 ? 77  LYS A CD  1 
ATOM   477  C  CE  . LYS A 1 72  ? -7.581  -9.093  16.859  1.00 43.44 ? 77  LYS A CE  1 
ATOM   478  N  NZ  . LYS A 1 72  ? -7.265  -10.187 15.900  1.00 41.55 ? 77  LYS A NZ  1 
ATOM   479  N  N   . ARG A 1 73  ? -11.081 -4.333  15.445  1.00 34.55 ? 78  ARG A N   1 
ATOM   480  C  CA  . ARG A 1 73  ? -11.236 -3.073  14.708  1.00 33.81 ? 78  ARG A CA  1 
ATOM   481  C  C   . ARG A 1 73  ? -10.007 -2.746  13.830  1.00 31.41 ? 78  ARG A C   1 
ATOM   482  O  O   . ARG A 1 73  ? -8.860  -3.096  14.162  1.00 32.35 ? 78  ARG A O   1 
ATOM   483  C  CB  . ARG A 1 73  ? -11.523 -1.876  15.650  1.00 33.40 ? 78  ARG A CB  1 
ATOM   484  C  CG  . ARG A 1 73  ? -12.374 -2.124  16.904  1.00 33.55 ? 78  ARG A CG  1 
ATOM   485  C  CD  . ARG A 1 73  ? -13.720 -2.781  16.658  1.00 32.82 ? 78  ARG A CD  1 
ATOM   486  N  NE  . ARG A 1 73  ? -14.437 -2.281  15.487  1.00 32.36 ? 78  ARG A NE  1 
ATOM   487  C  CZ  . ARG A 1 73  ? -15.079 -1.112  15.426  1.00 39.03 ? 78  ARG A CZ  1 
ATOM   488  N  NH1 . ARG A 1 73  ? -15.073 -0.234  16.449  1.00 40.64 ? 78  ARG A NH1 1 
ATOM   489  N  NH2 . ARG A 1 73  ? -15.710 -0.786  14.314  1.00 38.58 ? 78  ARG A NH2 1 
ATOM   490  N  N   . VAL A 1 74  ? -10.251 -2.074  12.712  1.00 28.85 ? 79  VAL A N   1 
ATOM   491  C  CA  . VAL A 1 74  ? -9.183  -1.395  11.964  1.00 27.33 ? 79  VAL A CA  1 
ATOM   492  C  C   . VAL A 1 74  ? -8.801  -0.183  12.768  1.00 25.15 ? 79  VAL A C   1 
ATOM   493  O  O   . VAL A 1 74  ? -9.634  0.656   13.020  1.00 25.39 ? 79  VAL A O   1 
ATOM   494  C  CB  . VAL A 1 74  ? -9.664  -0.949  10.584  1.00 28.11 ? 79  VAL A CB  1 
ATOM   495  C  CG1 . VAL A 1 74  ? -8.601  -0.116  9.903   1.00 27.72 ? 79  VAL A CG1 1 
ATOM   496  C  CG2 . VAL A 1 74  ? -10.023 -2.163  9.741   1.00 28.43 ? 79  VAL A CG2 1 
ATOM   497  N  N   . THR A 1 75  ? -7.585  -0.125  13.272  1.00 26.82 ? 80  THR A N   1 
ATOM   498  C  CA  . THR A 1 75  ? -7.164  1.049   14.067  1.00 29.97 ? 80  THR A CA  1 
ATOM   499  C  C   . THR A 1 75  ? -6.335  2.083   13.292  1.00 31.33 ? 80  THR A C   1 
ATOM   500  O  O   . THR A 1 75  ? -6.422  3.272   13.591  1.00 33.40 ? 80  THR A O   1 
ATOM   501  C  CB  . THR A 1 75  ? -6.364  0.613   15.301  1.00 29.39 ? 80  THR A CB  1 
ATOM   502  O  OG1 . THR A 1 75  ? -5.178  -0.088  14.893  1.00 30.02 ? 80  THR A OG1 1 
ATOM   503  C  CG2 . THR A 1 75  ? -7.212  -0.302  16.150  1.00 31.67 ? 80  THR A CG2 1 
ATOM   504  N  N   . ASP A 1 76  ? -5.532  1.609   12.327  1.00 29.88 ? 81  ASP A N   1 
ATOM   505  C  CA  . ASP A 1 76  ? -4.597  2.428   11.557  1.00 31.72 ? 81  ASP A CA  1 
ATOM   506  C  C   . ASP A 1 76  ? -4.606  2.034   10.087  1.00 30.37 ? 81  ASP A C   1 
ATOM   507  O  O   . ASP A 1 76  ? -4.810  0.869   9.755   1.00 33.81 ? 81  ASP A O   1 
ATOM   508  C  CB  . ASP A 1 76  ? -3.150  2.242   12.050  1.00 33.58 ? 81  ASP A CB  1 
ATOM   509  C  CG  . ASP A 1 76  ? -2.963  2.589   13.528  1.00 33.53 ? 81  ASP A CG  1 
ATOM   510  O  OD1 . ASP A 1 76  ? -3.286  1.744   14.396  1.00 38.08 ? 81  ASP A OD1 1 
ATOM   511  O  OD2 . ASP A 1 76  ? -2.432  3.682   13.823  1.00 31.20 ? 81  ASP A OD2 1 
ATOM   512  N  N   . VAL A 1 77  ? -4.345  3.007   9.222   1.00 28.21 ? 82  VAL A N   1 
ATOM   513  C  CA  . VAL A 1 77  ? -4.004  2.771   7.830   1.00 27.51 ? 82  VAL A CA  1 
ATOM   514  C  C   . VAL A 1 77  ? -2.700  3.524   7.426   1.00 27.90 ? 82  VAL A C   1 
ATOM   515  O  O   . VAL A 1 77  ? -2.506  4.686   7.781   1.00 31.84 ? 82  VAL A O   1 
ATOM   516  C  CB  . VAL A 1 77  ? -5.175  3.192   6.935   1.00 27.11 ? 82  VAL A CB  1 
ATOM   517  C  CG1 . VAL A 1 77  ? -4.821  3.014   5.464   1.00 27.77 ? 82  VAL A CG1 1 
ATOM   518  C  CG2 . VAL A 1 77  ? -6.426  2.400   7.316   1.00 27.85 ? 82  VAL A CG2 1 
ATOM   519  N  N   . ILE A 1 78  ? -1.805  2.859   6.710   1.00 26.02 ? 83  ILE A N   1 
ATOM   520  C  CA  . ILE A 1 78  ? -0.659  3.515   6.079   1.00 25.73 ? 83  ILE A CA  1 
ATOM   521  C  C   . ILE A 1 78  ? -0.984  3.907   4.612   1.00 24.69 ? 83  ILE A C   1 
ATOM   522  O  O   . ILE A 1 78  ? -1.330  3.078   3.825   1.00 24.25 ? 83  ILE A O   1 
ATOM   523  C  CB  . ILE A 1 78  ? 0.577   2.623   6.160   1.00 25.66 ? 83  ILE A CB  1 
ATOM   524  C  CG1 . ILE A 1 78  ? 0.995   2.442   7.602   1.00 27.89 ? 83  ILE A CG1 1 
ATOM   525  C  CG2 . ILE A 1 78  ? 1.748   3.221   5.420   1.00 26.35 ? 83  ILE A CG2 1 
ATOM   526  C  CD1 . ILE A 1 78  ? 1.806   1.199   7.817   1.00 28.68 ? 83  ILE A CD1 1 
ATOM   527  N  N   . ILE A 1 79  ? -0.900  5.189   4.266   1.00 25.80 ? 84  ILE A N   1 
ATOM   528  C  CA  . ILE A 1 79  ? -1.220  5.661   2.919   1.00 28.32 ? 84  ILE A CA  1 
ATOM   529  C  C   . ILE A 1 79  ? 0.097   5.795   2.188   1.00 28.07 ? 84  ILE A C   1 
ATOM   530  O  O   . ILE A 1 79  ? 0.983   6.465   2.701   1.00 29.21 ? 84  ILE A O   1 
ATOM   531  C  CB  . ILE A 1 79  ? -1.911  7.054   2.925   1.00 29.77 ? 84  ILE A CB  1 
ATOM   532  C  CG1 . ILE A 1 79  ? -3.113  7.079   3.854   1.00 28.82 ? 84  ILE A CG1 1 
ATOM   533  C  CG2 . ILE A 1 79  ? -2.345  7.438   1.528   1.00 29.43 ? 84  ILE A CG2 1 
ATOM   534  C  CD1 . ILE A 1 79  ? -4.187  6.107   3.452   1.00 31.31 ? 84  ILE A CD1 1 
ATOM   535  N  N   . THR A 1 80  ? 0.233   5.161   1.014   1.00 28.35 ? 85  THR A N   1 
ATOM   536  C  CA  . THR A 1 80  ? 1.533   5.070   0.345   1.00 26.81 ? 85  THR A CA  1 
ATOM   537  C  C   . THR A 1 80  ? 1.773   6.146   -0.717  1.00 26.74 ? 85  THR A C   1 
ATOM   538  O  O   . THR A 1 80  ? 2.901   6.453   -0.997  1.00 26.82 ? 85  THR A O   1 
ATOM   539  C  CB  . THR A 1 80  ? 1.814   3.652   -0.208  1.00 26.94 ? 85  THR A CB  1 
ATOM   540  O  OG1 . THR A 1 80  ? 0.805   3.284   -1.149  1.00 26.37 ? 85  THR A OG1 1 
ATOM   541  C  CG2 . THR A 1 80  ? 1.914   2.606   0.922   1.00 24.98 ? 85  THR A CG2 1 
ATOM   542  N  N   . HIS A 1 81  ? 0.720   6.720   -1.298  1.00 30.29 ? 86  HIS A N   1 
ATOM   543  C  CA  . HIS A 1 81  ? 0.816   8.002   -2.009  1.00 31.78 ? 86  HIS A CA  1 
ATOM   544  C  C   . HIS A 1 81  ? -0.587  8.590   -2.197  1.00 33.73 ? 86  HIS A C   1 
ATOM   545  O  O   . HIS A 1 81  ? -1.561  7.980   -1.762  1.00 31.29 ? 86  HIS A O   1 
ATOM   546  C  CB  . HIS A 1 81  ? 1.592   7.917   -3.347  1.00 32.60 ? 86  HIS A CB  1 
ATOM   547  C  CG  . HIS A 1 81  ? 0.907   7.102   -4.395  1.00 34.20 ? 86  HIS A CG  1 
ATOM   548  N  ND1 . HIS A 1 81  ? 0.936   5.728   -4.395  1.00 34.94 ? 86  HIS A ND1 1 
ATOM   549  C  CD2 . HIS A 1 81  ? 0.200   7.464   -5.485  1.00 34.74 ? 86  HIS A CD2 1 
ATOM   550  C  CE1 . HIS A 1 81  ? 0.256   5.276   -5.430  1.00 35.86 ? 86  HIS A CE1 1 
ATOM   551  N  NE2 . HIS A 1 81  ? -0.213  6.309   -6.099  1.00 36.99 ? 86  HIS A NE2 1 
ATOM   552  N  N   . ALA A 1 82  ? -0.666  9.761   -2.842  1.00 33.12 ? 87  ALA A N   1 
ATOM   553  C  CA  . ALA A 1 82  ? -1.854  10.608  -2.849  1.00 35.17 ? 87  ALA A CA  1 
ATOM   554  C  C   . ALA A 1 82  ? -2.732  10.490  -4.074  1.00 35.03 ? 87  ALA A C   1 
ATOM   555  O  O   . ALA A 1 82  ? -3.524  11.369  -4.344  1.00 46.56 ? 87  ALA A O   1 
ATOM   556  C  CB  . ALA A 1 82  ? -1.450  12.061  -2.654  1.00 34.98 ? 87  ALA A CB  1 
ATOM   557  N  N   . HIS A 1 83  ? -2.625  9.403   -4.801  1.00 37.94 ? 88  HIS A N   1 
ATOM   558  C  CA  . HIS A 1 83  ? -3.604  9.108   -5.832  1.00 37.60 ? 88  HIS A CA  1 
ATOM   559  C  C   . HIS A 1 83  ? -4.815  8.499   -5.202  1.00 42.68 ? 88  HIS A C   1 
ATOM   560  O  O   . HIS A 1 83  ? -4.741  7.890   -4.123  1.00 45.18 ? 88  HIS A O   1 
ATOM   561  C  CB  . HIS A 1 83  ? -3.048  8.138   -6.859  1.00 33.31 ? 88  HIS A CB  1 
ATOM   562  C  CG  . HIS A 1 83  ? -2.165  8.797   -7.874  1.00 34.58 ? 88  HIS A CG  1 
ATOM   563  N  ND1 . HIS A 1 83  ? -1.292  8.091   -8.687  1.00 33.82 ? 88  HIS A ND1 1 
ATOM   564  C  CD2 . HIS A 1 83  ? -2.020  10.109  -8.212  1.00 33.57 ? 88  HIS A CD2 1 
ATOM   565  C  CE1 . HIS A 1 83  ? -0.673  8.934   -9.499  1.00 32.27 ? 88  HIS A CE1 1 
ATOM   566  N  NE2 . HIS A 1 83  ? -1.093  10.163  -9.229  1.00 34.65 ? 88  HIS A NE2 1 
ATOM   567  N  N   . ALA A 1 84  ? -5.922  8.628   -5.918  1.00 44.54 ? 89  ALA A N   1 
ATOM   568  C  CA  . ALA A 1 84  ? -7.212  8.150   -5.476  1.00 40.99 ? 89  ALA A CA  1 
ATOM   569  C  C   . ALA A 1 84  ? -7.259  6.696   -5.040  1.00 40.07 ? 89  ALA A C   1 
ATOM   570  O  O   . ALA A 1 84  ? -7.993  6.373   -4.109  1.00 42.69 ? 89  ALA A O   1 
ATOM   571  C  CB  . ALA A 1 84  ? -8.227  8.367   -6.577  1.00 44.41 ? 89  ALA A CB  1 
ATOM   572  N  N   . ASP A 1 85  ? -6.546  5.796   -5.716  1.00 41.05 ? 90  ASP A N   1 
ATOM   573  C  CA  . ASP A 1 85  ? -6.620  4.371   -5.332  1.00 40.76 ? 90  ASP A CA  1 
ATOM   574  C  C   . ASP A 1 85  ? -6.021  4.124   -3.979  1.00 40.81 ? 90  ASP A C   1 
ATOM   575  O  O   . ASP A 1 85  ? -6.417  3.187   -3.293  1.00 41.45 ? 90  ASP A O   1 
ATOM   576  C  CB  . ASP A 1 85  ? -6.017  3.401   -6.358  1.00 43.27 ? 90  ASP A CB  1 
ATOM   577  C  CG  . ASP A 1 85  ? -4.570  3.697   -6.703  1.00 47.83 ? 90  ASP A CG  1 
ATOM   578  O  OD1 . ASP A 1 85  ? -4.126  4.876   -6.727  1.00 44.60 ? 90  ASP A OD1 1 
ATOM   579  O  OD2 . ASP A 1 85  ? -3.874  2.702   -7.007  1.00 52.62 ? 90  ASP A OD2 1 
ATOM   580  N  N   . ARG A 1 86  ? -5.076  4.976   -3.590  1.00 39.53 ? 91  ARG A N   1 
ATOM   581  C  CA  . ARG A 1 86  ? -4.522  4.926   -2.258  1.00 38.38 ? 91  ARG A CA  1 
ATOM   582  C  C   . ARG A 1 86  ? -5.387  5.654   -1.250  1.00 35.19 ? 91  ARG A C   1 
ATOM   583  O  O   . ARG A 1 86  ? -5.633  5.159   -0.153  1.00 35.45 ? 91  ARG A O   1 
ATOM   584  C  CB  . ARG A 1 86  ? -3.155  5.576   -2.249  1.00 40.64 ? 91  ARG A CB  1 
ATOM   585  C  CG  . ARG A 1 86  ? -2.218  5.069   -3.333  1.00 41.97 ? 91  ARG A CG  1 
ATOM   586  C  CD  . ARG A 1 86  ? -1.917  3.583   -3.165  1.00 42.63 ? 91  ARG A CD  1 
ATOM   587  N  NE  . ARG A 1 86  ? -2.575  2.668   -4.095  1.00 41.83 ? 91  ARG A NE  1 
ATOM   588  C  CZ  . ARG A 1 86  ? -2.488  1.337   -4.002  1.00 42.98 ? 91  ARG A CZ  1 
ATOM   589  N  NH1 . ARG A 1 86  ? -3.109  0.561   -4.874  1.00 45.03 ? 91  ARG A NH1 1 
ATOM   590  N  NH2 . ARG A 1 86  ? -1.774  0.773   -3.039  1.00 43.68 ? 91  ARG A NH2 1 
ATOM   591  N  N   . ILE A 1 87  ? -5.829  6.850   -1.593  1.00 35.91 ? 92  ILE A N   1 
ATOM   592  C  CA  . ILE A 1 87  ? -6.326  7.786   -0.554  1.00 35.24 ? 92  ILE A CA  1 
ATOM   593  C  C   . ILE A 1 87  ? -7.817  8.044   -0.655  1.00 36.17 ? 92  ILE A C   1 
ATOM   594  O  O   . ILE A 1 87  ? -8.372  8.802   0.140   1.00 33.33 ? 92  ILE A O   1 
ATOM   595  C  CB  . ILE A 1 87  ? -5.575  9.123   -0.631  1.00 34.40 ? 92  ILE A CB  1 
ATOM   596  C  CG1 . ILE A 1 87  ? -5.582  9.842   0.733   1.00 34.55 ? 92  ILE A CG1 1 
ATOM   597  C  CG2 . ILE A 1 87  ? -6.134  10.006  -1.745  1.00 35.17 ? 92  ILE A CG2 1 
ATOM   598  C  CD1 . ILE A 1 87  ? -4.567  10.952  0.784   1.00 32.78 ? 92  ILE A CD1 1 
ATOM   599  N  N   . GLY A 1 88  ? -8.459  7.374   -1.617  1.00 38.29 ? 93  GLY A N   1 
ATOM   600  C  CA  . GLY A 1 88  ? -9.845  7.618   -1.962  1.00 40.08 ? 93  GLY A CA  1 
ATOM   601  C  C   . GLY A 1 88  ? -10.833 7.463   -0.828  1.00 40.02 ? 93  GLY A C   1 
ATOM   602  O  O   . GLY A 1 88  ? -11.873 8.132   -0.825  1.00 41.17 ? 93  GLY A O   1 
ATOM   603  N  N   . GLY A 1 89  ? -10.511 6.613   0.144   1.00 34.57 ? 94  GLY A N   1 
ATOM   604  C  CA  . GLY A 1 89  ? -11.432 6.371   1.260   1.00 37.09 ? 94  GLY A CA  1 
ATOM   605  C  C   . GLY A 1 89  ? -11.030 7.090   2.530   1.00 37.46 ? 94  GLY A C   1 
ATOM   606  O  O   . GLY A 1 89  ? -11.385 6.644   3.609   1.00 38.49 ? 94  GLY A O   1 
ATOM   607  N  N   . ILE A 1 90  ? -10.250 8.168   2.393   1.00 36.12 ? 95  ILE A N   1 
ATOM   608  C  CA  . ILE A 1 90  ? -9.764  8.970   3.507   1.00 39.01 ? 95  ILE A CA  1 
ATOM   609  C  C   . ILE A 1 90  ? -10.856 9.569   4.427   1.00 39.87 ? 95  ILE A C   1 
ATOM   610  O  O   . ILE A 1 90  ? -10.644 9.680   5.619   1.00 40.58 ? 95  ILE A O   1 
ATOM   611  C  CB  . ILE A 1 90  ? -8.836  10.103  2.997   1.00 40.18 ? 95  ILE A CB  1 
ATOM   612  C  CG1 . ILE A 1 90  ? -8.081  10.759  4.146   1.00 41.28 ? 95  ILE A CG1 1 
ATOM   613  C  CG2 . ILE A 1 90  ? -9.609  11.165  2.192   1.00 40.60 ? 95  ILE A CG2 1 
ATOM   614  C  CD1 . ILE A 1 90  ? -7.079  9.879   4.843   1.00 40.65 ? 95  ILE A CD1 1 
ATOM   615  N  N   . LYS A 1 91  ? -11.998 9.960   3.869   1.00 42.94 ? 96  LYS A N   1 
ATOM   616  C  CA  . LYS A 1 91  ? -13.125 10.522  4.656   1.00 43.77 ? 96  LYS A CA  1 
ATOM   617  C  C   . LYS A 1 91  ? -13.702 9.460   5.609   1.00 38.11 ? 96  LYS A C   1 
ATOM   618  O  O   . LYS A 1 91  ? -14.047 9.750   6.730   1.00 36.72 ? 96  LYS A O   1 
ATOM   619  C  CB  . LYS A 1 91  ? -14.242 11.055  3.698   1.00 43.90 ? 96  LYS A CB  1 
ATOM   620  C  CG  . LYS A 1 91  ? -15.196 12.107  4.277   1.00 44.71 ? 96  LYS A CG  1 
ATOM   621  N  N   . THR A 1 92  ? -13.817 8.241   5.113   1.00 36.02 ? 97  THR A N   1 
ATOM   622  C  CA  . THR A 1 92  ? -14.293 7.132   5.893   1.00 38.74 ? 97  THR A CA  1 
ATOM   623  C  C   . THR A 1 92  ? -13.336 6.903   7.039   1.00 41.31 ? 97  THR A C   1 
ATOM   624  O  O   . THR A 1 92  ? -13.768 6.849   8.205   1.00 42.65 ? 97  THR A O   1 
ATOM   625  C  CB  . THR A 1 92  ? -14.429 5.863   5.037   1.00 38.90 ? 97  THR A CB  1 
ATOM   626  O  OG1 . THR A 1 92  ? -15.319 6.113   3.942   1.00 42.03 ? 97  THR A OG1 1 
ATOM   627  C  CG2 . THR A 1 92  ? -14.998 4.744   5.842   1.00 43.25 ? 97  THR A CG2 1 
ATOM   628  N  N   . LEU A 1 93  ? -12.038 6.793   6.736   1.00 37.30 ? 98  LEU A N   1 
ATOM   629  C  CA  . LEU A 1 93  ? -11.065 6.602   7.801   1.00 37.09 ? 98  LEU A CA  1 
ATOM   630  C  C   . LEU A 1 93  ? -11.218 7.658   8.874   1.00 39.58 ? 98  LEU A C   1 
ATOM   631  O  O   . LEU A 1 93  ? -11.564 7.337   9.997   1.00 39.47 ? 98  LEU A O   1 
ATOM   632  C  CB  . LEU A 1 93  ? -9.634  6.637   7.272   1.00 37.96 ? 98  LEU A CB  1 
ATOM   633  C  CG  . LEU A 1 93  ? -9.284  5.603   6.189   1.00 38.50 ? 98  LEU A CG  1 
ATOM   634  C  CD1 . LEU A 1 93  ? -7.799  5.634   5.907   1.00 35.39 ? 98  LEU A CD1 1 
ATOM   635  C  CD2 . LEU A 1 93  ? -9.737  4.187   6.581   1.00 37.18 ? 98  LEU A CD2 1 
ATOM   636  N  N   . LYS A 1 94  ? -10.998 8.919   8.494   1.00 42.52 ? 99  LYS A N   1 
ATOM   637  C  CA  . LYS A 1 94  ? -10.916 10.052  9.423   1.00 46.84 ? 99  LYS A CA  1 
ATOM   638  C  C   . LYS A 1 94  ? -12.120 10.146  10.355  1.00 44.24 ? 99  LYS A C   1 
ATOM   639  O  O   . LYS A 1 94  ? -11.965 10.402  11.546  1.00 44.71 ? 99  LYS A O   1 
ATOM   640  C  CB  . LYS A 1 94  ? -10.730 11.372  8.650   1.00 51.45 ? 99  LYS A CB  1 
ATOM   641  C  CG  . LYS A 1 94  ? -9.283  11.691  8.212   1.00 54.02 ? 99  LYS A CG  1 
ATOM   642  C  CD  . LYS A 1 94  ? -8.632  12.864  8.981   1.00 57.49 ? 99  LYS A CD  1 
ATOM   643  C  CE  . LYS A 1 94  ? -8.930  14.224  8.332   1.00 59.87 ? 99  LYS A CE  1 
ATOM   644  N  NZ  . LYS A 1 94  ? -8.399  15.448  9.013   1.00 57.69 ? 99  LYS A NZ  1 
ATOM   645  N  N   . GLU A 1 95  ? -13.301 9.902   9.815   1.00 40.50 ? 100 GLU A N   1 
ATOM   646  C  CA  . GLU A 1 95  ? -14.520 10.044  10.564  1.00 42.46 ? 100 GLU A CA  1 
ATOM   647  C  C   . GLU A 1 95  ? -14.816 8.817   11.458  1.00 40.11 ? 100 GLU A C   1 
ATOM   648  O  O   . GLU A 1 95  ? -15.495 8.964   12.461  1.00 39.00 ? 100 GLU A O   1 
ATOM   649  C  CB  . GLU A 1 95  ? -15.681 10.346  9.621   1.00 43.49 ? 100 GLU A CB  1 
ATOM   650  C  CG  . GLU A 1 95  ? -16.313 9.125   8.994   1.00 46.15 ? 100 GLU A CG  1 
ATOM   651  C  CD  . GLU A 1 95  ? -17.211 9.482   7.834   1.00 45.83 ? 100 GLU A CD  1 
ATOM   652  O  OE1 . GLU A 1 95  ? -17.609 10.654  7.729   1.00 52.00 ? 100 GLU A OE1 1 
ATOM   653  O  OE2 . GLU A 1 95  ? -17.505 8.596   7.018   1.00 47.34 ? 100 GLU A OE2 1 
ATOM   654  N  N   . ARG A 1 96  ? -14.292 7.633   11.141  1.00 36.13 ? 101 ARG A N   1 
ATOM   655  C  CA  . ARG A 1 96  ? -14.410 6.483   12.073  1.00 34.78 ? 101 ARG A CA  1 
ATOM   656  C  C   . ARG A 1 96  ? -13.299 6.432   13.133  1.00 35.38 ? 101 ARG A C   1 
ATOM   657  O  O   . ARG A 1 96  ? -13.264 5.520   13.987  1.00 37.49 ? 101 ARG A O   1 
ATOM   658  C  CB  . ARG A 1 96  ? -14.420 5.176   11.311  1.00 34.55 ? 101 ARG A CB  1 
ATOM   659  C  CG  . ARG A 1 96  ? -15.523 5.092   10.281  1.00 35.63 ? 101 ARG A CG  1 
ATOM   660  C  CD  . ARG A 1 96  ? -15.554 3.758   9.530   1.00 37.07 ? 101 ARG A CD  1 
ATOM   661  N  NE  . ARG A 1 96  ? -16.726 3.761   8.658   1.00 42.90 ? 101 ARG A NE  1 
ATOM   662  C  CZ  . ARG A 1 96  ? -17.404 2.695   8.218   1.00 48.13 ? 101 ARG A CZ  1 
ATOM   663  N  NH1 . ARG A 1 96  ? -17.047 1.444   8.537   1.00 47.92 ? 101 ARG A NH1 1 
ATOM   664  N  NH2 . ARG A 1 96  ? -18.460 2.901   7.422   1.00 47.21 ? 101 ARG A NH2 1 
ATOM   665  N  N   . GLY A 1 97  ? -12.408 7.409   13.096  1.00 32.08 ? 102 GLY A N   1 
ATOM   666  C  CA  . GLY A 1 97  ? -11.340 7.519   14.068  1.00 32.83 ? 102 GLY A CA  1 
ATOM   667  C  C   . GLY A 1 97  ? -10.213 6.579   13.755  1.00 31.08 ? 102 GLY A C   1 
ATOM   668  O  O   . GLY A 1 97  ? -9.437  6.211   14.642  1.00 28.40 ? 102 GLY A O   1 
ATOM   669  N  N   . ILE A 1 98  ? -10.112 6.209   12.478  1.00 31.66 ? 103 ILE A N   1 
ATOM   670  C  CA  . ILE A 1 98  ? -9.036  5.355   11.997  1.00 31.28 ? 103 ILE A CA  1 
ATOM   671  C  C   . ILE A 1 98  ? -7.870  6.257   11.676  1.00 29.55 ? 103 ILE A C   1 
ATOM   672  O  O   . ILE A 1 98  ? -8.014  7.185   10.911  1.00 27.99 ? 103 ILE A O   1 
ATOM   673  C  CB  . ILE A 1 98  ? -9.467  4.550   10.747  1.00 31.77 ? 103 ILE A CB  1 
ATOM   674  C  CG1 . ILE A 1 98  ? -10.557 3.560   11.140  1.00 32.51 ? 103 ILE A CG1 1 
ATOM   675  C  CG2 . ILE A 1 98  ? -8.281  3.804   10.133  1.00 31.60 ? 103 ILE A CG2 1 
ATOM   676  C  CD1 . ILE A 1 98  ? -11.364 2.974   9.987   1.00 34.49 ? 103 ILE A CD1 1 
ATOM   677  N  N   . LYS A 1 99  ? -6.727  5.998   12.295  1.00 33.08 ? 104 LYS A N   1 
ATOM   678  C  CA  . LYS A 1 99  ? -5.521  6.801   12.080  1.00 33.76 ? 104 LYS A CA  1 
ATOM   679  C  C   . LYS A 1 99  ? -4.936  6.573   10.656  1.00 32.38 ? 104 LYS A C   1 
ATOM   680  O  O   . LYS A 1 99  ? -4.796  5.448   10.202  1.00 31.64 ? 104 LYS A O   1 
ATOM   681  C  CB  . LYS A 1 99  ? -4.474  6.443   13.124  1.00 37.35 ? 104 LYS A CB  1 
ATOM   682  C  CG  . LYS A 1 99  ? -4.619  7.158   14.441  1.00 41.29 ? 104 LYS A CG  1 
ATOM   683  C  CD  . LYS A 1 99  ? -3.492  6.756   15.372  1.00 48.58 ? 104 LYS A CD  1 
ATOM   684  C  CE  . LYS A 1 99  ? -3.882  6.889   16.840  1.00 55.16 ? 104 LYS A CE  1 
ATOM   685  N  NZ  . LYS A 1 99  ? -4.966  5.929   17.236  1.00 59.69 ? 104 LYS A NZ  1 
ATOM   686  N  N   . ALA A 1 100 ? -4.578  7.648   9.973   1.00 30.50 ? 105 ALA A N   1 
ATOM   687  C  CA  . ALA A 1 100 ? -4.106  7.576   8.604   1.00 29.32 ? 105 ALA A CA  1 
ATOM   688  C  C   . ALA A 1 100 ? -2.710  8.147   8.570   1.00 30.01 ? 105 ALA A C   1 
ATOM   689  O  O   . ALA A 1 100 ? -2.540  9.363   8.589   1.00 32.55 ? 105 ALA A O   1 
ATOM   690  C  CB  . ALA A 1 100 ? -5.049  8.338   7.687   1.00 28.91 ? 105 ALA A CB  1 
ATOM   691  N  N   . HIS A 1 101 ? -1.708  7.266   8.574   1.00 29.27 ? 106 HIS A N   1 
ATOM   692  C  CA  . HIS A 1 101 ? -0.332  7.697   8.617   1.00 27.12 ? 106 HIS A CA  1 
ATOM   693  C  C   . HIS A 1 101 ? 0.124   7.968   7.195   1.00 27.19 ? 106 HIS A C   1 
ATOM   694  O  O   . HIS A 1 101 ? -0.300  7.274   6.263   1.00 25.82 ? 106 HIS A O   1 
ATOM   695  C  CB  . HIS A 1 101 ? 0.547   6.614   9.230   1.00 27.41 ? 106 HIS A CB  1 
ATOM   696  C  CG  . HIS A 1 101 ? 0.034   6.080   10.523  1.00 30.40 ? 106 HIS A CG  1 
ATOM   697  N  ND1 . HIS A 1 101 ? 0.255   6.712   11.732  1.00 33.33 ? 106 HIS A ND1 1 
ATOM   698  C  CD2 . HIS A 1 101 ? -0.713  4.987   10.797  1.00 29.82 ? 106 HIS A CD2 1 
ATOM   699  C  CE1 . HIS A 1 101 ? -0.336  6.028   12.693  1.00 32.74 ? 106 HIS A CE1 1 
ATOM   700  N  NE2 . HIS A 1 101 ? -0.927  4.979   12.151  1.00 30.87 ? 106 HIS A NE2 1 
ATOM   701  N  N   . SER A 1 102 ? 0.993   8.956   7.038   1.00 25.72 ? 107 SER A N   1 
ATOM   702  C  CA  . SER A 1 102 ? 1.629   9.251   5.766   1.00 25.46 ? 107 SER A CA  1 
ATOM   703  C  C   . SER A 1 102 ? 2.827   10.134  5.957   1.00 26.26 ? 107 SER A C   1 
ATOM   704  O  O   . SER A 1 102 ? 3.025   10.700  7.019   1.00 29.83 ? 107 SER A O   1 
ATOM   705  C  CB  . SER A 1 102 ? 0.675   10.002  4.821   1.00 28.20 ? 107 SER A CB  1 
ATOM   706  O  OG  . SER A 1 102 ? 0.430   11.337  5.276   1.00 27.39 ? 107 SER A OG  1 
ATOM   707  N  N   . THR A 1 103 ? 3.634   10.294  4.921   1.00 26.31 ? 108 THR A N   1 
ATOM   708  C  CA  . THR A 1 103 ? 4.605   11.373  4.959   1.00 25.88 ? 108 THR A CA  1 
ATOM   709  C  C   . THR A 1 103 ? 3.905   12.729  4.872   1.00 24.46 ? 108 THR A C   1 
ATOM   710  O  O   . THR A 1 103 ? 2.692   12.869  4.507   1.00 24.10 ? 108 THR A O   1 
ATOM   711  C  CB  . THR A 1 103 ? 5.609   11.286  3.785   1.00 26.25 ? 108 THR A CB  1 
ATOM   712  O  OG1 . THR A 1 103 ? 4.919   11.425  2.532   1.00 25.39 ? 108 THR A OG1 1 
ATOM   713  C  CG2 . THR A 1 103 ? 6.334   9.975   3.832   1.00 27.97 ? 108 THR A CG2 1 
ATOM   714  N  N   . ALA A 1 104 ? 4.680   13.740  5.200   1.00 25.89 ? 109 ALA A N   1 
ATOM   715  C  CA  . ALA A 1 104 ? 4.223   15.138  5.062   1.00 28.93 ? 109 ALA A CA  1 
ATOM   716  C  C   . ALA A 1 104 ? 3.905   15.403  3.618   1.00 26.53 ? 109 ALA A C   1 
ATOM   717  O  O   . ALA A 1 104 ? 2.875   16.012  3.302   1.00 27.42 ? 109 ALA A O   1 
ATOM   718  C  CB  . ALA A 1 104 ? 5.303   16.117  5.534   1.00 28.78 ? 109 ALA A CB  1 
ATOM   719  N  N   . LEU A 1 105 ? 4.793   14.927  2.743   1.00 26.90 ? 110 LEU A N   1 
ATOM   720  C  CA  . LEU A 1 105 ? 4.665   15.192  1.321   1.00 26.69 ? 110 LEU A CA  1 
ATOM   721  C  C   . LEU A 1 105 ? 3.342   14.671  0.835   1.00 27.18 ? 110 LEU A C   1 
ATOM   722  O  O   . LEU A 1 105 ? 2.615   15.349  0.122   1.00 27.65 ? 110 LEU A O   1 
ATOM   723  C  CB  . LEU A 1 105 ? 5.799   14.554  0.549   1.00 27.42 ? 110 LEU A CB  1 
ATOM   724  C  CG  . LEU A 1 105 ? 5.836   14.965  -0.937  1.00 29.00 ? 110 LEU A CG  1 
ATOM   725  C  CD1 . LEU A 1 105 ? 5.819   16.488  -1.145  1.00 27.61 ? 110 LEU A CD1 1 
ATOM   726  C  CD2 . LEU A 1 105 ? 7.038   14.342  -1.631  1.00 27.61 ? 110 LEU A CD2 1 
ATOM   727  N  N   . THR A 1 106 ? 3.006   13.467  1.274   1.00 27.94 ? 111 THR A N   1 
ATOM   728  C  CA  . THR A 1 106 ? 1.795   12.825  0.828   1.00 27.22 ? 111 THR A CA  1 
ATOM   729  C  C   . THR A 1 106 ? 0.602   13.581  1.393   1.00 29.37 ? 111 THR A C   1 
ATOM   730  O  O   . THR A 1 106 ? -0.406  13.746  0.730   1.00 32.95 ? 111 THR A O   1 
ATOM   731  C  CB  . THR A 1 106 ? 1.783   11.374  1.266   1.00 24.52 ? 111 THR A CB  1 
ATOM   732  O  OG1 . THR A 1 106 ? 2.800   10.660  0.560   1.00 24.14 ? 111 THR A OG1 1 
ATOM   733  C  CG2 . THR A 1 106 ? 0.482   10.776  0.969   1.00 23.21 ? 111 THR A CG2 1 
ATOM   734  N  N   . ALA A 1 107 ? 0.724   14.043  2.626   1.00 31.57 ? 112 ALA A N   1 
ATOM   735  C  CA  . ALA A 1 107 ? -0.310  14.859  3.233   1.00 30.45 ? 112 ALA A CA  1 
ATOM   736  C  C   . ALA A 1 107 ? -0.580  16.107  2.386   1.00 32.73 ? 112 ALA A C   1 
ATOM   737  O  O   . ALA A 1 107 ? -1.721  16.374  1.989   1.00 33.46 ? 112 ALA A O   1 
ATOM   738  C  CB  . ALA A 1 107 ? 0.093   15.260  4.635   1.00 28.55 ? 112 ALA A CB  1 
ATOM   739  N  N   . GLU A 1 108 ? 0.471   16.861  2.104   1.00 34.69 ? 113 GLU A N   1 
ATOM   740  C  CA  . GLU A 1 108 ? 0.359   18.064  1.252   1.00 36.70 ? 113 GLU A CA  1 
ATOM   741  C  C   . GLU A 1 108 ? -0.247  17.825  -0.116  1.00 34.39 ? 113 GLU A C   1 
ATOM   742  O  O   . GLU A 1 108 ? -1.026  18.645  -0.615  1.00 33.33 ? 113 GLU A O   1 
ATOM   743  C  CB  . GLU A 1 108 ? 1.740   18.621  0.958   1.00 38.61 ? 113 GLU A CB  1 
ATOM   744  C  CG  . GLU A 1 108 ? 2.358   19.365  2.078   1.00 40.40 ? 113 GLU A CG  1 
ATOM   745  C  CD  . GLU A 1 108 ? 3.855   19.435  1.936   1.00 48.25 ? 113 GLU A CD  1 
ATOM   746  O  OE1 . GLU A 1 108 ? 4.364   19.364  0.776   1.00 43.62 ? 113 GLU A OE1 1 
ATOM   747  O  OE2 . GLU A 1 108 ? 4.509   19.572  3.004   1.00 53.47 ? 113 GLU A OE2 1 
ATOM   748  N  N   . LEU A 1 109 ? 0.218   16.760  -0.766  1.00 34.42 ? 114 LEU A N   1 
ATOM   749  C  CA  . LEU A 1 109 ? -0.286  16.398  -2.080  1.00 32.39 ? 114 LEU A CA  1 
ATOM   750  C  C   . LEU A 1 109 ? -1.747  16.009  -1.981  1.00 35.57 ? 114 LEU A C   1 
ATOM   751  O  O   . LEU A 1 109 ? -2.529  16.311  -2.885  1.00 41.70 ? 114 LEU A O   1 
ATOM   752  C  CB  . LEU A 1 109 ? 0.525   15.273  -2.694  1.00 31.42 ? 114 LEU A CB  1 
ATOM   753  C  CG  . LEU A 1 109 ? 2.005   15.504  -3.017  1.00 31.27 ? 114 LEU A CG  1 
ATOM   754  C  CD1 . LEU A 1 109 ? 2.596   14.255  -3.646  1.00 33.23 ? 114 LEU A CD1 1 
ATOM   755  C  CD2 . LEU A 1 109 ? 2.210   16.655  -3.985  1.00 34.24 ? 114 LEU A CD2 1 
ATOM   756  N  N   . ALA A 1 110 ? -2.139  15.352  -0.897  1.00 33.97 ? 115 ALA A N   1 
ATOM   757  C  CA  . ALA A 1 110 ? -3.541  15.054  -0.725  1.00 37.76 ? 115 ALA A CA  1 
ATOM   758  C  C   . ALA A 1 110 ? -4.309  16.367  -0.632  1.00 39.77 ? 115 ALA A C   1 
ATOM   759  O  O   . ALA A 1 110 ? -5.274  16.576  -1.371  1.00 37.87 ? 115 ALA A O   1 
ATOM   760  C  CB  . ALA A 1 110 ? -3.782  14.207  0.509   1.00 37.75 ? 115 ALA A CB  1 
ATOM   761  N  N   . LYS A 1 111 ? -3.897  17.263  0.258   1.00 45.27 ? 116 LYS A N   1 
ATOM   762  C  CA  . LYS A 1 111 ? -4.644  18.538  0.395   1.00 52.22 ? 116 LYS A CA  1 
ATOM   763  C  C   . LYS A 1 111 ? -4.664  19.344  -0.918  1.00 49.00 ? 116 LYS A C   1 
ATOM   764  O  O   . LYS A 1 111 ? -5.632  20.021  -1.217  1.00 48.96 ? 116 LYS A O   1 
ATOM   765  C  CB  . LYS A 1 111 ? -4.094  19.403  1.518   1.00 59.50 ? 116 LYS A CB  1 
ATOM   766  C  CG  . LYS A 1 111 ? -5.046  20.523  1.939   1.00 63.59 ? 116 LYS A CG  1 
ATOM   767  C  CD  . LYS A 1 111 ? -4.283  21.640  2.613   1.00 63.43 ? 116 LYS A CD  1 
ATOM   768  C  CE  . LYS A 1 111 ? -5.107  22.292  3.705   1.00 68.58 ? 116 LYS A CE  1 
ATOM   769  N  NZ  . LYS A 1 111 ? -4.188  23.013  4.627   1.00 69.52 ? 116 LYS A NZ  1 
ATOM   770  N  N   . LYS A 1 112 ? -3.597  19.221  -1.694  1.00 43.36 ? 117 LYS A N   1 
ATOM   771  C  CA  . LYS A 1 112 ? -3.503  19.839  -2.996  1.00 47.62 ? 117 LYS A CA  1 
ATOM   772  C  C   . LYS A 1 112 ? -4.567  19.290  -3.949  1.00 48.40 ? 117 LYS A C   1 
ATOM   773  O  O   . LYS A 1 112 ? -5.230  20.066  -4.618  1.00 53.96 ? 117 LYS A O   1 
ATOM   774  C  CB  . LYS A 1 112 ? -2.098  19.601  -3.595  1.00 50.79 ? 117 LYS A CB  1 
ATOM   775  C  CG  . LYS A 1 112 ? -1.555  20.742  -4.431  1.00 53.23 ? 117 LYS A CG  1 
ATOM   776  C  CD  . LYS A 1 112 ? -0.544  20.276  -5.479  1.00 58.71 ? 117 LYS A CD  1 
ATOM   777  C  CE  . LYS A 1 112 ? 0.900   20.518  -5.069  1.00 61.95 ? 117 LYS A CE  1 
ATOM   778  N  NZ  . LYS A 1 112 ? 1.734   20.781  -6.279  1.00 63.30 ? 117 LYS A NZ  1 
ATOM   779  N  N   . ASN A 1 113 ? -4.729  17.964  -4.013  1.00 45.40 ? 118 ASN A N   1 
ATOM   780  C  CA  . ASN A 1 113 ? -5.732  17.342  -4.880  1.00 41.41 ? 118 ASN A CA  1 
ATOM   781  C  C   . ASN A 1 113 ? -7.150  17.382  -4.253  1.00 40.53 ? 118 ASN A C   1 
ATOM   782  O  O   . ASN A 1 113 ? -8.076  16.690  -4.718  1.00 39.36 ? 118 ASN A O   1 
ATOM   783  C  CB  . ASN A 1 113 ? -5.389  15.863  -5.188  1.00 44.47 ? 118 ASN A CB  1 
ATOM   784  C  CG  . ASN A 1 113 ? -3.930  15.616  -5.611  1.00 45.71 ? 118 ASN A CG  1 
ATOM   785  O  OD1 . ASN A 1 113 ? -3.409  14.511  -5.410  1.00 51.11 ? 118 ASN A OD1 1 
ATOM   786  N  ND2 . ASN A 1 113 ? -3.284  16.604  -6.189  1.00 42.69 ? 118 ASN A ND2 1 
ATOM   787  N  N   . GLY A 1 114 ? -7.317  18.142  -3.179  1.00 41.71 ? 119 GLY A N   1 
ATOM   788  C  CA  . GLY A 1 114 ? -8.642  18.315  -2.552  1.00 47.81 ? 119 GLY A CA  1 
ATOM   789  C  C   . GLY A 1 114 ? -9.186  17.161  -1.721  1.00 47.57 ? 119 GLY A C   1 
ATOM   790  O  O   . GLY A 1 114 ? -10.401 17.063  -1.539  1.00 47.47 ? 119 GLY A O   1 
ATOM   791  N  N   . TYR A 1 115 ? -8.295  16.292  -1.232  1.00 46.58 ? 120 TYR A N   1 
ATOM   792  C  CA  . TYR A 1 115 ? -8.654  15.236  -0.294  1.00 43.19 ? 120 TYR A CA  1 
ATOM   793  C  C   . TYR A 1 115 ? -8.483  15.743  1.123   1.00 39.36 ? 120 TYR A C   1 
ATOM   794  O  O   . TYR A 1 115 ? -7.803  16.713  1.346   1.00 41.89 ? 120 TYR A O   1 
ATOM   795  C  CB  . TYR A 1 115 ? -7.781  14.009  -0.520  1.00 44.40 ? 120 TYR A CB  1 
ATOM   796  C  CG  . TYR A 1 115 ? -8.144  13.271  -1.776  1.00 50.19 ? 120 TYR A CG  1 
ATOM   797  C  CD1 . TYR A 1 115 ? -9.254  12.423  -1.825  1.00 50.81 ? 120 TYR A CD1 1 
ATOM   798  C  CD2 . TYR A 1 115 ? -7.404  13.444  -2.938  1.00 55.81 ? 120 TYR A CD2 1 
ATOM   799  C  CE1 . TYR A 1 115 ? -9.588  11.751  -2.994  1.00 53.72 ? 120 TYR A CE1 1 
ATOM   800  C  CE2 . TYR A 1 115 ? -7.739  12.787  -4.114  1.00 56.73 ? 120 TYR A CE2 1 
ATOM   801  C  CZ  . TYR A 1 115 ? -8.825  11.947  -4.137  1.00 55.69 ? 120 TYR A CZ  1 
ATOM   802  O  OH  . TYR A 1 115 ? -9.122  11.305  -5.302  1.00 58.99 ? 120 TYR A OH  1 
ATOM   803  N  N   . GLU A 1 116 ? -9.104  15.084  2.087   1.00 40.23 ? 121 GLU A N   1 
ATOM   804  C  CA  . GLU A 1 116 ? -8.785  15.345  3.486   1.00 40.64 ? 121 GLU A CA  1 
ATOM   805  C  C   . GLU A 1 116 ? -7.354  14.854  3.797   1.00 40.95 ? 121 GLU A C   1 
ATOM   806  O  O   . GLU A 1 116 ? -6.792  13.928  3.128   1.00 35.13 ? 121 GLU A O   1 
ATOM   807  C  CB  . GLU A 1 116 ? -9.801  14.684  4.426   1.00 44.19 ? 121 GLU A CB  1 
ATOM   808  C  CG  . GLU A 1 116 ? -11.170 15.367  4.470   1.00 46.36 ? 121 GLU A CG  1 
ATOM   809  C  CD  . GLU A 1 116 ? -12.168 14.639  5.375   1.00 51.67 ? 121 GLU A CD  1 
ATOM   810  O  OE1 . GLU A 1 116 ? -11.759 13.988  6.364   1.00 53.25 ? 121 GLU A OE1 1 
ATOM   811  O  OE2 . GLU A 1 116 ? -13.385 14.700  5.102   1.00 57.09 ? 121 GLU A OE2 1 
ATOM   812  N  N   . GLU A 1 117 ? -6.756  15.491  4.795   1.00 36.09 ? 122 GLU A N   1 
ATOM   813  C  CA  . GLU A 1 117 ? -5.371  15.246  5.081   1.00 39.39 ? 122 GLU A CA  1 
ATOM   814  C  C   . GLU A 1 117 ? -5.076  14.021  5.974   1.00 33.87 ? 122 GLU A C   1 
ATOM   815  O  O   . GLU A 1 117 ? -5.659  13.855  7.012   1.00 38.29 ? 122 GLU A O   1 
ATOM   816  C  CB  . GLU A 1 117 ? -4.740  16.500  5.685   1.00 43.27 ? 122 GLU A CB  1 
ATOM   817  C  CG  . GLU A 1 117 ? -3.943  17.298  4.667   1.00 48.48 ? 122 GLU A CG  1 
ATOM   818  C  CD  . GLU A 1 117 ? -3.091  18.366  5.307   1.00 52.21 ? 122 GLU A CD  1 
ATOM   819  O  OE1 . GLU A 1 117 ? -3.658  19.435  5.620   1.00 55.33 ? 122 GLU A OE1 1 
ATOM   820  O  OE2 . GLU A 1 117 ? -1.872  18.133  5.493   1.00 51.03 ? 122 GLU A OE2 1 
ATOM   821  N  N   . PRO A 1 118 ? -4.138  13.171  5.567   1.00 31.23 ? 123 PRO A N   1 
ATOM   822  C  CA  . PRO A 1 118 ? -3.583  12.220  6.530   1.00 30.87 ? 123 PRO A CA  1 
ATOM   823  C  C   . PRO A 1 118 ? -2.542  12.894  7.460   1.00 30.47 ? 123 PRO A C   1 
ATOM   824  O  O   . PRO A 1 118 ? -2.423  14.109  7.486   1.00 30.48 ? 123 PRO A O   1 
ATOM   825  C  CB  . PRO A 1 118 ? -3.007  11.130  5.662   1.00 31.50 ? 123 PRO A CB  1 
ATOM   826  C  CG  . PRO A 1 118 ? -2.819  11.729  4.322   1.00 32.67 ? 123 PRO A CG  1 
ATOM   827  C  CD  . PRO A 1 118 ? -3.738  12.885  4.185   1.00 31.57 ? 123 PRO A CD  1 
ATOM   828  N  N   . LEU A 1 119 ? -1.835  12.111  8.244   1.00 29.30 ? 124 LEU A N   1 
ATOM   829  C  CA  . LEU A 1 119 ? -1.221  12.630  9.454   1.00 29.64 ? 124 LEU A CA  1 
ATOM   830  C  C   . LEU A 1 119 ? 0.099   13.334  9.154   1.00 31.64 ? 124 LEU A C   1 
ATOM   831  O  O   . LEU A 1 119 ? 0.463   14.279  9.861   1.00 29.98 ? 124 LEU A O   1 
ATOM   832  C  CB  . LEU A 1 119 ? -1.041  11.510  10.498  1.00 27.78 ? 124 LEU A CB  1 
ATOM   833  C  CG  . LEU A 1 119 ? -2.270  11.087  11.323  1.00 27.62 ? 124 LEU A CG  1 
ATOM   834  C  CD1 . LEU A 1 119 ? -1.958  9.854   12.198  1.00 27.03 ? 124 LEU A CD1 1 
ATOM   835  C  CD2 . LEU A 1 119 ? -2.746  12.225  12.262  1.00 26.51 ? 124 LEU A CD2 1 
ATOM   836  N  N   . GLY A 1 120 ? 0.786   12.930  8.090   1.00 29.42 ? 125 GLY A N   1 
ATOM   837  C  CA  . GLY A 1 120 ? 2.078   13.522  7.790   1.00 29.88 ? 125 GLY A CA  1 
ATOM   838  C  C   . GLY A 1 120 ? 3.101   13.160  8.856   1.00 30.62 ? 125 GLY A C   1 
ATOM   839  O  O   . GLY A 1 120 ? 4.026   13.913  9.141   1.00 33.59 ? 125 GLY A O   1 
ATOM   840  N  N   . ASP A 1 121 ? 2.939   11.996  9.456   1.00 30.57 ? 126 ASP A N   1 
ATOM   841  C  CA  . ASP A 1 121 ? 3.727   11.650  10.638  1.00 30.80 ? 126 ASP A CA  1 
ATOM   842  C  C   . ASP A 1 121 ? 4.943   10.830  10.309  1.00 31.94 ? 126 ASP A C   1 
ATOM   843  O  O   . ASP A 1 121 ? 5.855   10.735  11.112  1.00 35.83 ? 126 ASP A O   1 
ATOM   844  C  CB  . ASP A 1 121 ? 2.856   10.902  11.645  1.00 31.61 ? 126 ASP A CB  1 
ATOM   845  C  CG  . ASP A 1 121 ? 2.170   9.638   11.039  1.00 31.80 ? 126 ASP A CG  1 
ATOM   846  O  OD1 . ASP A 1 121 ? 1.909   9.647   9.805   1.00 31.52 ? 126 ASP A OD1 1 
ATOM   847  O  OD2 . ASP A 1 121 ? 1.879   8.666   11.798  1.00 29.03 ? 126 ASP A OD2 1 
ATOM   848  N  N   . LEU A 1 122 ? 4.949   10.225  9.126   1.00 32.13 ? 127 LEU A N   1 
ATOM   849  C  CA  . LEU A 1 122 ? 6.034   9.355   8.708   1.00 31.57 ? 127 LEU A CA  1 
ATOM   850  C  C   . LEU A 1 122 ? 7.230   10.121  8.161   1.00 33.80 ? 127 LEU A C   1 
ATOM   851  O  O   . LEU A 1 122 ? 7.066   11.058  7.372   1.00 36.51 ? 127 LEU A O   1 
ATOM   852  C  CB  . LEU A 1 122 ? 5.553   8.447   7.589   1.00 30.07 ? 127 LEU A CB  1 
ATOM   853  C  CG  . LEU A 1 122 ? 4.343   7.588   7.836   1.00 29.80 ? 127 LEU A CG  1 
ATOM   854  C  CD1 . LEU A 1 122 ? 4.117   6.757   6.583   1.00 30.43 ? 127 LEU A CD1 1 
ATOM   855  C  CD2 . LEU A 1 122 ? 4.504   6.689   9.070   1.00 30.48 ? 127 LEU A CD2 1 
ATOM   856  N  N   . GLN A 1 123 ? 8.429   9.677   8.530   1.00 34.71 ? 128 GLN A N   1 
ATOM   857  C  CA  . GLN A 1 123 ? 9.653   10.258  8.018   1.00 36.64 ? 128 GLN A CA  1 
ATOM   858  C  C   . GLN A 1 123 ? 10.177  9.389   6.858   1.00 36.54 ? 128 GLN A C   1 
ATOM   859  O  O   . GLN A 1 123 ? 9.440   8.597   6.295   1.00 41.39 ? 128 GLN A O   1 
ATOM   860  C  CB  . GLN A 1 123 ? 10.675  10.389  9.152   1.00 39.04 ? 128 GLN A CB  1 
ATOM   861  C  CG  . GLN A 1 123 ? 10.122  11.000  10.422  1.00 38.30 ? 128 GLN A CG  1 
ATOM   862  C  CD  . GLN A 1 123 ? 9.423   12.324  10.159  1.00 46.35 ? 128 GLN A CD  1 
ATOM   863  O  OE1 . GLN A 1 123 ? 9.960   13.208  9.480   1.00 43.33 ? 128 GLN A OE1 1 
ATOM   864  N  NE2 . GLN A 1 123 ? 8.205   12.470  10.698  1.00 50.87 ? 128 GLN A NE2 1 
ATOM   865  N  N   . THR A 1 124 ? 11.434  9.559   6.471   1.00 34.11 ? 129 THR A N   1 
ATOM   866  C  CA  . THR A 1 124 ? 12.032  8.744   5.409   1.00 33.19 ? 129 THR A CA  1 
ATOM   867  C  C   . THR A 1 124 ? 12.089  7.289   5.781   1.00 33.97 ? 129 THR A C   1 
ATOM   868  O  O   . THR A 1 124 ? 11.689  6.450   4.982   1.00 32.14 ? 129 THR A O   1 
ATOM   869  C  CB  . THR A 1 124 ? 13.433  9.237   5.046   1.00 33.99 ? 129 THR A CB  1 
ATOM   870  O  OG1 . THR A 1 124 ? 13.286  10.538  4.492   1.00 34.69 ? 129 THR A OG1 1 
ATOM   871  C  CG2 . THR A 1 124 ? 14.110  8.328   3.961   1.00 33.84 ? 129 THR A CG2 1 
ATOM   872  N  N   . VAL A 1 125 ? 12.579  6.990   6.986   1.00 31.69 ? 130 VAL A N   1 
ATOM   873  C  CA  . VAL A 1 125 ? 12.390  5.684   7.554   1.00 33.20 ? 130 VAL A CA  1 
ATOM   874  C  C   . VAL A 1 125 ? 11.543  5.875   8.782   1.00 37.57 ? 130 VAL A C   1 
ATOM   875  O  O   . VAL A 1 125 ? 11.809  6.761   9.598   1.00 37.04 ? 130 VAL A O   1 
ATOM   876  C  CB  . VAL A 1 125 ? 13.705  5.018   7.940   1.00 34.57 ? 130 VAL A CB  1 
ATOM   877  C  CG1 . VAL A 1 125 ? 13.454  3.606   8.512   1.00 34.03 ? 130 VAL A CG1 1 
ATOM   878  C  CG2 . VAL A 1 125 ? 14.621  4.955   6.734   1.00 35.29 ? 130 VAL A CG2 1 
ATOM   879  N  N   . THR A 1 126 ? 10.492  5.069   8.915   1.00 37.15 ? 131 THR A N   1 
ATOM   880  C  CA  . THR A 1 126 ? 9.775   5.058   10.173  1.00 37.01 ? 131 THR A CA  1 
ATOM   881  C  C   . THR A 1 126 ? 9.463   3.619   10.537  1.00 38.04 ? 131 THR A C   1 
ATOM   882  O  O   . THR A 1 126 ? 9.028   2.856   9.688   1.00 42.49 ? 131 THR A O   1 
ATOM   883  C  CB  . THR A 1 126 ? 8.491   5.890   10.116  1.00 36.72 ? 131 THR A CB  1 
ATOM   884  O  OG1 . THR A 1 126 ? 8.812   7.258   9.860   1.00 36.50 ? 131 THR A OG1 1 
ATOM   885  C  CG2 . THR A 1 126 ? 7.717   5.768   11.432  1.00 37.05 ? 131 THR A CG2 1 
ATOM   886  N  N   . ASN A 1 127 ? 9.735   3.266   11.790  1.00 39.82 ? 132 ASN A N   1 
ATOM   887  C  CA  . ASN A 1 127 ? 9.470   1.942   12.333  1.00 41.23 ? 132 ASN A CA  1 
ATOM   888  C  C   . ASN A 1 127 ? 8.354   2.072   13.303  1.00 42.14 ? 132 ASN A C   1 
ATOM   889  O  O   . ASN A 1 127 ? 8.421   2.883   14.232  1.00 43.47 ? 132 ASN A O   1 
ATOM   890  C  CB  . ASN A 1 127 ? 10.697  1.406   13.059  1.00 43.18 ? 132 ASN A CB  1 
ATOM   891  C  CG  . ASN A 1 127 ? 11.868  1.234   12.131  1.00 45.68 ? 132 ASN A CG  1 
ATOM   892  O  OD1 . ASN A 1 127 ? 11.996  0.212   11.486  1.00 43.91 ? 132 ASN A OD1 1 
ATOM   893  N  ND2 . ASN A 1 127 ? 12.714  2.255   12.037  1.00 44.84 ? 132 ASN A ND2 1 
ATOM   894  N  N   . LEU A 1 128 ? 7.315   1.290   13.061  1.00 46.77 ? 133 LEU A N   1 
ATOM   895  C  CA  . LEU A 1 128 ? 6.143   1.212   13.922  1.00 46.04 ? 133 LEU A CA  1 
ATOM   896  C  C   . LEU A 1 128 ? 5.938   -0.218  14.413  1.00 44.78 ? 133 LEU A C   1 
ATOM   897  O  O   . LEU A 1 128 ? 6.543   -1.174  13.887  1.00 37.52 ? 133 LEU A O   1 
ATOM   898  C  CB  . LEU A 1 128 ? 4.911   1.631   13.128  1.00 46.34 ? 133 LEU A CB  1 
ATOM   899  C  CG  . LEU A 1 128 ? 5.007   2.980   12.441  1.00 46.49 ? 133 LEU A CG  1 
ATOM   900  C  CD1 . LEU A 1 128 ? 3.690   3.287   11.759  1.00 46.34 ? 133 LEU A CD1 1 
ATOM   901  C  CD2 . LEU A 1 128 ? 5.342   4.041   13.471  1.00 49.28 ? 133 LEU A CD2 1 
ATOM   902  N  N   . LYS A 1 129 ? 5.064   -0.357  15.410  1.00 43.85 ? 134 LYS A N   1 
ATOM   903  C  CA  . LYS A 1 129 ? 4.700   -1.662  15.886  1.00 45.98 ? 134 LYS A CA  1 
ATOM   904  C  C   . LYS A 1 129 ? 3.289   -1.716  16.426  1.00 41.92 ? 134 LYS A C   1 
ATOM   905  O  O   . LYS A 1 129 ? 2.854   -0.864  17.182  1.00 42.89 ? 134 LYS A O   1 
ATOM   906  C  CB  . LYS A 1 129 ? 5.693   -2.129  16.930  1.00 52.82 ? 134 LYS A CB  1 
ATOM   907  C  CG  . LYS A 1 129 ? 5.620   -3.625  17.144  1.00 59.63 ? 134 LYS A CG  1 
ATOM   908  C  CD  . LYS A 1 129 ? 6.547   -4.059  18.254  1.00 62.71 ? 134 LYS A CD  1 
ATOM   909  C  CE  . LYS A 1 129 ? 6.906   -5.516  18.067  1.00 67.02 ? 134 LYS A CE  1 
ATOM   910  N  NZ  . LYS A 1 129 ? 7.341   -6.116  19.353  1.00 71.56 ? 134 LYS A NZ  1 
ATOM   911  N  N   . PHE A 1 130 ? 2.582   -2.755  16.034  1.00 41.56 ? 135 PHE A N   1 
ATOM   912  C  CA  . PHE A 1 130 ? 1.185   -2.898  16.368  1.00 43.17 ? 135 PHE A CA  1 
ATOM   913  C  C   . PHE A 1 130 ? 0.989   -4.291  16.911  1.00 44.96 ? 135 PHE A C   1 
ATOM   914  O  O   . PHE A 1 130 ? 0.942   -5.243  16.148  1.00 43.46 ? 135 PHE A O   1 
ATOM   915  C  CB  . PHE A 1 130 ? 0.328   -2.764  15.122  1.00 43.59 ? 135 PHE A CB  1 
ATOM   916  C  CG  . PHE A 1 130 ? 0.459   -1.447  14.415  1.00 40.25 ? 135 PHE A CG  1 
ATOM   917  C  CD1 . PHE A 1 130 ? -0.290  -0.347  14.825  1.00 41.14 ? 135 PHE A CD1 1 
ATOM   918  C  CD2 . PHE A 1 130 ? 1.300   -1.317  13.312  1.00 36.91 ? 135 PHE A CD2 1 
ATOM   919  C  CE1 . PHE A 1 130 ? -0.192  0.857   14.148  1.00 40.26 ? 135 PHE A CE1 1 
ATOM   920  C  CE2 . PHE A 1 130 ? 1.408   -0.118  12.640  1.00 35.81 ? 135 PHE A CE2 1 
ATOM   921  C  CZ  . PHE A 1 130 ? 0.665   0.971   13.060  1.00 40.44 ? 135 PHE A CZ  1 
ATOM   922  N  N   . GLY A 1 131 ? 0.851   -4.408  18.224  1.00 48.12 ? 136 GLY A N   1 
ATOM   923  C  CA  . GLY A 1 131 ? 1.107   -5.665  18.894  1.00 46.86 ? 136 GLY A CA  1 
ATOM   924  C  C   . GLY A 1 131 ? 2.600   -5.618  19.161  1.00 50.18 ? 136 GLY A C   1 
ATOM   925  O  O   . GLY A 1 131 ? 3.036   -4.617  19.746  1.00 50.67 ? 136 GLY A O   1 
ATOM   926  N  N   . ASN A 1 132 ? 3.432   -6.588  18.733  1.00 52.16 ? 137 ASN A N   1 
ATOM   927  C  CA  . ASN A 1 132 ? 3.150   -7.749  17.836  1.00 55.55 ? 137 ASN A CA  1 
ATOM   928  C  C   . ASN A 1 132 ? 3.775   -7.551  16.415  1.00 54.46 ? 137 ASN A C   1 
ATOM   929  O  O   . ASN A 1 132 ? 4.926   -7.935  16.166  1.00 50.58 ? 137 ASN A O   1 
ATOM   930  C  CB  . ASN A 1 132 ? 1.655   -8.146  17.791  1.00 56.04 ? 137 ASN A CB  1 
ATOM   931  C  CG  . ASN A 1 132 ? 1.401   -9.446  17.045  1.00 63.54 ? 137 ASN A CG  1 
ATOM   932  O  OD1 . ASN A 1 132 ? 2.050   -10.465 17.295  1.00 69.48 ? 137 ASN A OD1 1 
ATOM   933  N  ND2 . ASN A 1 132 ? 0.431   -9.419  16.130  1.00 62.02 ? 137 ASN A ND2 1 
ATOM   934  N  N   . MET A 1 133 ? 3.021   -6.926  15.511  1.00 51.08 ? 138 MET A N   1 
ATOM   935  C  CA  . MET A 1 133 ? 3.416   -6.727  14.110  1.00 46.59 ? 138 MET A CA  1 
ATOM   936  C  C   . MET A 1 133 ? 4.384   -5.565  13.978  1.00 44.17 ? 138 MET A C   1 
ATOM   937  O  O   . MET A 1 133 ? 4.081   -4.462  14.413  1.00 43.53 ? 138 MET A O   1 
ATOM   938  C  CB  . MET A 1 133 ? 2.163   -6.406  13.317  1.00 46.03 ? 138 MET A CB  1 
ATOM   939  C  CG  . MET A 1 133 ? 2.344   -6.235  11.838  1.00 47.50 ? 138 MET A CG  1 
ATOM   940  S  SD  . MET A 1 133 ? 2.881   -7.764  11.125  1.00 42.97 ? 138 MET A SD  1 
ATOM   941  C  CE  . MET A 1 133 ? 1.427   -8.798  11.281  1.00 42.74 ? 138 MET A CE  1 
ATOM   942  N  N   . LYS A 1 134 ? 5.547   -5.806  13.386  1.00 42.64 ? 139 LYS A N   1 
ATOM   943  C  CA  . LYS A 1 134 ? 6.471   -4.722  13.091  1.00 45.70 ? 139 LYS A CA  1 
ATOM   944  C  C   . LYS A 1 134 ? 6.276   -4.265  11.672  1.00 41.60 ? 139 LYS A C   1 
ATOM   945  O  O   . LYS A 1 134 ? 6.164   -5.094  10.760  1.00 36.34 ? 139 LYS A O   1 
ATOM   946  C  CB  . LYS A 1 134 ? 7.923   -5.162  13.257  1.00 49.52 ? 139 LYS A CB  1 
ATOM   947  C  CG  . LYS A 1 134 ? 8.368   -5.305  14.703  1.00 54.89 ? 139 LYS A CG  1 
ATOM   948  C  CD  . LYS A 1 134 ? 9.703   -6.030  14.800  1.00 58.87 ? 139 LYS A CD  1 
ATOM   949  C  CE  . LYS A 1 134 ? 10.130  -6.183  16.246  1.00 64.54 ? 139 LYS A CE  1 
ATOM   950  N  NZ  . LYS A 1 134 ? 11.585  -6.469  16.355  1.00 67.30 ? 139 LYS A NZ  1 
ATOM   951  N  N   . VAL A 1 135 ? 6.273   -2.945  11.502  1.00 42.76 ? 140 VAL A N   1 
ATOM   952  C  CA  . VAL A 1 135 ? 6.186   -2.296  10.189  1.00 42.07 ? 140 VAL A CA  1 
ATOM   953  C  C   . VAL A 1 135 ? 7.258   -1.221  10.039  1.00 42.99 ? 140 VAL A C   1 
ATOM   954  O  O   . VAL A 1 135 ? 7.396   -0.351  10.903  1.00 42.27 ? 140 VAL A O   1 
ATOM   955  C  CB  . VAL A 1 135 ? 4.834   -1.588  9.974   1.00 40.22 ? 140 VAL A CB  1 
ATOM   956  C  CG1 . VAL A 1 135 ? 4.788   -0.930  8.601   1.00 42.09 ? 140 VAL A CG1 1 
ATOM   957  C  CG2 . VAL A 1 135 ? 3.682   -2.556  10.125  1.00 39.45 ? 140 VAL A CG2 1 
ATOM   958  N  N   . GLU A 1 136 ? 7.995   -1.281  8.933   1.00 39.38 ? 141 GLU A N   1 
ATOM   959  C  CA  . GLU A 1 136 ? 8.829   -0.180  8.501   1.00 36.92 ? 141 GLU A CA  1 
ATOM   960  C  C   . GLU A 1 136 ? 8.189   0.419   7.223   1.00 35.52 ? 141 GLU A C   1 
ATOM   961  O  O   . GLU A 1 136 ? 7.759   -0.302  6.296   1.00 34.91 ? 141 GLU A O   1 
ATOM   962  C  CB  . GLU A 1 136 ? 10.276  -0.669  8.251   1.00 38.76 ? 141 GLU A CB  1 
ATOM   963  C  CG  . GLU A 1 136 ? 11.229  0.357   7.641   1.00 39.91 ? 141 GLU A CG  1 
ATOM   964  C  CD  . GLU A 1 136 ? 12.650  -0.166  7.544   1.00 41.50 ? 141 GLU A CD  1 
ATOM   965  O  OE1 . GLU A 1 136 ? 13.342  -0.161  8.570   1.00 47.22 ? 141 GLU A OE1 1 
ATOM   966  O  OE2 . GLU A 1 136 ? 13.120  -0.539  6.454   1.00 38.76 ? 141 GLU A OE2 1 
ATOM   967  N  N   . THR A 1 137 ? 8.114   1.743   7.211   1.00 32.57 ? 142 THR A N   1 
ATOM   968  C  CA  . THR A 1 137 ? 7.877   2.527   6.005   1.00 31.46 ? 142 THR A CA  1 
ATOM   969  C  C   . THR A 1 137 ? 9.196   3.159   5.571   1.00 28.75 ? 142 THR A C   1 
ATOM   970  O  O   . THR A 1 137 ? 9.923   3.680   6.409   1.00 31.55 ? 142 THR A O   1 
ATOM   971  C  CB  . THR A 1 137 ? 6.847   3.646   6.259   1.00 32.22 ? 142 THR A CB  1 
ATOM   972  O  OG1 . THR A 1 137 ? 7.367   4.605   7.200   1.00 33.44 ? 142 THR A OG1 1 
ATOM   973  C  CG2 . THR A 1 137 ? 5.576   3.058   6.805   1.00 31.77 ? 142 THR A CG2 1 
ATOM   974  N  N   . PHE A 1 138 ? 9.473   3.103   4.266   1.00 28.60 ? 143 PHE A N   1 
ATOM   975  C  CA  . PHE A 1 138 ? 10.663  3.670   3.621   1.00 25.26 ? 143 PHE A CA  1 
ATOM   976  C  C   . PHE A 1 138 ? 10.179  4.512   2.462   1.00 25.93 ? 143 PHE A C   1 
ATOM   977  O  O   . PHE A 1 138 ? 9.358   4.050   1.662   1.00 25.54 ? 143 PHE A O   1 
ATOM   978  C  CB  . PHE A 1 138 ? 11.526  2.530   3.064   1.00 25.90 ? 143 PHE A CB  1 
ATOM   979  C  CG  . PHE A 1 138 ? 12.818  2.953   2.406   1.00 25.80 ? 143 PHE A CG  1 
ATOM   980  C  CD1 . PHE A 1 138 ? 13.555  4.046   2.852   1.00 27.70 ? 143 PHE A CD1 1 
ATOM   981  C  CD2 . PHE A 1 138 ? 13.341  2.190   1.353   1.00 26.85 ? 143 PHE A CD2 1 
ATOM   982  C  CE1 . PHE A 1 138 ? 14.782  4.393   2.232   1.00 29.13 ? 143 PHE A CE1 1 
ATOM   983  C  CE2 . PHE A 1 138 ? 14.550  2.541   0.728   1.00 28.83 ? 143 PHE A CE2 1 
ATOM   984  C  CZ  . PHE A 1 138 ? 15.290  3.626   1.188   1.00 27.35 ? 143 PHE A CZ  1 
ATOM   985  N  N   . TYR A 1 139 ? 10.663  5.757   2.423   1.00 27.08 ? 144 TYR A N   1 
ATOM   986  C  CA  . TYR A 1 139 ? 10.630  6.636   1.271   1.00 26.99 ? 144 TYR A CA  1 
ATOM   987  C  C   . TYR A 1 139 ? 11.949  6.511   0.475   1.00 28.59 ? 144 TYR A C   1 
ATOM   988  O  O   . TYR A 1 139 ? 13.012  6.992   0.919   1.00 30.06 ? 144 TYR A O   1 
ATOM   989  C  CB  . TYR A 1 139 ? 10.442  8.117   1.703   1.00 27.83 ? 144 TYR A CB  1 
ATOM   990  C  CG  . TYR A 1 139 ? 10.441  9.045   0.516   1.00 29.57 ? 144 TYR A CG  1 
ATOM   991  C  CD1 . TYR A 1 139 ? 9.471   8.923   -0.484  1.00 29.07 ? 144 TYR A CD1 1 
ATOM   992  C  CD2 . TYR A 1 139 ? 11.452  9.982   0.337   1.00 29.60 ? 144 TYR A CD2 1 
ATOM   993  C  CE1 . TYR A 1 139 ? 9.489   9.746   -1.595  1.00 33.73 ? 144 TYR A CE1 1 
ATOM   994  C  CE2 . TYR A 1 139 ? 11.469  10.822  -0.773  1.00 31.88 ? 144 TYR A CE2 1 
ATOM   995  C  CZ  . TYR A 1 139 ? 10.491  10.707  -1.736  1.00 33.35 ? 144 TYR A CZ  1 
ATOM   996  O  OH  . TYR A 1 139 ? 10.500  11.551  -2.828  1.00 33.58 ? 144 TYR A OH  1 
ATOM   997  N  N   . PRO A 1 140 ? 11.901  5.860   -0.702  1.00 28.61 ? 145 PRO A N   1 
ATOM   998  C  CA  . PRO A 1 140 ? 13.140  5.659   -1.449  1.00 30.25 ? 145 PRO A CA  1 
ATOM   999  C  C   . PRO A 1 140 ? 13.452  6.747   -2.451  1.00 31.21 ? 145 PRO A C   1 
ATOM   1000 O  O   . PRO A 1 140 ? 14.460  6.659   -3.139  1.00 33.49 ? 145 PRO A O   1 
ATOM   1001 C  CB  . PRO A 1 140 ? 12.859  4.365   -2.222  1.00 29.91 ? 145 PRO A CB  1 
ATOM   1002 C  CG  . PRO A 1 140 ? 11.403  4.451   -2.527  1.00 28.26 ? 145 PRO A CG  1 
ATOM   1003 C  CD  . PRO A 1 140 ? 10.815  5.031   -1.255  1.00 29.15 ? 145 PRO A CD  1 
ATOM   1004 N  N   . GLY A 1 141 ? 12.567  7.728   -2.571  1.00 32.81 ? 146 GLY A N   1 
ATOM   1005 C  CA  . GLY A 1 141 ? 12.671  8.739   -3.615  1.00 31.17 ? 146 GLY A CA  1 
ATOM   1006 C  C   . GLY A 1 141 ? 11.486  8.696   -4.567  1.00 31.02 ? 146 GLY A C   1 
ATOM   1007 O  O   . GLY A 1 141 ? 10.514  7.925   -4.402  1.00 31.58 ? 146 GLY A O   1 
ATOM   1008 N  N   . LYS A 1 142 ? 11.621  9.497   -5.608  1.00 29.20 ? 147 LYS A N   1 
ATOM   1009 C  CA  . LYS A 1 142 ? 10.592  9.706   -6.567  1.00 31.04 ? 147 LYS A CA  1 
ATOM   1010 C  C   . LYS A 1 142 ? 10.550  8.554   -7.563  1.00 31.53 ? 147 LYS A C   1 
ATOM   1011 O  O   . LYS A 1 142 ? 11.581  7.948   -7.849  1.00 32.37 ? 147 LYS A O   1 
ATOM   1012 C  CB  . LYS A 1 142 ? 10.875  11.021  -7.286  1.00 33.30 ? 147 LYS A CB  1 
ATOM   1013 C  CG  . LYS A 1 142 ? 10.809  12.236  -6.376  1.00 38.54 ? 147 LYS A CG  1 
ATOM   1014 C  CD  . LYS A 1 142 ? 10.874  13.541  -7.177  1.00 42.16 ? 147 LYS A CD  1 
ATOM   1015 C  CE  . LYS A 1 142 ? 12.268  14.153  -7.201  1.00 46.12 ? 147 LYS A CE  1 
ATOM   1016 N  NZ  . LYS A 1 142 ? 12.288  15.363  -6.322  1.00 52.32 ? 147 LYS A NZ  1 
ATOM   1017 N  N   . GLY A 1 143 ? 9.362   8.271   -8.101  1.00 29.81 ? 148 GLY A N   1 
ATOM   1018 C  CA  . GLY A 1 143 ? 9.193   7.213   -9.081  1.00 29.72 ? 148 GLY A CA  1 
ATOM   1019 C  C   . GLY A 1 143 ? 7.849   7.317   -9.782  1.00 31.58 ? 148 GLY A C   1 
ATOM   1020 O  O   . GLY A 1 143 ? 7.647   8.173   -10.659 1.00 32.20 ? 148 GLY A O   1 
ATOM   1021 N  N   . HIS A 1 144 ? 6.915   6.452   -9.396  1.00 29.45 ? 149 HIS A N   1 
ATOM   1022 C  CA  . HIS A 1 144 ? 5.582   6.511   -9.960  1.00 29.14 ? 149 HIS A CA  1 
ATOM   1023 C  C   . HIS A 1 144 ? 4.877   7.823   -9.543  1.00 28.26 ? 149 HIS A C   1 
ATOM   1024 O  O   . HIS A 1 144 ? 4.176   8.446   -10.340 1.00 26.95 ? 149 HIS A O   1 
ATOM   1025 C  CB  . HIS A 1 144 ? 4.804   5.281   -9.513  1.00 29.92 ? 149 HIS A CB  1 
ATOM   1026 C  CG  . HIS A 1 144 ? 3.321   5.450   -9.585  1.00 31.96 ? 149 HIS A CG  1 
ATOM   1027 N  ND1 . HIS A 1 144 ? 2.618   5.361   -10.765 1.00 34.89 ? 149 HIS A ND1 1 
ATOM   1028 C  CD2 . HIS A 1 144 ? 2.414   5.727   -8.623  1.00 33.34 ? 149 HIS A CD2 1 
ATOM   1029 C  CE1 . HIS A 1 144 ? 1.337   5.544   -10.524 1.00 35.22 ? 149 HIS A CE1 1 
ATOM   1030 N  NE2 . HIS A 1 144 ? 1.187   5.772   -9.230  1.00 36.52 ? 149 HIS A NE2 1 
ATOM   1031 N  N   . THR A 1 145 ? 5.046   8.221   -8.278  1.00 27.50 ? 150 THR A N   1 
ATOM   1032 C  CA  . THR A 1 145 ? 4.780   9.604   -7.866  1.00 25.90 ? 150 THR A CA  1 
ATOM   1033 C  C   . THR A 1 145 ? 5.968   10.158  -7.156  1.00 25.77 ? 150 THR A C   1 
ATOM   1034 O  O   . THR A 1 145 ? 6.984   9.456   -6.936  1.00 26.34 ? 150 THR A O   1 
ATOM   1035 C  CB  . THR A 1 145 ? 3.536   9.735   -6.953  1.00 24.10 ? 150 THR A CB  1 
ATOM   1036 O  OG1 . THR A 1 145 ? 3.691   8.922   -5.788  1.00 21.44 ? 150 THR A OG1 1 
ATOM   1037 C  CG2 . THR A 1 145 ? 2.293   9.360   -7.720  1.00 22.96 ? 150 THR A CG2 1 
ATOM   1038 N  N   . GLU A 1 146 ? 5.831   11.431  -6.811  1.00 26.45 ? 151 GLU A N   1 
ATOM   1039 C  CA  . GLU A 1 146 ? 6.823   12.184  -6.041  1.00 26.99 ? 151 GLU A CA  1 
ATOM   1040 C  C   . GLU A 1 146 ? 6.986   11.635  -4.621  1.00 28.17 ? 151 GLU A C   1 
ATOM   1041 O  O   . GLU A 1 146 ? 8.089   11.653  -4.041  1.00 29.19 ? 151 GLU A O   1 
ATOM   1042 C  CB  . GLU A 1 146 ? 6.330   13.619  -5.898  1.00 27.15 ? 151 GLU A CB  1 
ATOM   1043 C  CG  . GLU A 1 146 ? 7.452   14.593  -5.612  1.00 30.97 ? 151 GLU A CG  1 
ATOM   1044 C  CD  . GLU A 1 146 ? 6.971   16.013  -5.397  1.00 31.56 ? 151 GLU A CD  1 
ATOM   1045 O  OE1 . GLU A 1 146 ? 7.794   16.785  -4.877  1.00 29.64 ? 151 GLU A OE1 1 
ATOM   1046 O  OE2 . GLU A 1 146 ? 5.784   16.315  -5.685  1.00 30.08 ? 151 GLU A OE2 1 
ATOM   1047 N  N   . ASP A 1 147 ? 5.862   11.190  -4.055  1.00 25.93 ? 152 ASP A N   1 
ATOM   1048 C  CA  . ASP A 1 147 ? 5.776   10.903  -2.637  1.00 25.65 ? 152 ASP A CA  1 
ATOM   1049 C  C   . ASP A 1 147 ? 5.805   9.387   -2.300  1.00 26.26 ? 152 ASP A C   1 
ATOM   1050 O  O   . ASP A 1 147 ? 5.852   9.009   -1.140  1.00 25.79 ? 152 ASP A O   1 
ATOM   1051 C  CB  . ASP A 1 147 ? 4.507   11.520  -2.079  1.00 23.83 ? 152 ASP A CB  1 
ATOM   1052 C  CG  . ASP A 1 147 ? 3.273   11.040  -2.779  1.00 24.93 ? 152 ASP A CG  1 
ATOM   1053 O  OD1 . ASP A 1 147 ? 3.345   10.873  -4.005  1.00 27.05 ? 152 ASP A OD1 1 
ATOM   1054 O  OD2 . ASP A 1 147 ? 2.216   10.830  -2.126  1.00 25.72 ? 152 ASP A OD2 1 
ATOM   1055 N  N   . ASN A 1 148 ? 5.827   8.522   -3.302  1.00 26.39 ? 153 ASN A N   1 
ATOM   1056 C  CA  . ASN A 1 148 ? 5.600   7.081   -3.069  1.00 25.65 ? 153 ASN A CA  1 
ATOM   1057 C  C   . ASN A 1 148 ? 6.573   6.433   -2.091  1.00 25.00 ? 153 ASN A C   1 
ATOM   1058 O  O   . ASN A 1 148 ? 7.773   6.594   -2.207  1.00 23.22 ? 153 ASN A O   1 
ATOM   1059 C  CB  . ASN A 1 148 ? 5.545   6.311   -4.396  1.00 25.10 ? 153 ASN A CB  1 
ATOM   1060 C  CG  . ASN A 1 148 ? 6.770   6.523   -5.280  1.00 23.07 ? 153 ASN A CG  1 
ATOM   1061 O  OD1 . ASN A 1 148 ? 6.707   6.363   -6.477  1.00 24.03 ? 153 ASN A OD1 1 
ATOM   1062 N  ND2 . ASN A 1 148 ? 7.888   6.840   -4.683  1.00 25.26 ? 153 ASN A ND2 1 
ATOM   1063 N  N   . ILE A 1 149 ? 6.018   5.738   -1.100  1.00 25.92 ? 154 ILE A N   1 
ATOM   1064 C  CA  . ILE A 1 149 ? 6.789   5.005   -0.104  1.00 27.44 ? 154 ILE A CA  1 
ATOM   1065 C  C   . ILE A 1 149 ? 6.526   3.497   -0.258  1.00 29.13 ? 154 ILE A C   1 
ATOM   1066 O  O   . ILE A 1 149 ? 5.532   3.064   -0.890  1.00 25.67 ? 154 ILE A O   1 
ATOM   1067 C  CB  . ILE A 1 149 ? 6.408   5.429   1.322   1.00 28.36 ? 154 ILE A CB  1 
ATOM   1068 C  CG1 . ILE A 1 149 ? 4.913   5.269   1.593   1.00 27.99 ? 154 ILE A CG1 1 
ATOM   1069 C  CG2 . ILE A 1 149 ? 6.797   6.876   1.572   1.00 26.69 ? 154 ILE A CG2 1 
ATOM   1070 C  CD1 . ILE A 1 149 ? 4.595   5.391   3.078   1.00 29.98 ? 154 ILE A CD1 1 
ATOM   1071 N  N   . VAL A 1 150 ? 7.422   2.688   0.304   1.00 29.89 ? 155 VAL A N   1 
ATOM   1072 C  CA  . VAL A 1 150 ? 7.164   1.252   0.368   1.00 28.68 ? 155 VAL A CA  1 
ATOM   1073 C  C   . VAL A 1 150 ? 6.966   0.872   1.796   1.00 28.70 ? 155 VAL A C   1 
ATOM   1074 O  O   . VAL A 1 150 ? 7.319   1.635   2.700   1.00 28.84 ? 155 VAL A O   1 
ATOM   1075 C  CB  . VAL A 1 150 ? 8.290   0.448   -0.238  1.00 29.53 ? 155 VAL A CB  1 
ATOM   1076 C  CG1 . VAL A 1 150 ? 8.376   0.755   -1.718  1.00 30.36 ? 155 VAL A CG1 1 
ATOM   1077 C  CG2 . VAL A 1 150 ? 9.602   0.723   0.472   1.00 30.47 ? 155 VAL A CG2 1 
ATOM   1078 N  N   . VAL A 1 151 ? 6.374   -0.290  2.001   1.00 29.47 ? 156 VAL A N   1 
ATOM   1079 C  CA  . VAL A 1 151 ? 6.231   -0.819  3.346   1.00 28.10 ? 156 VAL A CA  1 
ATOM   1080 C  C   . VAL A 1 151 ? 6.902   -2.185  3.520   1.00 26.97 ? 156 VAL A C   1 
ATOM   1081 O  O   . VAL A 1 151 ? 6.700   -3.093  2.745   1.00 26.54 ? 156 VAL A O   1 
ATOM   1082 C  CB  . VAL A 1 151 ? 4.751   -0.850  3.694   1.00 28.27 ? 156 VAL A CB  1 
ATOM   1083 C  CG1 . VAL A 1 151 ? 4.549   -1.284  5.139   1.00 29.70 ? 156 VAL A CG1 1 
ATOM   1084 C  CG2 . VAL A 1 151 ? 4.151   0.537   3.463   1.00 27.63 ? 156 VAL A CG2 1 
ATOM   1085 N  N   . TRP A 1 152 ? 7.701   -2.309  4.557   1.00 30.35 ? 157 TRP A N   1 
ATOM   1086 C  CA  . TRP A 1 152 ? 8.473   -3.527  4.830   1.00 33.97 ? 157 TRP A CA  1 
ATOM   1087 C  C   . TRP A 1 152 ? 8.006   -4.209  6.137   1.00 35.11 ? 157 TRP A C   1 
ATOM   1088 O  O   . TRP A 1 152 ? 7.934   -3.561  7.164   1.00 37.37 ? 157 TRP A O   1 
ATOM   1089 C  CB  . TRP A 1 152 ? 9.933   -3.139  5.002   1.00 33.02 ? 157 TRP A CB  1 
ATOM   1090 C  CG  . TRP A 1 152 ? 10.896  -4.263  5.362   1.00 34.64 ? 157 TRP A CG  1 
ATOM   1091 C  CD1 . TRP A 1 152 ? 11.621  -4.399  6.520   1.00 33.92 ? 157 TRP A CD1 1 
ATOM   1092 C  CD2 . TRP A 1 152 ? 11.263  -5.382  4.528   1.00 34.94 ? 157 TRP A CD2 1 
ATOM   1093 N  NE1 . TRP A 1 152 ? 12.402  -5.540  6.461   1.00 35.19 ? 157 TRP A NE1 1 
ATOM   1094 C  CE2 . TRP A 1 152 ? 12.200  -6.158  5.252   1.00 35.54 ? 157 TRP A CE2 1 
ATOM   1095 C  CE3 . TRP A 1 152 ? 10.887  -5.797  3.243   1.00 34.81 ? 157 TRP A CE3 1 
ATOM   1096 C  CZ2 . TRP A 1 152 ? 12.778  -7.312  4.724   1.00 33.64 ? 157 TRP A CZ2 1 
ATOM   1097 C  CZ3 . TRP A 1 152 ? 11.439  -6.957  2.733   1.00 36.38 ? 157 TRP A CZ3 1 
ATOM   1098 C  CH2 . TRP A 1 152 ? 12.400  -7.689  3.473   1.00 35.74 ? 157 TRP A CH2 1 
ATOM   1099 N  N   . LEU A 1 153 ? 7.708   -5.507  6.080   1.00 35.12 ? 158 LEU A N   1 
ATOM   1100 C  CA  . LEU A 1 153 ? 7.458   -6.334  7.267   1.00 34.48 ? 158 LEU A CA  1 
ATOM   1101 C  C   . LEU A 1 153 ? 8.691   -7.216  7.521   1.00 35.24 ? 158 LEU A C   1 
ATOM   1102 O  O   . LEU A 1 153 ? 8.846   -8.254  6.858   1.00 33.85 ? 158 LEU A O   1 
ATOM   1103 C  CB  . LEU A 1 153 ? 6.254   -7.218  7.036   1.00 35.20 ? 158 LEU A CB  1 
ATOM   1104 C  CG  . LEU A 1 153 ? 4.974   -6.546  6.534   1.00 37.42 ? 158 LEU A CG  1 
ATOM   1105 C  CD1 . LEU A 1 153 ? 3.855   -7.573  6.528   1.00 39.52 ? 158 LEU A CD1 1 
ATOM   1106 C  CD2 . LEU A 1 153 ? 4.605   -5.325  7.363   1.00 36.74 ? 158 LEU A CD2 1 
ATOM   1107 N  N   . PRO A 1 154 ? 9.576   -6.785  8.446   1.00 33.36 ? 159 PRO A N   1 
ATOM   1108 C  CA  . PRO A 1 154 ? 10.819  -7.468  8.690   1.00 37.62 ? 159 PRO A CA  1 
ATOM   1109 C  C   . PRO A 1 154 ? 10.612  -8.899  9.233   1.00 41.39 ? 159 PRO A C   1 
ATOM   1110 O  O   . PRO A 1 154 ? 11.335  -9.799  8.819   1.00 40.76 ? 159 PRO A O   1 
ATOM   1111 C  CB  . PRO A 1 154 ? 11.552  -6.566  9.706   1.00 36.25 ? 159 PRO A CB  1 
ATOM   1112 C  CG  . PRO A 1 154 ? 10.503  -5.795  10.378  1.00 36.13 ? 159 PRO A CG  1 
ATOM   1113 C  CD  . PRO A 1 154 ? 9.403   -5.635  9.356   1.00 36.22 ? 159 PRO A CD  1 
ATOM   1114 N  N   . GLN A 1 155 ? 9.584   -9.113  10.053  1.00 41.74 ? 160 GLN A N   1 
ATOM   1115 C  CA  . GLN A 1 155 ? 9.322   -10.438 10.621  1.00 44.22 ? 160 GLN A CA  1 
ATOM   1116 C  C   . GLN A 1 155 ? 9.075   -11.460 9.543   1.00 45.68 ? 160 GLN A C   1 
ATOM   1117 O  O   . GLN A 1 155 ? 9.385   -12.636 9.720   1.00 52.34 ? 160 GLN A O   1 
ATOM   1118 C  CB  . GLN A 1 155 ? 8.134   -10.425 11.589  1.00 43.84 ? 160 GLN A CB  1 
ATOM   1119 C  CG  . GLN A 1 155 ? 8.327   -9.446  12.739  1.00 48.59 ? 160 GLN A CG  1 
ATOM   1120 C  CD  . GLN A 1 155 ? 7.084   -9.225  13.582  1.00 57.08 ? 160 GLN A CD  1 
ATOM   1121 O  OE1 . GLN A 1 155 ? 5.944   -9.327  13.096  1.00 59.65 ? 160 GLN A OE1 1 
ATOM   1122 N  NE2 . GLN A 1 155 ? 7.298   -8.889  14.859  1.00 57.30 ? 160 GLN A NE2 1 
ATOM   1123 N  N   . TYR A 1 156 ? 8.523   -11.018 8.420   1.00 42.52 ? 161 TYR A N   1 
ATOM   1124 C  CA  . TYR A 1 156 ? 8.189   -11.937 7.345   1.00 41.08 ? 161 TYR A CA  1 
ATOM   1125 C  C   . TYR A 1 156 ? 8.982   -11.691 6.053   1.00 40.08 ? 161 TYR A C   1 
ATOM   1126 O  O   . TYR A 1 156 ? 8.687   -12.296 5.015   1.00 36.18 ? 161 TYR A O   1 
ATOM   1127 C  CB  . TYR A 1 156 ? 6.694   -11.816 7.061   1.00 44.96 ? 161 TYR A CB  1 
ATOM   1128 C  CG  . TYR A 1 156 ? 5.817   -11.935 8.293   1.00 48.14 ? 161 TYR A CG  1 
ATOM   1129 C  CD1 . TYR A 1 156 ? 5.459   -10.819 9.027   1.00 46.13 ? 161 TYR A CD1 1 
ATOM   1130 C  CD2 . TYR A 1 156 ? 5.339   -13.174 8.724   1.00 53.25 ? 161 TYR A CD2 1 
ATOM   1131 C  CE1 . TYR A 1 156 ? 4.662   -10.935 10.164  1.00 51.06 ? 161 TYR A CE1 1 
ATOM   1132 C  CE2 . TYR A 1 156 ? 4.520   -13.296 9.852   1.00 53.43 ? 161 TYR A CE2 1 
ATOM   1133 C  CZ  . TYR A 1 156 ? 4.183   -12.173 10.574  1.00 51.09 ? 161 TYR A CZ  1 
ATOM   1134 O  OH  . TYR A 1 156 ? 3.361   -12.277 11.688  1.00 55.02 ? 161 TYR A OH  1 
ATOM   1135 N  N   . ASN A 1 157 ? 9.952   -10.779 6.107   1.00 38.89 ? 162 ASN A N   1 
ATOM   1136 C  CA  . ASN A 1 157 ? 10.546  -10.205 4.897   1.00 42.50 ? 162 ASN A CA  1 
ATOM   1137 C  C   . ASN A 1 157 ? 9.579   -9.944  3.717   1.00 43.51 ? 162 ASN A C   1 
ATOM   1138 O  O   . ASN A 1 157 ? 9.829   -10.391 2.576   1.00 43.16 ? 162 ASN A O   1 
ATOM   1139 C  CB  . ASN A 1 157 ? 11.684  -11.098 4.433   1.00 44.66 ? 162 ASN A CB  1 
ATOM   1140 C  CG  . ASN A 1 157 ? 12.909  -10.959 5.301   1.00 43.86 ? 162 ASN A CG  1 
ATOM   1141 O  OD1 . ASN A 1 157 ? 12.837  -10.577 6.478   1.00 48.11 ? 162 ASN A OD1 1 
ATOM   1142 N  ND2 . ASN A 1 157 ? 14.045  -11.253 4.722   1.00 46.60 ? 162 ASN A ND2 1 
ATOM   1143 N  N   . ILE A 1 158 ? 8.489   -9.223  4.007   1.00 39.51 ? 163 ILE A N   1 
ATOM   1144 C  CA  . ILE A 1 158 ? 7.483   -8.897  3.001   1.00 39.06 ? 163 ILE A CA  1 
ATOM   1145 C  C   . ILE A 1 158 ? 7.491   -7.390  2.648   1.00 34.10 ? 163 ILE A C   1 
ATOM   1146 O  O   . ILE A 1 158 ? 7.470   -6.533  3.512   1.00 33.46 ? 163 ILE A O   1 
ATOM   1147 C  CB  . ILE A 1 158 ? 6.058   -9.377  3.404   1.00 37.31 ? 163 ILE A CB  1 
ATOM   1148 C  CG1 . ILE A 1 158 ? 5.998   -10.915 3.447   1.00 41.18 ? 163 ILE A CG1 1 
ATOM   1149 C  CG2 . ILE A 1 158 ? 5.044   -8.919  2.375   1.00 36.58 ? 163 ILE A CG2 1 
ATOM   1150 C  CD1 . ILE A 1 158 ? 4.665   -11.518 3.873   1.00 40.65 ? 163 ILE A CD1 1 
ATOM   1151 N  N   . LEU A 1 159 ? 7.509   -7.113  1.354   1.00 33.10 ? 164 LEU A N   1 
ATOM   1152 C  CA  . LEU A 1 159 ? 7.514   -5.751  0.805   1.00 34.05 ? 164 LEU A CA  1 
ATOM   1153 C  C   . LEU A 1 159 ? 6.227   -5.449  0.017   1.00 32.55 ? 164 LEU A C   1 
ATOM   1154 O  O   . LEU A 1 159 ? 5.855   -6.164  -0.940  1.00 28.78 ? 164 LEU A O   1 
ATOM   1155 C  CB  . LEU A 1 159 ? 8.721   -5.576  -0.113  1.00 34.94 ? 164 LEU A CB  1 
ATOM   1156 C  CG  . LEU A 1 159 ? 9.010   -4.150  -0.561  1.00 34.65 ? 164 LEU A CG  1 
ATOM   1157 C  CD1 . LEU A 1 159 ? 9.695   -3.396  0.573   1.00 34.17 ? 164 LEU A CD1 1 
ATOM   1158 C  CD2 . LEU A 1 159 ? 9.847   -4.180  -1.831  1.00 33.45 ? 164 LEU A CD2 1 
ATOM   1159 N  N   . VAL A 1 160 ? 5.532   -4.420  0.490   1.00 31.59 ? 165 VAL A N   1 
ATOM   1160 C  CA  . VAL A 1 160 ? 4.459   -3.783  -0.254  1.00 31.56 ? 165 VAL A CA  1 
ATOM   1161 C  C   . VAL A 1 160 ? 5.134   -2.711  -1.086  1.00 30.46 ? 165 VAL A C   1 
ATOM   1162 O  O   . VAL A 1 160 ? 5.582   -1.703  -0.554  1.00 31.25 ? 165 VAL A O   1 
ATOM   1163 C  CB  . VAL A 1 160 ? 3.446   -3.112  0.687   1.00 32.23 ? 165 VAL A CB  1 
ATOM   1164 C  CG1 . VAL A 1 160 ? 2.186   -2.705  -0.065  1.00 33.18 ? 165 VAL A CG1 1 
ATOM   1165 C  CG2 . VAL A 1 160 ? 3.098   -4.024  1.851   1.00 32.07 ? 165 VAL A CG2 1 
ATOM   1166 N  N   . GLY A 1 161 ? 5.308   -2.967  -2.372  1.00 30.68 ? 166 GLY A N   1 
ATOM   1167 C  CA  . GLY A 1 161 ? 5.973   -2.010  -3.226  1.00 29.97 ? 166 GLY A CA  1 
ATOM   1168 C  C   . GLY A 1 161 ? 5.078   -0.844  -3.620  1.00 32.40 ? 166 GLY A C   1 
ATOM   1169 O  O   . GLY A 1 161 ? 5.575   0.258   -3.877  1.00 33.55 ? 166 GLY A O   1 
ATOM   1170 N  N   . GLY A 1 162 ? 3.759   -1.075  -3.657  1.00 30.66 ? 167 GLY A N   1 
ATOM   1171 C  CA  . GLY A 1 162 ? 2.824   -0.066  -4.092  1.00 28.46 ? 167 GLY A CA  1 
ATOM   1172 C  C   . GLY A 1 162 ? 2.937   0.214   -5.576  1.00 30.51 ? 167 GLY A C   1 
ATOM   1173 O  O   . GLY A 1 162 ? 3.415   -0.608  -6.379  1.00 28.66 ? 167 GLY A O   1 
ATOM   1174 N  N   . CYS A 1 163 ? 2.496   1.387   -5.971  1.00 33.35 ? 168 CYS A N   1 
ATOM   1175 C  CA  . CYS A 1 163 ? 2.385   1.681   -7.406  1.00 36.69 ? 168 CYS A CA  1 
ATOM   1176 C  C   . CYS A 1 163 ? 3.749   2.059   -8.043  1.00 34.42 ? 168 CYS A C   1 
ATOM   1177 O  O   . CYS A 1 163 ? 3.839   2.190   -9.253  1.00 35.15 ? 168 CYS A O   1 
ATOM   1178 C  CB  . CYS A 1 163 ? 1.261   2.691   -7.624  1.00 35.74 ? 168 CYS A CB  1 
ATOM   1179 S  SG  . CYS A 1 163 ? -0.247  2.075   -6.802  1.00 39.52 ? 168 CYS A SG  1 
ATOM   1180 N  N   . LEU A 1 164 ? 4.779   2.182   -7.197  1.00 28.30 ? 169 LEU A N   1 
ATOM   1181 C  CA  . LEU A 1 164 ? 6.191   2.156   -7.602  1.00 29.16 ? 169 LEU A CA  1 
ATOM   1182 C  C   . LEU A 1 164 ? 6.599   0.878   -8.320  1.00 27.92 ? 169 LEU A C   1 
ATOM   1183 O  O   . LEU A 1 164 ? 7.548   0.895   -9.121  1.00 25.37 ? 169 LEU A O   1 
ATOM   1184 C  CB  . LEU A 1 164 ? 7.066   2.271   -6.330  1.00 28.14 ? 169 LEU A CB  1 
ATOM   1185 C  CG  . LEU A 1 164 ? 8.587   2.368   -6.442  1.00 28.06 ? 169 LEU A CG  1 
ATOM   1186 C  CD1 . LEU A 1 164 ? 8.999   3.741   -6.960  1.00 28.00 ? 169 LEU A CD1 1 
ATOM   1187 C  CD2 . LEU A 1 164 ? 9.233   2.111   -5.097  1.00 26.89 ? 169 LEU A CD2 1 
ATOM   1188 N  N   . VAL A 1 165 ? 5.940   -0.235  -7.957  1.00 29.22 ? 170 VAL A N   1 
ATOM   1189 C  CA  . VAL A 1 165 ? 6.298   -1.578  -8.447  1.00 31.09 ? 170 VAL A CA  1 
ATOM   1190 C  C   . VAL A 1 165 ? 5.198   -2.162  -9.297  1.00 30.99 ? 170 VAL A C   1 
ATOM   1191 O  O   . VAL A 1 165 ? 4.052   -2.206  -8.905  1.00 30.10 ? 170 VAL A O   1 
ATOM   1192 C  CB  . VAL A 1 165 ? 6.626   -2.563  -7.325  1.00 30.70 ? 170 VAL A CB  1 
ATOM   1193 C  CG1 . VAL A 1 165 ? 7.182   -3.869  -7.897  1.00 32.60 ? 170 VAL A CG1 1 
ATOM   1194 C  CG2 . VAL A 1 165 ? 7.657   -1.950  -6.423  1.00 30.52 ? 170 VAL A CG2 1 
ATOM   1195 N  N   . LYS A 1 166 ? 5.601   -2.578  -10.495 1.00 35.63 ? 171 LYS A N   1 
ATOM   1196 C  CA  . LYS A 1 166 ? 4.728   -3.150  -11.485 1.00 34.70 ? 171 LYS A CA  1 
ATOM   1197 C  C   . LYS A 1 166 ? 4.694   -4.657  -11.356 1.00 34.42 ? 171 LYS A C   1 
ATOM   1198 O  O   . LYS A 1 166 ? 5.663   -5.294  -10.945 1.00 32.66 ? 171 LYS A O   1 
ATOM   1199 C  CB  . LYS A 1 166 ? 5.227   -2.771  -12.861 1.00 37.85 ? 171 LYS A CB  1 
ATOM   1200 C  CG  . LYS A 1 166 ? 5.244   -1.267  -13.099 1.00 39.71 ? 171 LYS A CG  1 
ATOM   1201 C  CD  . LYS A 1 166 ? 3.868   -0.657  -12.868 1.00 41.86 ? 171 LYS A CD  1 
ATOM   1202 C  CE  . LYS A 1 166 ? 3.827   0.798   -13.297 1.00 44.95 ? 171 LYS A CE  1 
ATOM   1203 N  NZ  . LYS A 1 166 ? 2.455   1.380   -13.206 1.00 45.62 ? 171 LYS A NZ  1 
ATOM   1204 N  N   . SER A 1 167 ? 3.541   -5.217  -11.698 1.00 36.90 ? 172 SER A N   1 
ATOM   1205 C  CA  . SER A 1 167 ? 3.360   -6.672  -11.752 1.00 37.88 ? 172 SER A CA  1 
ATOM   1206 C  C   . SER A 1 167 ? 4.015   -7.195  -13.038 1.00 39.23 ? 172 SER A C   1 
ATOM   1207 O  O   . SER A 1 167 ? 4.284   -6.407  -13.953 1.00 36.76 ? 172 SER A O   1 
ATOM   1208 C  CB  . SER A 1 167 ? 1.865   -7.000  -11.789 1.00 35.27 ? 172 SER A CB  1 
ATOM   1209 O  OG  . SER A 1 167 ? 1.291   -6.464  -12.965 1.00 36.65 ? 172 SER A OG  1 
ATOM   1210 N  N   . THR A 1 168 ? 4.192   -8.515  -13.127 1.00 40.62 ? 173 THR A N   1 
ATOM   1211 C  CA  . THR A 1 168 ? 4.735   -9.149  -14.345 1.00 42.61 ? 173 THR A CA  1 
ATOM   1212 C  C   . THR A 1 168 ? 3.859   -8.902  -15.567 1.00 40.91 ? 173 THR A C   1 
ATOM   1213 O  O   . THR A 1 168 ? 4.355   -8.516  -16.618 1.00 40.96 ? 173 THR A O   1 
ATOM   1214 C  CB  . THR A 1 168 ? 4.929   -10.647 -14.167 1.00 42.22 ? 173 THR A CB  1 
ATOM   1215 O  OG1 . THR A 1 168 ? 5.727   -10.893 -12.984 1.00 42.00 ? 173 THR A OG1 1 
ATOM   1216 C  CG2 . THR A 1 168 ? 5.611   -11.256 -15.436 1.00 43.15 ? 173 THR A CG2 1 
ATOM   1217 N  N   . SER A 1 169 ? 2.554   -9.040  -15.395 1.00 42.91 ? 174 SER A N   1 
ATOM   1218 C  CA  . SER A 1 169 ? 1.625   -8.841  -16.485 1.00 48.74 ? 174 SER A CA  1 
ATOM   1219 C  C   . SER A 1 169 ? 1.687   -7.418  -17.044 1.00 50.91 ? 174 SER A C   1 
ATOM   1220 O  O   . SER A 1 169 ? 1.266   -7.203  -18.174 1.00 51.37 ? 174 SER A O   1 
ATOM   1221 C  CB  . SER A 1 169 ? 0.200   -9.129  -16.019 1.00 51.44 ? 174 SER A CB  1 
ATOM   1222 O  OG  . SER A 1 169 ? -0.144  -8.248  -14.965 1.00 53.25 ? 174 SER A OG  1 
ATOM   1223 N  N   . ALA A 1 170 ? 2.175   -6.456  -16.248 1.00 49.92 ? 175 ALA A N   1 
ATOM   1224 C  CA  . ALA A 1 170 ? 2.321   -5.065  -16.704 1.00 49.91 ? 175 ALA A CA  1 
ATOM   1225 C  C   . ALA A 1 170 ? 3.490   -4.902  -17.717 1.00 50.12 ? 175 ALA A C   1 
ATOM   1226 O  O   . ALA A 1 170 ? 4.657   -5.281  -17.457 1.00 48.86 ? 175 ALA A O   1 
ATOM   1227 C  CB  . ALA A 1 170 ? 2.461   -4.104  -15.514 1.00 50.38 ? 175 ALA A CB  1 
ATOM   1228 N  N   . LYS A 1 171 ? 3.144   -4.345  -18.876 1.00 47.26 ? 176 LYS A N   1 
ATOM   1229 C  CA  . LYS A 1 171 ? 4.037   -4.278  -20.037 1.00 50.87 ? 176 LYS A CA  1 
ATOM   1230 C  C   . LYS A 1 171 ? 4.419   -2.845  -20.409 1.00 47.90 ? 176 LYS A C   1 
ATOM   1231 O  O   . LYS A 1 171 ? 5.032   -2.618  -21.426 1.00 43.10 ? 176 LYS A O   1 
ATOM   1232 C  CB  . LYS A 1 171 ? 3.366   -4.961  -21.248 1.00 51.27 ? 176 LYS A CB  1 
ATOM   1233 C  CG  . LYS A 1 171 ? 2.854   -6.385  -21.006 1.00 52.88 ? 176 LYS A CG  1 
ATOM   1234 C  CD  . LYS A 1 171 ? 3.981   -7.344  -20.635 1.00 57.00 ? 176 LYS A CD  1 
ATOM   1235 C  CE  . LYS A 1 171 ? 3.500   -8.762  -20.295 1.00 57.43 ? 176 LYS A CE  1 
ATOM   1236 N  NZ  . LYS A 1 171 ? 4.543   -9.531  -19.545 1.00 56.33 ? 176 LYS A NZ  1 
ATOM   1237 N  N   . ASP A 1 172 ? 4.031   -1.874  -19.592 1.00 51.24 ? 177 ASP A N   1 
ATOM   1238 C  CA  . ASP A 1 172 ? 4.474   -0.499  -19.752 1.00 50.21 ? 177 ASP A CA  1 
ATOM   1239 C  C   . ASP A 1 172 ? 4.314   0.198   -18.394 1.00 49.14 ? 177 ASP A C   1 
ATOM   1240 O  O   . ASP A 1 172 ? 3.914   -0.458  -17.423 1.00 44.12 ? 177 ASP A O   1 
ATOM   1241 C  CB  . ASP A 1 172 ? 3.710   0.205   -20.897 1.00 48.27 ? 177 ASP A CB  1 
ATOM   1242 C  CG  . ASP A 1 172 ? 2.211   0.350   -20.636 1.00 50.77 ? 177 ASP A CG  1 
ATOM   1243 O  OD1 . ASP A 1 172 ? 1.729   0.039   -19.535 1.00 44.73 ? 177 ASP A OD1 1 
ATOM   1244 O  OD2 . ASP A 1 172 ? 1.503   0.805   -21.566 1.00 58.36 ? 177 ASP A OD2 1 
ATOM   1245 N  N   . LEU A 1 173 ? 4.594   1.505   -18.327 1.00 44.33 ? 178 LEU A N   1 
ATOM   1246 C  CA  . LEU A 1 173 ? 4.638   2.218   -17.048 1.00 44.43 ? 178 LEU A CA  1 
ATOM   1247 C  C   . LEU A 1 173 ? 3.277   2.736   -16.455 1.00 46.66 ? 178 LEU A C   1 
ATOM   1248 O  O   . LEU A 1 173 ? 3.242   3.215   -15.300 1.00 47.67 ? 178 LEU A O   1 
ATOM   1249 C  CB  . LEU A 1 173 ? 5.706   3.322   -17.138 1.00 42.57 ? 178 LEU A CB  1 
ATOM   1250 C  CG  . LEU A 1 173 ? 7.117   2.720   -17.235 1.00 43.58 ? 178 LEU A CG  1 
ATOM   1251 C  CD1 . LEU A 1 173 ? 8.157   3.709   -17.749 1.00 42.65 ? 178 LEU A CD1 1 
ATOM   1252 C  CD2 . LEU A 1 173 ? 7.540   2.124   -15.899 1.00 41.83 ? 178 LEU A CD2 1 
ATOM   1253 N  N   . GLY A 1 174 ? 2.174   2.583   -17.200 1.00 44.26 ? 179 GLY A N   1 
ATOM   1254 C  CA  . GLY A 1 174 ? 0.869   3.073   -16.775 1.00 42.71 ? 179 GLY A CA  1 
ATOM   1255 C  C   . GLY A 1 174 ? 0.807   4.584   -16.935 1.00 47.32 ? 179 GLY A C   1 
ATOM   1256 O  O   . GLY A 1 174 ? 1.401   5.128   -17.867 1.00 45.55 ? 179 GLY A O   1 
ATOM   1257 N  N   . ASN A 1 175 ? 0.120   5.284   -16.022 1.00 51.98 ? 180 ASN A N   1 
ATOM   1258 C  CA  . ASN A 1 175 ? 0.112   6.756   -16.043 1.00 51.19 ? 180 ASN A CA  1 
ATOM   1259 C  C   . ASN A 1 175 ? 1.371   7.388   -15.435 1.00 49.11 ? 180 ASN A C   1 
ATOM   1260 O  O   . ASN A 1 175 ? 1.660   7.231   -14.247 1.00 50.18 ? 180 ASN A O   1 
ATOM   1261 C  CB  . ASN A 1 175 ? -1.122  7.337   -15.361 1.00 53.70 ? 180 ASN A CB  1 
ATOM   1262 C  CG  . ASN A 1 175 ? -1.362  8.789   -15.757 1.00 54.54 ? 180 ASN A CG  1 
ATOM   1263 O  OD1 . ASN A 1 175 ? -1.916  9.076   -16.828 1.00 58.97 ? 180 ASN A OD1 1 
ATOM   1264 N  ND2 . ASN A 1 175 ? -0.942  9.713   -14.897 1.00 58.27 ? 180 ASN A ND2 1 
ATOM   1265 N  N   . VAL A 1 176 ? 2.088   8.126   -16.280 1.00 46.32 ? 181 VAL A N   1 
ATOM   1266 C  CA  . VAL A 1 176 ? 3.351   8.755   -15.918 1.00 41.66 ? 181 VAL A CA  1 
ATOM   1267 C  C   . VAL A 1 176 ? 3.233   10.290  -15.793 1.00 37.69 ? 181 VAL A C   1 
ATOM   1268 O  O   . VAL A 1 176 ? 4.215   10.964  -15.535 1.00 38.15 ? 181 VAL A O   1 
ATOM   1269 C  CB  . VAL A 1 176 ? 4.505   8.315   -16.883 1.00 42.51 ? 181 VAL A CB  1 
ATOM   1270 C  CG1 . VAL A 1 176 ? 4.652   6.792   -16.903 1.00 37.48 ? 181 VAL A CG1 1 
ATOM   1271 C  CG2 . VAL A 1 176 ? 4.297   8.828   -18.307 1.00 43.53 ? 181 VAL A CG2 1 
ATOM   1272 N  N   . ALA A 1 177 ? 2.028   10.835  -15.895 1.00 39.43 ? 182 ALA A N   1 
ATOM   1273 C  CA  . ALA A 1 177 ? 1.821   12.276  -15.687 1.00 42.46 ? 182 ALA A CA  1 
ATOM   1274 C  C   . ALA A 1 177 ? 2.430   12.752  -14.405 1.00 40.16 ? 182 ALA A C   1 
ATOM   1275 O  O   . ALA A 1 177 ? 3.045   13.790  -14.420 1.00 45.41 ? 182 ALA A O   1 
ATOM   1276 C  CB  . ALA A 1 177 ? 0.343   12.654  -15.689 1.00 45.40 ? 182 ALA A CB  1 
ATOM   1277 N  N   . ASP A 1 178 ? 2.267   12.029  -13.295 1.00 35.88 ? 183 ASP A N   1 
ATOM   1278 C  CA  . ASP A 1 178 ? 2.883   12.493  -12.015 1.00 33.93 ? 183 ASP A CA  1 
ATOM   1279 C  C   . ASP A 1 178 ? 4.161   11.784  -11.696 1.00 33.15 ? 183 ASP A C   1 
ATOM   1280 O  O   . ASP A 1 178 ? 4.573   11.800  -10.560 1.00 33.59 ? 183 ASP A O   1 
ATOM   1281 C  CB  . ASP A 1 178 ? 1.931   12.329  -10.808 1.00 36.28 ? 183 ASP A CB  1 
ATOM   1282 C  CG  . ASP A 1 178 ? 0.552   12.988  -11.022 1.00 33.16 ? 183 ASP A CG  1 
ATOM   1283 O  OD1 . ASP A 1 178 ? 0.473   14.021  -11.688 1.00 35.39 ? 183 ASP A OD1 1 
ATOM   1284 O  OD2 . ASP A 1 178 ? -0.459  12.444  -10.548 1.00 33.91 ? 183 ASP A OD2 1 
ATOM   1285 N  N   . ALA A 1 179 ? 4.788   11.143  -12.686 1.00 35.03 ? 184 ALA A N   1 
ATOM   1286 C  CA  . ALA A 1 179 ? 5.943   10.261  -12.438 1.00 34.15 ? 184 ALA A CA  1 
ATOM   1287 C  C   . ALA A 1 179 ? 7.247   10.991  -12.689 1.00 33.84 ? 184 ALA A C   1 
ATOM   1288 O  O   . ALA A 1 179 ? 7.253   12.068  -13.267 1.00 35.73 ? 184 ALA A O   1 
ATOM   1289 C  CB  . ALA A 1 179 ? 5.874   9.013   -13.322 1.00 33.98 ? 184 ALA A CB  1 
ATOM   1290 N  N   . TYR A 1 180 ? 8.341   10.390  -12.235 1.00 31.56 ? 185 TYR A N   1 
ATOM   1291 C  CA  . TYR A 1 180 ? 9.690   10.906  -12.450 1.00 32.67 ? 185 TYR A CA  1 
ATOM   1292 C  C   . TYR A 1 180 ? 10.535  9.759   -12.998 1.00 33.73 ? 185 TYR A C   1 
ATOM   1293 O  O   . TYR A 1 180 ? 11.136  9.025   -12.218 1.00 33.48 ? 185 TYR A O   1 
ATOM   1294 C  CB  . TYR A 1 180 ? 10.254  11.399  -11.125 1.00 32.86 ? 185 TYR A CB  1 
ATOM   1295 C  CG  . TYR A 1 180 ? 9.480   12.567  -10.568 1.00 32.34 ? 185 TYR A CG  1 
ATOM   1296 C  CD1 . TYR A 1 180 ? 8.274   12.385  -9.948  1.00 32.49 ? 185 TYR A CD1 1 
ATOM   1297 C  CD2 . TYR A 1 180 ? 9.962   13.869  -10.693 1.00 34.99 ? 185 TYR A CD2 1 
ATOM   1298 C  CE1 . TYR A 1 180 ? 7.552   13.466  -9.456  1.00 35.46 ? 185 TYR A CE1 1 
ATOM   1299 C  CE2 . TYR A 1 180 ? 9.267   14.950  -10.188 1.00 33.03 ? 185 TYR A CE2 1 
ATOM   1300 C  CZ  . TYR A 1 180 ? 8.061   14.746  -9.584  1.00 34.32 ? 185 TYR A CZ  1 
ATOM   1301 O  OH  . TYR A 1 180 ? 7.351   15.821  -9.096  1.00 34.00 ? 185 TYR A OH  1 
ATOM   1302 N  N   . VAL A 1 181 ? 10.540  9.574   -14.320 1.00 33.17 ? 186 VAL A N   1 
ATOM   1303 C  CA  . VAL A 1 181 ? 11.069  8.332   -14.907 1.00 37.92 ? 186 VAL A CA  1 
ATOM   1304 C  C   . VAL A 1 181 ? 12.594  8.175   -14.800 1.00 39.89 ? 186 VAL A C   1 
ATOM   1305 O  O   . VAL A 1 181 ? 13.087  7.067   -14.902 1.00 41.22 ? 186 VAL A O   1 
ATOM   1306 C  CB  . VAL A 1 181 ? 10.605  8.122   -16.342 1.00 38.34 ? 186 VAL A CB  1 
ATOM   1307 C  CG1 . VAL A 1 181 ? 9.085   7.999   -16.367 1.00 39.59 ? 186 VAL A CG1 1 
ATOM   1308 C  CG2 . VAL A 1 181 ? 11.067  9.267   -17.229 1.00 38.42 ? 186 VAL A CG2 1 
ATOM   1309 N  N   . ASN A 1 182 ? 13.322  9.254   -14.507 1.00 40.70 ? 187 ASN A N   1 
ATOM   1310 C  CA  . ASN A 1 182 ? 14.761  9.163   -14.234 1.00 40.35 ? 187 ASN A CA  1 
ATOM   1311 C  C   . ASN A 1 182 ? 15.116  8.765   -12.836 1.00 40.52 ? 187 ASN A C   1 
ATOM   1312 O  O   . ASN A 1 182 ? 16.045  7.949   -12.635 1.00 49.98 ? 187 ASN A O   1 
ATOM   1313 C  CB  . ASN A 1 182 ? 15.416  10.476  -14.537 1.00 46.38 ? 187 ASN A CB  1 
ATOM   1314 C  CG  . ASN A 1 182 ? 15.445  10.747  -16.009 1.00 50.42 ? 187 ASN A CG  1 
ATOM   1315 O  OD1 . ASN A 1 182 ? 16.209  10.105  -16.734 1.00 54.98 ? 187 ASN A OD1 1 
ATOM   1316 N  ND2 . ASN A 1 182 ? 14.585  11.672  -16.480 1.00 49.59 ? 187 ASN A ND2 1 
ATOM   1317 N  N   . GLU A 1 183 ? 14.375  9.296   -11.862 1.00 36.48 ? 188 GLU A N   1 
ATOM   1318 C  CA  . GLU A 1 183 ? 14.632  8.970   -10.448 1.00 33.87 ? 188 GLU A CA  1 
ATOM   1319 C  C   . GLU A 1 183 ? 14.093  7.585   -10.070 1.00 32.47 ? 188 GLU A C   1 
ATOM   1320 O  O   . GLU A 1 183 ? 14.578  6.968   -9.127  1.00 31.72 ? 188 GLU A O   1 
ATOM   1321 C  CB  . GLU A 1 183 ? 14.039  10.036  -9.510  1.00 35.09 ? 188 GLU A CB  1 
ATOM   1322 C  CG  . GLU A 1 183 ? 14.737  11.398  -9.531  1.00 37.57 ? 188 GLU A CG  1 
ATOM   1323 C  CD  . GLU A 1 183 ? 14.069  12.421  -10.446 1.00 42.84 ? 188 GLU A CD  1 
ATOM   1324 O  OE1 . GLU A 1 183 ? 14.041  13.607  -10.037 1.00 41.64 ? 188 GLU A OE1 1 
ATOM   1325 O  OE2 . GLU A 1 183 ? 13.553  12.046  -11.557 1.00 44.82 ? 188 GLU A OE2 1 
ATOM   1326 N  N   . TRP A 1 184 ? 13.082  7.126   -10.811 1.00 32.13 ? 189 TRP A N   1 
ATOM   1327 C  CA  . TRP A 1 184 ? 12.342  5.892   -10.533 1.00 31.25 ? 189 TRP A CA  1 
ATOM   1328 C  C   . TRP A 1 184 ? 13.287  4.705   -10.478 1.00 30.65 ? 189 TRP A C   1 
ATOM   1329 O  O   . TRP A 1 184 ? 13.128  3.850   -9.606  1.00 31.13 ? 189 TRP A O   1 
ATOM   1330 C  CB  . TRP A 1 184 ? 11.230  5.680   -11.600 1.00 30.57 ? 189 TRP A CB  1 
ATOM   1331 C  CG  . TRP A 1 184 ? 10.135  4.715   -11.249 1.00 29.72 ? 189 TRP A CG  1 
ATOM   1332 C  CD1 . TRP A 1 184 ? 10.165  3.716   -10.305 1.00 31.58 ? 189 TRP A CD1 1 
ATOM   1333 C  CD2 . TRP A 1 184 ? 8.858   4.630   -11.854 1.00 29.87 ? 189 TRP A CD2 1 
ATOM   1334 N  NE1 . TRP A 1 184 ? 8.992   3.036   -10.293 1.00 28.85 ? 189 TRP A NE1 1 
ATOM   1335 C  CE2 . TRP A 1 184 ? 8.165   3.577   -11.226 1.00 29.34 ? 189 TRP A CE2 1 
ATOM   1336 C  CE3 . TRP A 1 184 ? 8.227   5.329   -12.880 1.00 30.28 ? 189 TRP A CE3 1 
ATOM   1337 C  CZ2 . TRP A 1 184 ? 6.879   3.211   -11.596 1.00 32.50 ? 189 TRP A CZ2 1 
ATOM   1338 C  CZ3 . TRP A 1 184 ? 6.942   4.977   -13.236 1.00 29.42 ? 189 TRP A CZ3 1 
ATOM   1339 C  CH2 . TRP A 1 184 ? 6.280   3.933   -12.600 1.00 30.80 ? 189 TRP A CH2 1 
ATOM   1340 N  N   . SER A 1 185 ? 14.281  4.663   -11.373 1.00 30.59 ? 190 SER A N   1 
ATOM   1341 C  CA  . SER A 1 185 ? 15.265  3.569   -11.398 1.00 31.83 ? 190 SER A CA  1 
ATOM   1342 C  C   . SER A 1 185 ? 16.140  3.578   -10.162 1.00 32.44 ? 190 SER A C   1 
ATOM   1343 O  O   . SER A 1 185 ? 16.366  2.547   -9.561  1.00 37.97 ? 190 SER A O   1 
ATOM   1344 C  CB  . SER A 1 185 ? 16.155  3.649   -12.635 1.00 32.16 ? 190 SER A CB  1 
ATOM   1345 O  OG  . SER A 1 185 ? 15.430  3.151   -13.746 1.00 35.33 ? 190 SER A OG  1 
ATOM   1346 N  N   . THR A 1 186 ? 16.655  4.747   -9.821  1.00 30.68 ? 191 THR A N   1 
ATOM   1347 C  CA  . THR A 1 186 ? 17.395  4.972   -8.583  1.00 30.23 ? 191 THR A CA  1 
ATOM   1348 C  C   . THR A 1 186 ? 16.600  4.593   -7.308  1.00 29.63 ? 191 THR A C   1 
ATOM   1349 O  O   . THR A 1 186 ? 17.160  3.976   -6.394  1.00 29.03 ? 191 THR A O   1 
ATOM   1350 C  CB  . THR A 1 186 ? 17.885  6.433   -8.533  1.00 29.10 ? 191 THR A CB  1 
ATOM   1351 O  OG1 . THR A 1 186 ? 18.930  6.585   -9.500  1.00 30.97 ? 191 THR A OG1 1 
ATOM   1352 C  CG2 . THR A 1 186 ? 18.451  6.805   -7.169  1.00 30.87 ? 191 THR A CG2 1 
ATOM   1353 N  N   . SER A 1 187 ? 15.315  4.945   -7.247  1.00 27.57 ? 192 SER A N   1 
ATOM   1354 C  CA  . SER A 1 187 ? 14.524  4.699   -6.045  1.00 27.20 ? 192 SER A CA  1 
ATOM   1355 C  C   . SER A 1 187 ? 14.248  3.219   -5.889  1.00 28.79 ? 192 SER A C   1 
ATOM   1356 O  O   . SER A 1 187 ? 14.249  2.687   -4.785  1.00 28.86 ? 192 SER A O   1 
ATOM   1357 C  CB  . SER A 1 187 ? 13.227  5.475   -6.106  1.00 27.72 ? 192 SER A CB  1 
ATOM   1358 O  OG  . SER A 1 187 ? 13.468  6.828   -6.365  1.00 25.04 ? 192 SER A OG  1 
ATOM   1359 N  N   . ILE A 1 188 ? 14.048  2.535   -7.013  1.00 33.18 ? 193 ILE A N   1 
ATOM   1360 C  CA  . ILE A 1 188 ? 13.933  1.080   -7.017  1.00 30.98 ? 193 ILE A CA  1 
ATOM   1361 C  C   . ILE A 1 188 ? 15.209  0.454   -6.477  1.00 33.61 ? 193 ILE A C   1 
ATOM   1362 O  O   . ILE A 1 188 ? 15.158  -0.440  -5.626  1.00 34.52 ? 193 ILE A O   1 
ATOM   1363 C  CB  . ILE A 1 188 ? 13.615  0.530   -8.417  1.00 31.69 ? 193 ILE A CB  1 
ATOM   1364 C  CG1 . ILE A 1 188 ? 12.200  0.925   -8.873  1.00 30.46 ? 193 ILE A CG1 1 
ATOM   1365 C  CG2 . ILE A 1 188 ? 13.747  -0.988  -8.460  1.00 32.43 ? 193 ILE A CG2 1 
ATOM   1366 C  CD1 . ILE A 1 188 ? 11.090  0.083   -8.288  1.00 33.31 ? 193 ILE A CD1 1 
ATOM   1367 N  N   . GLU A 1 189 ? 16.354  0.925   -6.960  1.00 37.05 ? 194 GLU A N   1 
ATOM   1368 C  CA  . GLU A 1 189 ? 17.647  0.415   -6.503  1.00 36.60 ? 194 GLU A CA  1 
ATOM   1369 C  C   . GLU A 1 189 ? 17.819  0.651   -5.022  1.00 37.54 ? 194 GLU A C   1 
ATOM   1370 O  O   . GLU A 1 189 ? 18.394  -0.184  -4.355  1.00 40.13 ? 194 GLU A O   1 
ATOM   1371 C  CB  . GLU A 1 189 ? 18.813  1.079   -7.254  1.00 37.15 ? 194 GLU A CB  1 
ATOM   1372 C  CG  . GLU A 1 189 ? 18.931  0.697   -8.723  1.00 38.87 ? 194 GLU A CG  1 
ATOM   1373 C  CD  . GLU A 1 189 ? 19.384  -0.757  -8.956  1.00 45.67 ? 194 GLU A CD  1 
ATOM   1374 O  OE1 . GLU A 1 189 ? 19.748  -1.502  -8.003  1.00 45.09 ? 194 GLU A OE1 1 
ATOM   1375 O  OE2 . GLU A 1 189 ? 19.390  -1.174  -10.134 1.00 51.65 ? 194 GLU A OE2 1 
ATOM   1376 N  N   . ASN A 1 190 ? 17.345  1.797   -4.533  1.00 34.76 ? 195 ASN A N   1 
ATOM   1377 C  CA  . ASN A 1 190 ? 17.452  2.157   -3.145  1.00 35.33 ? 195 ASN A CA  1 
ATOM   1378 C  C   . ASN A 1 190 ? 16.731  1.184   -2.233  1.00 35.67 ? 195 ASN A C   1 
ATOM   1379 O  O   . ASN A 1 190 ? 17.146  0.995   -1.064  1.00 42.57 ? 195 ASN A O   1 
ATOM   1380 C  CB  . ASN A 1 190 ? 16.878  3.561   -2.910  1.00 37.10 ? 195 ASN A CB  1 
ATOM   1381 C  CG  . ASN A 1 190 ? 17.845  4.673   -3.293  1.00 38.63 ? 195 ASN A CG  1 
ATOM   1382 O  OD1 . ASN A 1 190 ? 19.012  4.433   -3.631  1.00 42.30 ? 195 ASN A OD1 1 
ATOM   1383 N  ND2 . ASN A 1 190 ? 17.362  5.905   -3.223  1.00 35.29 ? 195 ASN A ND2 1 
ATOM   1384 N  N   . VAL A 1 191 ? 15.640  0.626   -2.772  1.00 34.26 ? 196 VAL A N   1 
ATOM   1385 C  CA  . VAL A 1 191 ? 14.845  -0.475  -2.179  1.00 34.93 ? 196 VAL A CA  1 
ATOM   1386 C  C   . VAL A 1 191 ? 15.581  -1.808  -2.282  1.00 34.06 ? 196 VAL A C   1 
ATOM   1387 O  O   . VAL A 1 191 ? 15.679  -2.529  -1.285  1.00 31.94 ? 196 VAL A O   1 
ATOM   1388 C  CB  . VAL A 1 191 ? 13.460  -0.630  -2.861  1.00 32.17 ? 196 VAL A CB  1 
ATOM   1389 C  CG1 . VAL A 1 191 ? 12.713  -1.855  -2.368  1.00 31.56 ? 196 VAL A CG1 1 
ATOM   1390 C  CG2 . VAL A 1 191 ? 12.608  0.598   -2.615  1.00 35.91 ? 196 VAL A CG2 1 
ATOM   1391 N  N   . LEU A 1 192 ? 16.100  -2.121  -3.477  1.00 34.55 ? 197 LEU A N   1 
ATOM   1392 C  CA  . LEU A 1 192 ? 16.899  -3.351  -3.678  1.00 36.29 ? 197 LEU A CA  1 
ATOM   1393 C  C   . LEU A 1 192 ? 18.125  -3.401  -2.772  1.00 39.10 ? 197 LEU A C   1 
ATOM   1394 O  O   . LEU A 1 192 ? 18.587  -4.474  -2.431  1.00 44.94 ? 197 LEU A O   1 
ATOM   1395 C  CB  . LEU A 1 192 ? 17.350  -3.506  -5.126  1.00 34.80 ? 197 LEU A CB  1 
ATOM   1396 C  CG  . LEU A 1 192 ? 16.258  -3.987  -6.074  1.00 38.47 ? 197 LEU A CG  1 
ATOM   1397 C  CD1 . LEU A 1 192 ? 16.611  -3.661  -7.525  1.00 39.58 ? 197 LEU A CD1 1 
ATOM   1398 C  CD2 . LEU A 1 192 ? 15.984  -5.484  -5.905  1.00 36.40 ? 197 LEU A CD2 1 
ATOM   1399 N  N   . LYS A 1 193 ? 18.645  -2.244  -2.398  1.00 40.82 ? 198 LYS A N   1 
ATOM   1400 C  CA  . LYS A 1 193 ? 19.798  -2.144  -1.519  1.00 45.05 ? 198 LYS A CA  1 
ATOM   1401 C  C   . LYS A 1 193 ? 19.395  -2.302  -0.072  1.00 45.20 ? 198 LYS A C   1 
ATOM   1402 O  O   . LYS A 1 193 ? 20.011  -3.059  0.677   1.00 52.34 ? 198 LYS A O   1 
ATOM   1403 C  CB  . LYS A 1 193 ? 20.481  -0.782  -1.704  1.00 44.72 ? 198 LYS A CB  1 
ATOM   1404 C  CG  . LYS A 1 193 ? 21.315  -0.749  -2.959  1.00 51.30 ? 198 LYS A CG  1 
ATOM   1405 C  CD  . LYS A 1 193 ? 21.644  0.669   -3.382  1.00 58.28 ? 198 LYS A CD  1 
ATOM   1406 C  CE  . LYS A 1 193 ? 22.571  0.663   -4.588  1.00 59.18 ? 198 LYS A CE  1 
ATOM   1407 N  NZ  . LYS A 1 193 ? 22.797  2.063   -5.035  1.00 60.64 ? 198 LYS A NZ  1 
ATOM   1408 N  N   . ARG A 1 194 ? 18.360  -1.571  0.325   1.00 44.76 ? 199 ARG A N   1 
ATOM   1409 C  CA  . ARG A 1 194 ? 17.918  -1.590  1.710   1.00 41.05 ? 199 ARG A CA  1 
ATOM   1410 C  C   . ARG A 1 194 ? 17.442  -2.990  2.171   1.00 41.21 ? 199 ARG A C   1 
ATOM   1411 O  O   . ARG A 1 194 ? 17.756  -3.427  3.287   1.00 41.09 ? 199 ARG A O   1 
ATOM   1412 C  CB  . ARG A 1 194 ? 16.827  -0.534  1.926   1.00 42.22 ? 199 ARG A CB  1 
ATOM   1413 C  CG  . ARG A 1 194 ? 16.537  -0.332  3.407   1.00 42.19 ? 199 ARG A CG  1 
ATOM   1414 C  CD  . ARG A 1 194 ? 15.574  0.796   3.714   1.00 42.29 ? 199 ARG A CD  1 
ATOM   1415 N  NE  . ARG A 1 194 ? 15.213  0.753   5.127   1.00 43.60 ? 199 ARG A NE  1 
ATOM   1416 C  CZ  . ARG A 1 194 ? 15.972  1.224   6.122   1.00 43.65 ? 199 ARG A CZ  1 
ATOM   1417 N  NH1 . ARG A 1 194 ? 17.134  1.816   5.886   1.00 40.09 ? 199 ARG A NH1 1 
ATOM   1418 N  NH2 . ARG A 1 194 ? 15.550  1.128   7.368   1.00 44.55 ? 199 ARG A NH2 1 
ATOM   1419 N  N   . TYR A 1 195 ? 16.677  -3.666  1.310   1.00 41.29 ? 200 TYR A N   1 
ATOM   1420 C  CA  . TYR A 1 195 ? 16.078  -4.970  1.605   1.00 38.04 ? 200 TYR A CA  1 
ATOM   1421 C  C   . TYR A 1 195 ? 16.639  -6.094  0.712   1.00 40.13 ? 200 TYR A C   1 
ATOM   1422 O  O   . TYR A 1 195 ? 16.136  -6.373  -0.370  1.00 34.48 ? 200 TYR A O   1 
ATOM   1423 C  CB  . TYR A 1 195 ? 14.578  -4.876  1.434   1.00 39.98 ? 200 TYR A CB  1 
ATOM   1424 C  CG  . TYR A 1 195 ? 13.941  -3.754  2.229   1.00 37.55 ? 200 TYR A CG  1 
ATOM   1425 C  CD1 . TYR A 1 195 ? 14.058  -3.707  3.600   1.00 36.95 ? 200 TYR A CD1 1 
ATOM   1426 C  CD2 . TYR A 1 195 ? 13.205  -2.748  1.594   1.00 37.81 ? 200 TYR A CD2 1 
ATOM   1427 C  CE1 . TYR A 1 195 ? 13.480  -2.680  4.326   1.00 36.76 ? 200 TYR A CE1 1 
ATOM   1428 C  CE2 . TYR A 1 195 ? 12.619  -1.726  2.307   1.00 36.75 ? 200 TYR A CE2 1 
ATOM   1429 C  CZ  . TYR A 1 195 ? 12.770  -1.695  3.672   1.00 38.25 ? 200 TYR A CZ  1 
ATOM   1430 O  OH  . TYR A 1 195 ? 12.198  -0.691  4.392   1.00 40.46 ? 200 TYR A OH  1 
ATOM   1431 N  N   . ARG A 1 196 ? 17.666  -6.765  1.228   1.00 48.70 ? 201 ARG A N   1 
ATOM   1432 C  CA  . ARG A 1 196 ? 18.493  -7.704  0.461   1.00 52.10 ? 201 ARG A CA  1 
ATOM   1433 C  C   . ARG A 1 196 ? 17.912  -9.130  0.264   1.00 51.69 ? 201 ARG A C   1 
ATOM   1434 O  O   . ARG A 1 196 ? 18.252  -9.799  -0.725  1.00 47.44 ? 201 ARG A O   1 
ATOM   1435 C  CB  . ARG A 1 196 ? 19.866  -7.766  1.129   1.00 55.58 ? 201 ARG A CB  1 
ATOM   1436 C  CG  . ARG A 1 196 ? 20.594  -6.418  1.157   1.00 61.90 ? 201 ARG A CG  1 
ATOM   1437 C  CD  . ARG A 1 196 ? 20.982  -5.970  -0.249  1.00 64.86 ? 201 ARG A CD  1 
ATOM   1438 N  NE  . ARG A 1 196 ? 21.424  -7.113  -1.066  1.00 70.73 ? 201 ARG A NE  1 
ATOM   1439 C  CZ  . ARG A 1 196 ? 22.683  -7.380  -1.437  1.00 69.34 ? 201 ARG A CZ  1 
ATOM   1440 N  NH1 . ARG A 1 196 ? 22.921  -8.481  -2.157  1.00 64.71 ? 201 ARG A NH1 1 
ATOM   1441 N  NH2 . ARG A 1 196 ? 23.699  -6.565  -1.121  1.00 66.95 ? 201 ARG A NH2 1 
ATOM   1442 N  N   . ASN A 1 197 ? 17.052  -9.589  1.187   1.00 51.55 ? 202 ASN A N   1 
ATOM   1443 C  CA  . ASN A 1 197 ? 16.364  -10.901 1.071   1.00 49.99 ? 202 ASN A CA  1 
ATOM   1444 C  C   . ASN A 1 197 ? 14.850  -10.701 1.108   1.00 48.07 ? 202 ASN A C   1 
ATOM   1445 O  O   . ASN A 1 197 ? 14.286  -10.398 2.153   1.00 48.72 ? 202 ASN A O   1 
ATOM   1446 C  CB  . ASN A 1 197 ? 16.811  -11.832 2.213   1.00 50.97 ? 202 ASN A CB  1 
ATOM   1447 C  CG  . ASN A 1 197 ? 16.179  -13.218 2.159   1.00 52.00 ? 202 ASN A CG  1 
ATOM   1448 O  OD1 . ASN A 1 197 ? 16.014  -13.859 3.189   1.00 58.35 ? 202 ASN A OD1 1 
ATOM   1449 N  ND2 . ASN A 1 197 ? 15.842  -13.686 0.982   1.00 54.30 ? 202 ASN A ND2 1 
ATOM   1450 N  N   . ILE A 1 198 ? 14.184  -10.884 -0.028  1.00 44.25 ? 203 ILE A N   1 
ATOM   1451 C  CA  . ILE A 1 198 ? 12.769  -10.607 -0.092  1.00 42.24 ? 203 ILE A CA  1 
ATOM   1452 C  C   . ILE A 1 198 ? 11.974  -11.847 -0.404  1.00 42.74 ? 203 ILE A C   1 
ATOM   1453 O  O   . ILE A 1 198 ? 12.176  -12.472 -1.446  1.00 41.20 ? 203 ILE A O   1 
ATOM   1454 C  CB  . ILE A 1 198 ? 12.457  -9.507  -1.119  1.00 42.23 ? 203 ILE A CB  1 
ATOM   1455 C  CG1 . ILE A 1 198 ? 13.155  -8.216  -0.705  1.00 44.41 ? 203 ILE A CG1 1 
ATOM   1456 C  CG2 . ILE A 1 198 ? 10.951  -9.280  -1.223  1.00 43.52 ? 203 ILE A CG2 1 
ATOM   1457 C  CD1 . ILE A 1 198 ? 13.065  -7.088  -1.706  1.00 42.99 ? 203 ILE A CD1 1 
ATOM   1458 N  N   . ASN A 1 199 ? 11.034  -12.172 0.481   1.00 42.82 ? 204 ASN A N   1 
ATOM   1459 C  CA  . ASN A 1 199 ? 10.209  -13.338 0.284   1.00 46.85 ? 204 ASN A CA  1 
ATOM   1460 C  C   . ASN A 1 199 ? 9.033   -13.094 -0.609  1.00 47.93 ? 204 ASN A C   1 
ATOM   1461 O  O   . ASN A 1 199 ? 8.630   -13.992 -1.341  1.00 52.99 ? 204 ASN A O   1 
ATOM   1462 C  CB  . ASN A 1 199 ? 9.765   -13.897 1.614   1.00 53.76 ? 204 ASN A CB  1 
ATOM   1463 C  CG  . ASN A 1 199 ? 10.923  -14.482 2.393   1.00 58.66 ? 204 ASN A CG  1 
ATOM   1464 O  OD1 . ASN A 1 199 ? 12.040  -14.630 1.873   1.00 65.78 ? 204 ASN A OD1 1 
ATOM   1465 N  ND2 . ASN A 1 199 ? 10.675  -14.808 3.644   1.00 62.58 ? 204 ASN A ND2 1 
ATOM   1466 N  N   . ALA A 1 200 ? 8.468   -11.895 -0.563  1.00 46.98 ? 205 ALA A N   1 
ATOM   1467 C  CA  . ALA A 1 200 ? 7.359   -11.561 -1.457  1.00 44.17 ? 205 ALA A CA  1 
ATOM   1468 C  C   . ALA A 1 200 ? 7.248   -10.080 -1.711  1.00 41.25 ? 205 ALA A C   1 
ATOM   1469 O  O   . ALA A 1 200 ? 7.601   -9.286  -0.848  1.00 38.49 ? 205 ALA A O   1 
ATOM   1470 C  CB  . ALA A 1 200 ? 6.070   -12.058 -0.868  1.00 44.74 ? 205 ALA A CB  1 
ATOM   1471 N  N   . VAL A 1 201 ? 6.734   -9.722  -2.887  1.00 39.09 ? 206 VAL A N   1 
ATOM   1472 C  CA  . VAL A 1 201 ? 6.519   -8.333  -3.237  1.00 36.12 ? 206 VAL A CA  1 
ATOM   1473 C  C   . VAL A 1 201 ? 5.101   -8.106  -3.697  1.00 34.46 ? 206 VAL A C   1 
ATOM   1474 O  O   . VAL A 1 201 ? 4.610   -8.773  -4.599  1.00 31.95 ? 206 VAL A O   1 
ATOM   1475 C  CB  . VAL A 1 201 ? 7.499   -7.866  -4.314  1.00 38.22 ? 206 VAL A CB  1 
ATOM   1476 C  CG1 . VAL A 1 201 ? 7.164   -6.444  -4.730  1.00 37.94 ? 206 VAL A CG1 1 
ATOM   1477 C  CG2 . VAL A 1 201 ? 8.927   -7.903  -3.756  1.00 38.21 ? 206 VAL A CG2 1 
ATOM   1478 N  N   . VAL A 1 202 ? 4.437   -7.145  -3.070  1.00 32.56 ? 207 VAL A N   1 
ATOM   1479 C  CA  . VAL A 1 202 ? 3.096   -6.805  -3.485  1.00 29.61 ? 207 VAL A CA  1 
ATOM   1480 C  C   . VAL A 1 202 ? 3.142   -5.552  -4.335  1.00 30.15 ? 207 VAL A C   1 
ATOM   1481 O  O   . VAL A 1 202 ? 3.537   -4.490  -3.860  1.00 30.98 ? 207 VAL A O   1 
ATOM   1482 C  CB  . VAL A 1 202 ? 2.208   -6.642  -2.271  1.00 31.40 ? 207 VAL A CB  1 
ATOM   1483 C  CG1 . VAL A 1 202 ? 0.757   -6.416  -2.663  1.00 30.62 ? 207 VAL A CG1 1 
ATOM   1484 C  CG2 . VAL A 1 202 ? 2.343   -7.892  -1.389  1.00 33.60 ? 207 VAL A CG2 1 
ATOM   1485 N  N   . PRO A 1 203 ? 2.788   -5.676  -5.624  1.00 33.95 ? 208 PRO A N   1 
ATOM   1486 C  CA  . PRO A 1 203 ? 2.629   -4.491  -6.486  1.00 32.58 ? 208 PRO A CA  1 
ATOM   1487 C  C   . PRO A 1 203 ? 1.386   -3.687  -6.132  1.00 31.41 ? 208 PRO A C   1 
ATOM   1488 O  O   . PRO A 1 203 ? 0.458   -4.205  -5.526  1.00 33.98 ? 208 PRO A O   1 
ATOM   1489 C  CB  . PRO A 1 203 ? 2.430   -5.097  -7.869  1.00 32.43 ? 208 PRO A CB  1 
ATOM   1490 C  CG  . PRO A 1 203 ? 1.743   -6.406  -7.588  1.00 34.11 ? 208 PRO A CG  1 
ATOM   1491 C  CD  . PRO A 1 203 ? 2.418   -6.923  -6.342  1.00 33.85 ? 208 PRO A CD  1 
ATOM   1492 N  N   . GLY A 1 204 ? 1.350   -2.441  -6.524  1.00 30.25 ? 209 GLY A N   1 
ATOM   1493 C  CA  . GLY A 1 204 ? 0.145   -1.635  -6.354  1.00 34.48 ? 209 GLY A CA  1 
ATOM   1494 C  C   . GLY A 1 204 ? -1.053  -2.135  -7.165  1.00 37.49 ? 209 GLY A C   1 
ATOM   1495 O  O   . GLY A 1 204 ? -2.199  -1.973  -6.770  1.00 40.12 ? 209 GLY A O   1 
ATOM   1496 N  N   . HIS A 1 205 ? -0.762  -2.718  -8.324  1.00 39.03 ? 210 HIS A N   1 
ATOM   1497 C  CA  . HIS A 1 205 ? -1.744  -3.210  -9.267  1.00 39.85 ? 210 HIS A CA  1 
ATOM   1498 C  C   . HIS A 1 205 ? -1.205  -4.520  -9.839  1.00 42.24 ? 210 HIS A C   1 
ATOM   1499 O  O   . HIS A 1 205 ? -0.104  -4.537  -10.414 1.00 42.53 ? 210 HIS A O   1 
ATOM   1500 C  CB  . HIS A 1 205 ? -1.949  -2.196  -10.395 1.00 37.85 ? 210 HIS A CB  1 
ATOM   1501 C  CG  . HIS A 1 205 ? -2.491  -0.892  -9.921  1.00 41.42 ? 210 HIS A CG  1 
ATOM   1502 N  ND1 . HIS A 1 205 ? -3.830  -0.692  -9.671  1.00 42.56 ? 210 HIS A ND1 1 
ATOM   1503 C  CD2 . HIS A 1 205 ? -1.868  0.269   -9.608  1.00 42.71 ? 210 HIS A CD2 1 
ATOM   1504 C  CE1 . HIS A 1 205 ? -4.010  0.544   -9.236  1.00 46.16 ? 210 HIS A CE1 1 
ATOM   1505 N  NE2 . HIS A 1 205 ? -2.833  1.146   -9.182  1.00 46.63 ? 210 HIS A NE2 1 
ATOM   1506 N  N   . GLY A 1 206 ? -1.977  -5.600  -9.664  1.00 43.28 ? 211 GLY A N   1 
ATOM   1507 C  CA  . GLY A 1 206 ? -1.696  -6.886  -10.281 1.00 43.38 ? 211 GLY A CA  1 
ATOM   1508 C  C   . GLY A 1 206 ? -1.321  -7.967  -9.292  1.00 46.08 ? 211 GLY A C   1 
ATOM   1509 O  O   . GLY A 1 206 ? -1.599  -7.859  -8.117  1.00 45.16 ? 211 GLY A O   1 
ATOM   1510 N  N   . GLU A 1 207 ? -0.630  -8.984  -9.791  1.00 49.34 ? 212 GLU A N   1 
ATOM   1511 C  CA  . GLU A 1 207 ? -0.459  -10.252 -9.115  1.00 49.90 ? 212 GLU A CA  1 
ATOM   1512 C  C   . GLU A 1 207 ? 0.809   -10.222 -8.252  1.00 44.64 ? 212 GLU A C   1 
ATOM   1513 O  O   . GLU A 1 207 ? 1.825   -9.638  -8.620  1.00 40.70 ? 212 GLU A O   1 
ATOM   1514 C  CB  . GLU A 1 207 ? -0.428  -11.378 -10.174 1.00 57.73 ? 212 GLU A CB  1 
ATOM   1515 C  CG  . GLU A 1 207 ? -1.542  -11.314 -11.265 1.00 65.30 ? 212 GLU A CG  1 
ATOM   1516 C  CD  . GLU A 1 207 ? -1.290  -10.359 -12.474 1.00 71.61 ? 212 GLU A CD  1 
ATOM   1517 O  OE1 . GLU A 1 207 ? -2.284  -9.863  -13.087 1.00 63.60 ? 212 GLU A OE1 1 
ATOM   1518 O  OE2 . GLU A 1 207 ? -0.108  -10.094 -12.833 1.00 79.09 ? 212 GLU A OE2 1 
ATOM   1519 N  N   . VAL A 1 208 ? 0.730   -10.839 -7.091  1.00 41.73 ? 213 VAL A N   1 
ATOM   1520 C  CA  . VAL A 1 208 ? 1.828   -10.855 -6.136  1.00 43.09 ? 213 VAL A CA  1 
ATOM   1521 C  C   . VAL A 1 208 ? 3.003   -11.651 -6.678  1.00 44.00 ? 213 VAL A C   1 
ATOM   1522 O  O   . VAL A 1 208 ? 2.787   -12.646 -7.350  1.00 46.10 ? 213 VAL A O   1 
ATOM   1523 C  CB  . VAL A 1 208 ? 1.362   -11.479 -4.806  1.00 43.79 ? 213 VAL A CB  1 
ATOM   1524 C  CG1 . VAL A 1 208 ? 2.520   -11.616 -3.839  1.00 43.28 ? 213 VAL A CG1 1 
ATOM   1525 C  CG2 . VAL A 1 208 ? 0.259   -10.614 -4.192  1.00 48.63 ? 213 VAL A CG2 1 
ATOM   1526 N  N   . GLY A 1 209 ? 4.232   -11.220 -6.378  1.00 44.43 ? 214 GLY A N   1 
ATOM   1527 C  CA  . GLY A 1 209 ? 5.454   -11.853 -6.911  1.00 45.75 ? 214 GLY A CA  1 
ATOM   1528 C  C   . GLY A 1 209 ? 6.597   -11.784 -5.908  1.00 47.74 ? 214 GLY A C   1 
ATOM   1529 O  O   . GLY A 1 209 ? 6.375   -11.882 -4.700  1.00 51.72 ? 214 GLY A O   1 
ATOM   1530 N  N   . ASP A 1 210 ? 7.819   -11.599 -6.401  1.00 45.21 ? 215 ASP A N   1 
ATOM   1531 C  CA  . ASP A 1 210 ? 9.001   -11.499 -5.548  1.00 43.31 ? 215 ASP A CA  1 
ATOM   1532 C  C   . ASP A 1 210 ? 9.888   -10.398 -6.108  1.00 42.63 ? 215 ASP A C   1 
ATOM   1533 O  O   . ASP A 1 210 ? 9.412   -9.583  -6.887  1.00 43.58 ? 215 ASP A O   1 
ATOM   1534 C  CB  . ASP A 1 210 ? 9.744   -12.839 -5.517  1.00 45.12 ? 215 ASP A CB  1 
ATOM   1535 C  CG  . ASP A 1 210 ? 10.083  -13.362 -6.917  1.00 45.82 ? 215 ASP A CG  1 
ATOM   1536 O  OD1 . ASP A 1 210 ? 10.289  -12.581 -7.866  1.00 41.94 ? 215 ASP A OD1 1 
ATOM   1537 O  OD2 . ASP A 1 210 ? 10.141  -14.586 -7.059  1.00 54.65 ? 215 ASP A OD2 1 
ATOM   1538 N  N   . LYS A 1 211 ? 11.160  -10.396 -5.705  1.00 42.52 ? 216 LYS A N   1 
ATOM   1539 C  CA  . LYS A 1 211 ? 12.217  -9.488  -6.182  1.00 44.06 ? 216 LYS A CA  1 
ATOM   1540 C  C   . LYS A 1 211 ? 12.249  -9.175  -7.676  1.00 44.50 ? 216 LYS A C   1 
ATOM   1541 O  O   . LYS A 1 211 ? 12.711  -8.099  -8.082  1.00 45.39 ? 216 LYS A O   1 
ATOM   1542 C  CB  . LYS A 1 211 ? 13.547  -10.099 -5.775  1.00 49.20 ? 216 LYS A CB  1 
ATOM   1543 C  CG  . LYS A 1 211 ? 14.798  -9.405  -6.231  1.00 55.53 ? 216 LYS A CG  1 
ATOM   1544 C  CD  . LYS A 1 211 ? 15.988  -10.246 -5.776  1.00 64.65 ? 216 LYS A CD  1 
ATOM   1545 C  CE  . LYS A 1 211 ? 17.307  -9.463  -5.747  1.00 68.37 ? 216 LYS A CE  1 
ATOM   1546 N  NZ  . LYS A 1 211 ? 18.498  -10.357 -5.892  1.00 67.54 ? 216 LYS A NZ  1 
ATOM   1547 N  N   . GLY A 1 212 ? 11.794  -10.119 -8.494  1.00 40.76 ? 217 GLY A N   1 
ATOM   1548 C  CA  . GLY A 1 212 ? 11.743  -9.939  -9.939  1.00 39.36 ? 217 GLY A CA  1 
ATOM   1549 C  C   . GLY A 1 212 ? 10.798  -8.856  -10.418 1.00 37.04 ? 217 GLY A C   1 
ATOM   1550 O  O   . GLY A 1 212 ? 10.954  -8.327  -11.509 1.00 40.93 ? 217 GLY A O   1 
ATOM   1551 N  N   . LEU A 1 213 ? 9.803   -8.520  -9.623  1.00 35.79 ? 218 LEU A N   1 
ATOM   1552 C  CA  . LEU A 1 213 ? 8.922   -7.411  -9.964  1.00 37.14 ? 218 LEU A CA  1 
ATOM   1553 C  C   . LEU A 1 213 ? 9.679   -6.077  -10.010 1.00 35.18 ? 218 LEU A C   1 
ATOM   1554 O  O   . LEU A 1 213 ? 9.326   -5.160  -10.772 1.00 31.09 ? 218 LEU A O   1 
ATOM   1555 C  CB  . LEU A 1 213 ? 7.830   -7.294  -8.920  1.00 38.40 ? 218 LEU A CB  1 
ATOM   1556 C  CG  . LEU A 1 213 ? 6.814   -8.430  -8.855  1.00 39.58 ? 218 LEU A CG  1 
ATOM   1557 C  CD1 . LEU A 1 213 ? 5.592   -7.943  -8.109  1.00 37.15 ? 218 LEU A CD1 1 
ATOM   1558 C  CD2 . LEU A 1 213 ? 6.385   -8.873  -10.235 1.00 40.58 ? 218 LEU A CD2 1 
ATOM   1559 N  N   . LEU A 1 214 ? 10.693  -5.978  -9.157  1.00 31.63 ? 219 LEU A N   1 
ATOM   1560 C  CA  . LEU A 1 214 ? 11.480  -4.799  -9.057  1.00 30.97 ? 219 LEU A CA  1 
ATOM   1561 C  C   . LEU A 1 214 ? 12.418  -4.741  -10.235 1.00 31.57 ? 219 LEU A C   1 
ATOM   1562 O  O   . LEU A 1 214 ? 12.669  -3.665  -10.756 1.00 31.20 ? 219 LEU A O   1 
ATOM   1563 C  CB  . LEU A 1 214 ? 12.291  -4.815  -7.768  1.00 32.93 ? 219 LEU A CB  1 
ATOM   1564 C  CG  . LEU A 1 214 ? 11.536  -4.790  -6.436  1.00 39.26 ? 219 LEU A CG  1 
ATOM   1565 C  CD1 . LEU A 1 214 ? 12.485  -5.035  -5.252  1.00 43.55 ? 219 LEU A CD1 1 
ATOM   1566 C  CD2 . LEU A 1 214 ? 10.808  -3.470  -6.214  1.00 39.96 ? 219 LEU A CD2 1 
ATOM   1567 N  N   . LEU A 1 215 ? 12.959  -5.884  -10.659 1.00 33.35 ? 220 LEU A N   1 
ATOM   1568 C  CA  . LEU A 1 215 ? 13.861  -5.890  -11.833 1.00 35.37 ? 220 LEU A CA  1 
ATOM   1569 C  C   . LEU A 1 215 ? 13.009  -5.683  -13.058 1.00 33.99 ? 220 LEU A C   1 
ATOM   1570 O  O   . LEU A 1 215 ? 13.393  -5.001  -13.988 1.00 39.00 ? 220 LEU A O   1 
ATOM   1571 C  CB  . LEU A 1 215 ? 14.660  -7.196  -11.975 1.00 34.79 ? 220 LEU A CB  1 
ATOM   1572 C  CG  . LEU A 1 215 ? 15.390  -7.719  -10.723 1.00 38.06 ? 220 LEU A CG  1 
ATOM   1573 C  CD1 . LEU A 1 215 ? 16.215  -8.970  -11.064 1.00 37.77 ? 220 LEU A CD1 1 
ATOM   1574 C  CD2 . LEU A 1 215 ? 16.228  -6.633  -10.080 1.00 37.94 ? 220 LEU A CD2 1 
ATOM   1575 N  N   . HIS A 1 216 ? 11.829  -6.268  -13.045 1.00 31.33 ? 221 HIS A N   1 
ATOM   1576 C  CA  . HIS A 1 216 ? 10.870  -6.001  -14.092 1.00 31.52 ? 221 HIS A CA  1 
ATOM   1577 C  C   . HIS A 1 216 ? 10.591  -4.511  -14.260 1.00 31.69 ? 221 HIS A C   1 
ATOM   1578 O  O   . HIS A 1 216 ? 10.630  -3.983  -15.395 1.00 31.74 ? 221 HIS A O   1 
ATOM   1579 C  CB  . HIS A 1 216 ? 9.588   -6.782  -13.813 1.00 32.01 ? 221 HIS A CB  1 
ATOM   1580 C  CG  . HIS A 1 216 ? 8.498   -6.511  -14.787 1.00 32.63 ? 221 HIS A CG  1 
ATOM   1581 N  ND1 . HIS A 1 216 ? 8.712   -6.444  -16.145 1.00 37.96 ? 221 HIS A ND1 1 
ATOM   1582 C  CD2 . HIS A 1 216 ? 7.180   -6.296  -14.605 1.00 36.12 ? 221 HIS A CD2 1 
ATOM   1583 C  CE1 . HIS A 1 216 ? 7.568   -6.185  -16.757 1.00 38.55 ? 221 HIS A CE1 1 
ATOM   1584 N  NE2 . HIS A 1 216 ? 6.622   -6.085  -15.843 1.00 38.72 ? 221 HIS A NE2 1 
ATOM   1585 N  N   . THR A 1 217 ? 10.299  -3.820  -13.147 1.00 30.49 ? 222 THR A N   1 
ATOM   1586 C  CA  . THR A 1 217 ? 10.042  -2.387  -13.214 1.00 29.06 ? 222 THR A CA  1 
ATOM   1587 C  C   . THR A 1 217 ? 11.289  -1.681  -13.734 1.00 29.19 ? 222 THR A C   1 
ATOM   1588 O  O   . THR A 1 217 ? 11.191  -0.742  -14.506 1.00 32.08 ? 222 THR A O   1 
ATOM   1589 C  CB  . THR A 1 217 ? 9.634   -1.764  -11.848 1.00 29.07 ? 222 THR A CB  1 
ATOM   1590 O  OG1 . THR A 1 217 ? 8.702   -2.598  -11.176 1.00 29.72 ? 222 THR A OG1 1 
ATOM   1591 C  CG2 . THR A 1 217 ? 8.969   -0.414  -12.061 1.00 28.70 ? 222 THR A CG2 1 
ATOM   1592 N  N   . LEU A 1 218 ? 12.467  -2.096  -13.279 1.00 32.15 ? 223 LEU A N   1 
ATOM   1593 C  CA  . LEU A 1 218 ? 13.695  -1.510  -13.784 1.00 34.61 ? 223 LEU A CA  1 
ATOM   1594 C  C   . LEU A 1 218 ? 13.728  -1.609  -15.283 1.00 35.51 ? 223 LEU A C   1 
ATOM   1595 O  O   . LEU A 1 218 ? 14.117  -0.637  -15.967 1.00 34.06 ? 223 LEU A O   1 
ATOM   1596 C  CB  . LEU A 1 218 ? 14.923  -2.211  -13.214 1.00 37.86 ? 223 LEU A CB  1 
ATOM   1597 C  CG  . LEU A 1 218 ? 15.308  -1.790  -11.790 1.00 38.25 ? 223 LEU A CG  1 
ATOM   1598 C  CD1 . LEU A 1 218 ? 16.577  -2.522  -11.347 1.00 37.47 ? 223 LEU A CD1 1 
ATOM   1599 C  CD2 . LEU A 1 218 ? 15.485  -0.274  -11.725 1.00 38.35 ? 223 LEU A CD2 1 
ATOM   1600 N  N   . ASP A 1 219 ? 13.317  -2.769  -15.796 1.00 31.75 ? 224 ASP A N   1 
ATOM   1601 C  CA  . ASP A 1 219 ? 13.353  -2.997  -17.230 1.00 35.62 ? 224 ASP A CA  1 
ATOM   1602 C  C   . ASP A 1 219 ? 12.360  -2.132  -17.996 1.00 35.56 ? 224 ASP A C   1 
ATOM   1603 O  O   . ASP A 1 219 ? 12.637  -1.707  -19.131 1.00 33.75 ? 224 ASP A O   1 
ATOM   1604 C  CB  . ASP A 1 219 ? 13.113  -4.465  -17.587 1.00 36.16 ? 224 ASP A CB  1 
ATOM   1605 C  CG  . ASP A 1 219 ? 13.219  -4.732  -19.112 1.00 39.10 ? 224 ASP A CG  1 
ATOM   1606 O  OD1 . ASP A 1 219 ? 14.343  -4.582  -19.670 1.00 36.75 ? 224 ASP A OD1 1 
ATOM   1607 O  OD2 . ASP A 1 219 ? 12.182  -5.100  -19.731 1.00 37.60 ? 224 ASP A OD2 1 
ATOM   1608 N  N   . LEU A 1 220 ? 11.194  -1.902  -17.411 1.00 37.52 ? 225 LEU A N   1 
ATOM   1609 C  CA  . LEU A 1 220 ? 10.170  -1.093  -18.087 1.00 38.62 ? 225 LEU A CA  1 
ATOM   1610 C  C   . LEU A 1 220 ? 10.603  0.358   -18.166 1.00 33.00 ? 225 LEU A C   1 
ATOM   1611 O  O   . LEU A 1 220 ? 10.011  1.104   -18.879 1.00 34.35 ? 225 LEU A O   1 
ATOM   1612 C  CB  . LEU A 1 220 ? 8.824   -1.166  -17.366 1.00 40.23 ? 225 LEU A CB  1 
ATOM   1613 C  CG  . LEU A 1 220 ? 7.997   -2.451  -17.410 1.00 46.04 ? 225 LEU A CG  1 
ATOM   1614 C  CD1 . LEU A 1 220 ? 6.804   -2.289  -16.485 1.00 46.85 ? 225 LEU A CD1 1 
ATOM   1615 C  CD2 . LEU A 1 220 ? 7.491   -2.779  -18.806 1.00 46.71 ? 225 LEU A CD2 1 
ATOM   1616 N  N   . LEU A 1 221 ? 11.595  0.751   -17.383 1.00 35.80 ? 226 LEU A N   1 
ATOM   1617 C  CA  . LEU A 1 221 ? 12.084  2.138   -17.327 1.00 35.94 ? 226 LEU A CA  1 
ATOM   1618 C  C   . LEU A 1 221 ? 13.214  2.426   -18.335 1.00 39.07 ? 226 LEU A C   1 
ATOM   1619 O  O   . LEU A 1 221 ? 13.680  3.568   -18.433 1.00 32.61 ? 226 LEU A O   1 
ATOM   1620 C  CB  . LEU A 1 221 ? 12.571  2.453   -15.907 1.00 35.71 ? 226 LEU A CB  1 
ATOM   1621 C  CG  . LEU A 1 221 ? 11.454  2.685   -14.865 1.00 37.34 ? 226 LEU A CG  1 
ATOM   1622 C  CD1 . LEU A 1 221 ? 11.842  2.303   -13.429 1.00 37.74 ? 226 LEU A CD1 1 
ATOM   1623 C  CD2 . LEU A 1 221 ? 11.051  4.143   -14.933 1.00 34.78 ? 226 LEU A CD2 1 
ATOM   1624 N  N   . LYS A 1 222 ? 13.646  1.402   -19.080 1.00 40.57 ? 227 LYS A N   1 
ATOM   1625 C  CA  . LYS A 1 222 ? 14.682  1.571   -20.114 1.00 45.21 ? 227 LYS A CA  1 
ATOM   1626 C  C   . LYS A 1 222 ? 14.175  1.973   -21.512 1.00 48.39 ? 227 LYS A C   1 
ATOM   1627 O  O   . LYS A 1 222 ? 15.012  2.438   -22.294 1.00 56.31 ? 227 LYS A O   1 
ATOM   1628 C  CB  . LYS A 1 222 ? 15.543  0.308   -20.223 1.00 46.34 ? 227 LYS A CB  1 
ATOM   1629 C  CG  . LYS A 1 222 ? 16.600  0.212   -19.142 1.00 49.66 ? 227 LYS A CG  1 
ATOM   1630 C  CD  . LYS A 1 222 ? 17.288  -1.131  -19.208 1.00 57.89 ? 227 LYS A CD  1 
ATOM   1631 C  CE  . LYS A 1 222 ? 18.025  -1.481  -17.919 1.00 64.03 ? 227 LYS A CE  1 
ATOM   1632 N  NZ  . LYS A 1 222 ? 18.845  -2.728  -18.092 1.00 66.84 ? 227 LYS A NZ  1 
ATOM   1633 O  OXT . LYS A 1 222 ? 13.002  1.879   -21.927 1.00 46.93 ? 227 LYS A OXT 1 
HETATM 1634 ZN ZN  . ZN  B 2 .   ? -0.555  6.206   -8.155  1.00 39.19 ? 301 ZN  A ZN  1 
HETATM 1635 ZN ZN  . ZN  C 2 .   ? -2.117  2.721   -7.969  1.00 51.49 ? 302 ZN  A ZN  1 
HETATM 1636 C  C12 . 3C7 D 3 .   ? -3.092  1.779   -12.771 1.00 80.55 ? 303 3C7 A C12 1 
HETATM 1637 O  O11 . 3C7 D 3 .   ? -0.607  4.228   -13.608 1.00 63.66 ? 303 3C7 A O11 1 
HETATM 1638 C  C09 . 3C7 D 3 .   ? -0.957  3.078   -13.262 1.00 69.64 ? 303 3C7 A C09 1 
HETATM 1639 O  O10 . 3C7 D 3 .   ? -0.391  2.017   -13.599 1.00 70.47 ? 303 3C7 A O10 1 
HETATM 1640 C  C08 . 3C7 D 3 .   ? -2.182  2.954   -12.326 1.00 73.68 ? 303 3C7 A C08 1 
HETATM 1641 N  N07 . 3C7 D 3 .   ? -2.968  4.230   -12.273 1.00 72.75 ? 303 3C7 A N07 1 
HETATM 1642 C  C03 . 3C7 D 3 .   ? -3.796  4.381   -11.037 1.00 66.42 ? 303 3C7 A C03 1 
HETATM 1643 C  C02 . 3C7 D 3 .   ? -3.340  5.522   -10.142 1.00 59.58 ? 303 3C7 A C02 1 
HETATM 1644 S  S01 . 3C7 D 3 .   ? -1.955  4.694   -9.305  1.00 53.03 ? 303 3C7 A S01 1 
HETATM 1645 S  S13 . 3C7 D 3 .   ? -4.269  2.591   -13.831 1.00 75.29 ? 303 3C7 A S13 1 
HETATM 1646 C  C06 . 3C7 D 3 .   ? -3.823  4.284   -13.509 1.00 75.19 ? 303 3C7 A C06 1 
HETATM 1647 C  C05 . 3C7 D 3 .   ? -4.928  5.379   -13.224 1.00 72.70 ? 303 3C7 A C05 1 
HETATM 1648 S  S04 . 3C7 D 3 .   ? -5.409  4.904   -11.578 1.00 66.32 ? 303 3C7 A S04 1 
HETATM 1649 K  K   . K   E 4 .   ? 10.477  -10.438 16.131  1.00 59.20 ? 304 K   A K   1 
HETATM 1650 O  O   . HOH F 5 .   ? 2.125   3.271   -3.505  1.00 22.28 ? 401 HOH A O   1 
HETATM 1651 O  O   . HOH F 5 .   ? 1.862   1.042   -10.711 1.00 35.98 ? 402 HOH A O   1 
HETATM 1652 O  O   . HOH F 5 .   ? 6.417   11.222  0.592   1.00 36.50 ? 403 HOH A O   1 
HETATM 1653 O  O   . HOH F 5 .   ? 3.178   -10.236 -10.940 1.00 33.09 ? 404 HOH A O   1 
HETATM 1654 O  O   . HOH F 5 .   ? -10.034 -4.178  18.112  1.00 22.79 ? 405 HOH A O   1 
HETATM 1655 O  O   . HOH F 5 .   ? 7.539   13.281  5.932   1.00 33.19 ? 406 HOH A O   1 
HETATM 1656 O  O   . HOH F 5 .   ? 16.057  1.074   -15.422 1.00 26.84 ? 407 HOH A O   1 
HETATM 1657 O  O   . HOH F 5 .   ? 1.798   8.606   -12.224 1.00 29.00 ? 408 HOH A O   1 
HETATM 1658 O  O   . HOH F 5 .   ? 4.657   2.954   -3.423  1.00 24.84 ? 409 HOH A O   1 
HETATM 1659 O  O   . HOH F 5 .   ? 13.720  -15.063 -1.173  1.00 40.79 ? 410 HOH A O   1 
HETATM 1660 O  O   . HOH F 5 .   ? -17.229 -2.885  10.426  1.00 32.07 ? 411 HOH A O   1 
HETATM 1661 O  O   . HOH F 5 .   ? 0.644   -2.337  -2.952  1.00 36.90 ? 412 HOH A O   1 
HETATM 1662 O  O   . HOH F 5 .   ? -12.629 10.109  0.866   1.00 33.20 ? 413 HOH A O   1 
HETATM 1663 O  O   . HOH F 5 .   ? -11.137 13.644  1.212   1.00 43.24 ? 414 HOH A O   1 
HETATM 1664 O  O   . HOH F 5 .   ? 12.584  -12.351 -4.048  1.00 37.19 ? 415 HOH A O   1 
HETATM 1665 O  O   . HOH F 5 .   ? -7.923  4.397   15.424  1.00 29.07 ? 416 HOH A O   1 
HETATM 1666 O  O   . HOH F 5 .   ? 16.241  -8.149  -2.619  1.00 41.72 ? 417 HOH A O   1 
HETATM 1667 O  O   . HOH F 5 .   ? 3.081   8.553   2.644   1.00 29.88 ? 418 HOH A O   1 
HETATM 1668 O  O   . HOH F 5 .   ? 8.423   6.333   5.436   1.00 33.56 ? 419 HOH A O   1 
HETATM 1669 O  O   . HOH F 5 .   ? -6.007  -0.048  -2.447  1.00 48.79 ? 420 HOH A O   1 
HETATM 1670 O  O   . HOH F 5 .   ? 6.984   -7.962  10.085  1.00 37.48 ? 421 HOH A O   1 
HETATM 1671 O  O   . HOH F 5 .   ? 16.360  -4.448  -17.924 1.00 48.47 ? 422 HOH A O   1 
# 
